data_7E6U
#
_entry.id   7E6U
#
_cell.length_a   1.00
_cell.length_b   1.00
_cell.length_c   1.00
_cell.angle_alpha   90.00
_cell.angle_beta   90.00
_cell.angle_gamma   90.00
#
_symmetry.space_group_name_H-M   'P 1'
#
loop_
_entity.id
_entity.type
_entity.pdbx_description
1 polymer 'Extracellular calcium-sensing receptor'
2 polymer NB-2D11
#
loop_
_entity_poly.entity_id
_entity_poly.type
_entity_poly.pdbx_seq_one_letter_code
_entity_poly.pdbx_strand_id
1 'polypeptide(L)'
;YGPDQRAQKKGDIILGGLFPIHFGVAAKDQDLKSRPESVECIRYNFRGFRWLQAMIFAIEEINSSPALLPNLTLGYRIFD
TCNTVSKALEATLSFVAQNKIDSLNLDEFCNCSEHIPSTIAVVGATGSGVSTAVANLLGLFYIPQVSYASSSRLLSNKNQ
FKSFLRTIPNDEHQATAMADIIEYFRWNWVGTIAADDDYGRPGIEKFREEAEERDICIDFSELISQYSDEEEIQHVVEVI
QNSTAKVIVVFSSGPDLEPLIKEIVRRNITGKIWLASEAWASSSLIAMPQYFHVVGGTIGFALKAGQIPGFREFLKKVHP
RKSVHNGFAKEFWEETFNCHLQEGAKGPLPVDTFLRGHEESGDRFSNSSTAFRPLCTGDENISSVETPYIDYTHLRISYN
VYLAVYSIAHALQDIYTCLPGRGLFTNGSCADIKKVEAWQVLKHLRHLNFTNNMGEQVTFDECGDLVGNYSIINWHLSPE
DGSIVFKEVGYYNVYAKKGERLFINEEKILWSGFSREVPFSNCSRDCLAGTRKGIIEGEPTCCFECVECPDGEYSDETDA
SACNKCPDDFWSNENHTSCIAKEIEFLSWTEPFGIALTLFAVLGIFLTAFVLGVFIKFRNTPIVKATNRELSYLLLFSLL
CCFSSSLFFIGEPQDWTCRLRQPAFGISFVLCISCILVKTNRVLLVFEAKIPTSFHRKWWGLNLQFLLVFLCTFMQIVIC
VIWLYTAPPSSYRNQELEDEIIFITCHEGSLMALGFLIGYTCLLAAICFFFAFKSRKLPENFNEAKFITFSMLIFFIVWI
SFIPAYASTYGKFVSAVEVIAILAASFGLLACIFFNKIYIILFKPSRNTIEAAADYKDDDDK
;
A,C
2 'polypeptide(L)'
;QVQLQESGGGSVQAGGSLRLSCAASGFPISTYDMGWFRQAPGKEREGVVGITDSFSIKYEDSVKGRFTISRDNAKNALYL
QMNSLKPEDTGMYYCAAGDARWSLLLRAEQYNYWGQGTQVTVSSAAAYPYDVPDYGSHHHHHH
;
D,B
#
# COMPACT_ATOMS: atom_id res chain seq x y z
N ASP A 4 4.82 -32.88 -47.70
CA ASP A 4 5.36 -33.13 -49.03
C ASP A 4 4.40 -33.98 -49.88
N GLN A 5 3.23 -34.26 -49.32
CA GLN A 5 2.18 -34.96 -50.05
C GLN A 5 1.40 -33.99 -50.93
N ARG A 6 0.91 -34.49 -52.06
CA ARG A 6 0.22 -33.64 -53.04
C ARG A 6 -0.91 -34.46 -53.64
N ALA A 7 -2.14 -34.14 -53.24
CA ALA A 7 -3.30 -34.95 -53.59
C ALA A 7 -4.33 -34.10 -54.34
N GLN A 8 -4.16 -33.99 -55.66
CA GLN A 8 -5.18 -33.39 -56.51
C GLN A 8 -6.34 -34.36 -56.64
N LYS A 9 -7.55 -33.82 -56.68
CA LYS A 9 -8.73 -34.65 -56.53
C LYS A 9 -9.86 -34.06 -57.37
N LYS A 10 -11.05 -34.63 -57.20
CA LYS A 10 -12.19 -34.28 -58.03
C LYS A 10 -12.57 -32.81 -57.85
N GLY A 11 -12.30 -32.00 -58.86
CA GLY A 11 -12.54 -30.57 -58.80
C GLY A 11 -11.25 -29.79 -58.59
N ASP A 12 -11.23 -28.56 -59.08
CA ASP A 12 -10.05 -27.71 -58.92
C ASP A 12 -9.76 -27.44 -57.45
N ILE A 13 -10.81 -27.36 -56.63
CA ILE A 13 -10.57 -27.24 -55.18
C ILE A 13 -9.79 -28.51 -54.83
N ILE A 14 -8.53 -28.38 -54.42
CA ILE A 14 -7.68 -29.52 -54.10
C ILE A 14 -7.27 -29.39 -52.65
N LEU A 15 -7.77 -30.31 -51.81
CA LEU A 15 -7.58 -30.23 -50.35
C LEU A 15 -6.30 -30.99 -49.98
N GLY A 16 -5.17 -30.38 -50.34
CA GLY A 16 -3.89 -31.04 -50.18
C GLY A 16 -2.91 -30.32 -49.28
N GLY A 17 -1.62 -30.55 -49.51
CA GLY A 17 -0.56 -29.97 -48.71
C GLY A 17 -0.10 -30.90 -47.60
N LEU A 18 1.08 -30.60 -47.07
CA LEU A 18 1.63 -31.39 -45.98
C LEU A 18 0.79 -31.18 -44.72
N PHE A 19 0.56 -32.26 -43.99
CA PHE A 19 -0.25 -32.22 -42.79
C PHE A 19 0.62 -31.87 -41.60
N PRO A 20 0.38 -30.73 -40.94
CA PRO A 20 1.24 -30.34 -39.80
C PRO A 20 1.20 -31.31 -38.63
N ILE A 21 0.19 -32.18 -38.55
CA ILE A 21 0.12 -33.12 -37.44
C ILE A 21 1.31 -34.06 -37.43
N HIS A 22 1.92 -34.30 -38.60
CA HIS A 22 3.13 -35.11 -38.69
C HIS A 22 4.35 -34.19 -38.61
N PHE A 23 5.27 -34.52 -37.70
CA PHE A 23 6.45 -33.69 -37.47
C PHE A 23 7.72 -34.25 -38.11
N GLY A 24 7.69 -35.47 -38.65
CA GLY A 24 8.84 -36.04 -39.30
C GLY A 24 8.48 -37.30 -40.02
N VAL A 25 9.33 -37.69 -40.98
CA VAL A 25 9.11 -38.93 -41.71
C VAL A 25 9.19 -40.13 -40.76
N ALA A 26 10.24 -40.17 -39.95
CA ALA A 26 10.38 -41.24 -38.96
C ALA A 26 9.29 -41.16 -37.90
N ALA A 27 9.01 -39.94 -37.44
CA ALA A 27 7.92 -39.77 -36.45
C ALA A 27 6.68 -40.46 -37.00
N LYS A 28 6.16 -39.98 -38.13
CA LYS A 28 4.91 -40.50 -38.66
C LYS A 28 5.01 -41.96 -39.07
N ASP A 29 6.21 -42.45 -39.40
CA ASP A 29 6.35 -43.84 -39.81
C ASP A 29 6.26 -44.80 -38.64
N GLN A 30 6.94 -44.49 -37.53
CA GLN A 30 6.93 -45.34 -36.35
C GLN A 30 6.02 -44.83 -35.24
N ASP A 31 5.14 -43.87 -35.53
CA ASP A 31 4.13 -43.43 -34.56
C ASP A 31 2.73 -43.91 -34.90
N LEU A 32 2.34 -43.81 -36.16
CA LEU A 32 0.97 -44.14 -36.57
C LEU A 32 0.89 -45.17 -37.69
N LYS A 33 1.78 -45.11 -38.66
CA LYS A 33 1.68 -45.97 -39.85
C LYS A 33 2.30 -47.34 -39.66
N SER A 34 3.03 -47.57 -38.57
CA SER A 34 3.72 -48.86 -38.38
C SER A 34 2.77 -49.99 -38.02
N ARG A 35 1.51 -49.71 -37.73
CA ARG A 35 0.55 -50.76 -37.40
C ARG A 35 -0.64 -50.73 -38.34
N PHE A 46 -4.54 -41.98 -38.48
CA PHE A 46 -3.37 -42.77 -38.83
C PHE A 46 -3.47 -43.32 -40.24
N ARG A 47 -2.31 -43.52 -40.88
CA ARG A 47 -2.14 -44.12 -42.21
C ARG A 47 -3.01 -43.47 -43.28
N GLY A 48 -3.56 -42.28 -43.01
CA GLY A 48 -4.20 -41.47 -44.03
C GLY A 48 -5.36 -42.09 -44.79
N PHE A 49 -6.30 -42.73 -44.09
CA PHE A 49 -7.47 -43.29 -44.74
C PHE A 49 -8.68 -42.36 -44.72
N ARG A 50 -8.64 -41.29 -43.93
CA ARG A 50 -9.79 -40.39 -43.82
C ARG A 50 -10.08 -39.70 -45.15
N TRP A 51 -9.04 -39.27 -45.85
CA TRP A 51 -9.24 -38.59 -47.12
C TRP A 51 -9.85 -39.51 -48.16
N LEU A 52 -9.59 -40.81 -48.08
CA LEU A 52 -10.26 -41.76 -48.96
C LEU A 52 -11.77 -41.75 -48.72
N GLN A 53 -12.19 -41.75 -47.46
CA GLN A 53 -13.61 -41.66 -47.15
C GLN A 53 -14.20 -40.33 -47.60
N ALA A 54 -13.44 -39.23 -47.43
CA ALA A 54 -13.91 -37.94 -47.90
C ALA A 54 -14.13 -37.95 -49.41
N MET A 55 -13.20 -38.59 -50.14
CA MET A 55 -13.34 -38.65 -51.59
C MET A 55 -14.47 -39.57 -52.01
N ILE A 56 -14.74 -40.64 -51.24
CA ILE A 56 -15.94 -41.43 -51.45
C ILE A 56 -17.16 -40.53 -51.37
N PHE A 57 -17.37 -39.93 -50.19
CA PHE A 57 -18.52 -39.04 -50.00
C PHE A 57 -18.62 -38.03 -51.14
N ALA A 58 -17.48 -37.47 -51.55
CA ALA A 58 -17.48 -36.50 -52.64
C ALA A 58 -17.98 -37.13 -53.94
N ILE A 59 -17.51 -38.33 -54.28
CA ILE A 59 -17.84 -38.88 -55.59
C ILE A 59 -19.28 -39.36 -55.41
N GLU A 60 -19.68 -39.82 -54.21
CA GLU A 60 -21.08 -40.32 -54.09
C GLU A 60 -22.08 -39.15 -54.16
N GLU A 61 -21.73 -37.97 -53.64
CA GLU A 61 -22.60 -36.76 -53.62
C GLU A 61 -22.53 -35.97 -54.95
N ILE A 62 -21.45 -36.04 -55.73
CA ILE A 62 -21.46 -35.34 -57.02
C ILE A 62 -22.20 -36.15 -58.08
N ASN A 63 -22.21 -37.47 -57.96
CA ASN A 63 -23.15 -38.26 -58.75
C ASN A 63 -24.60 -37.92 -58.39
N SER A 64 -24.87 -37.71 -57.10
CA SER A 64 -26.21 -37.27 -56.72
C SER A 64 -26.52 -35.89 -57.29
N SER A 65 -25.53 -34.98 -57.25
CA SER A 65 -25.70 -33.63 -57.75
C SER A 65 -25.65 -33.60 -59.28
N PRO A 66 -26.35 -32.65 -59.91
CA PRO A 66 -26.24 -32.51 -61.37
C PRO A 66 -25.00 -31.75 -61.79
N ALA A 67 -23.87 -32.47 -61.91
CA ALA A 67 -22.60 -31.89 -62.33
C ALA A 67 -22.17 -30.75 -61.41
N LEU A 68 -21.88 -31.11 -60.15
CA LEU A 68 -21.51 -30.13 -59.15
C LEU A 68 -20.28 -29.35 -59.57
N LEU A 69 -19.17 -30.05 -59.87
CA LEU A 69 -17.88 -29.38 -60.24
C LEU A 69 -17.09 -30.23 -61.26
N PRO A 70 -17.59 -30.61 -62.48
CA PRO A 70 -16.88 -31.56 -63.36
C PRO A 70 -15.81 -30.88 -64.21
N ASN A 71 -14.83 -30.28 -63.52
CA ASN A 71 -13.82 -29.44 -64.17
C ASN A 71 -12.46 -30.14 -64.27
N LEU A 72 -11.91 -30.59 -63.14
CA LEU A 72 -10.57 -31.17 -63.06
C LEU A 72 -10.62 -32.64 -62.65
N THR A 73 -9.46 -33.31 -62.78
CA THR A 73 -9.32 -34.74 -62.65
C THR A 73 -8.69 -35.12 -61.30
N LEU A 74 -8.39 -36.42 -61.15
CA LEU A 74 -7.87 -36.98 -59.91
C LEU A 74 -6.42 -37.43 -60.08
N GLY A 75 -5.61 -37.20 -59.06
CA GLY A 75 -4.21 -37.59 -59.10
C GLY A 75 -3.46 -37.42 -57.79
N TYR A 76 -2.79 -38.51 -57.37
CA TYR A 76 -2.07 -38.50 -56.07
C TYR A 76 -0.57 -38.70 -56.27
N ARG A 77 0.25 -37.73 -55.89
CA ARG A 77 1.70 -37.86 -55.93
C ARG A 77 2.27 -37.34 -54.61
N ILE A 78 3.07 -38.18 -53.94
CA ILE A 78 3.63 -37.87 -52.64
C ILE A 78 5.12 -38.18 -52.73
N PHE A 79 5.90 -37.60 -51.83
CA PHE A 79 7.35 -37.82 -51.79
C PHE A 79 7.85 -37.99 -50.37
N ASP A 80 7.13 -38.75 -49.55
CA ASP A 80 7.58 -39.00 -48.18
C ASP A 80 7.99 -40.46 -47.96
N SER A 86 13.10 -27.77 -39.44
CA SER A 86 11.74 -28.29 -39.26
C SER A 86 11.10 -28.62 -40.60
N LYS A 87 9.84 -29.06 -40.56
CA LYS A 87 9.09 -29.39 -41.76
C LYS A 87 8.48 -28.17 -42.43
N ALA A 88 8.86 -26.96 -42.01
CA ALA A 88 8.22 -25.75 -42.50
C ALA A 88 8.43 -25.58 -44.01
N LEU A 89 9.63 -25.87 -44.50
CA LEU A 89 9.94 -25.60 -45.91
C LEU A 89 9.04 -26.43 -46.82
N GLU A 90 8.94 -27.73 -46.57
CA GLU A 90 8.11 -28.58 -47.43
C GLU A 90 6.62 -28.41 -47.13
N ALA A 91 6.28 -28.04 -45.89
CA ALA A 91 4.88 -27.76 -45.58
C ALA A 91 4.38 -26.57 -46.38
N THR A 92 5.19 -25.52 -46.49
CA THR A 92 4.83 -24.38 -47.31
C THR A 92 4.99 -24.68 -48.80
N LEU A 93 5.94 -25.53 -49.17
CA LEU A 93 6.13 -25.86 -50.58
C LEU A 93 4.95 -26.65 -51.12
N SER A 94 4.41 -27.58 -50.34
CA SER A 94 3.19 -28.27 -50.74
C SER A 94 2.00 -27.31 -50.72
N PHE A 95 2.06 -26.29 -49.87
CA PHE A 95 1.05 -25.23 -49.87
C PHE A 95 1.11 -24.40 -51.14
N VAL A 96 2.22 -24.44 -51.88
CA VAL A 96 2.36 -23.63 -53.07
C VAL A 96 1.50 -24.19 -54.19
N ALA A 97 0.53 -23.40 -54.64
CA ALA A 97 -0.26 -23.73 -55.81
C ALA A 97 0.51 -23.35 -57.08
N GLN A 98 -0.19 -23.35 -58.21
CA GLN A 98 0.46 -22.97 -59.46
C GLN A 98 0.06 -21.59 -59.96
N ASN A 99 -1.10 -21.07 -59.53
CA ASN A 99 -1.48 -19.72 -59.96
C ASN A 99 -0.56 -18.66 -59.35
N LYS A 100 0.11 -18.98 -58.24
CA LYS A 100 0.97 -17.99 -57.61
C LYS A 100 2.29 -17.83 -58.38
N ILE A 101 2.74 -18.89 -59.05
CA ILE A 101 4.05 -18.87 -59.72
C ILE A 101 3.93 -18.82 -61.23
N ASP A 102 2.82 -18.28 -61.75
CA ASP A 102 2.68 -18.09 -63.19
C ASP A 102 1.99 -16.79 -63.58
N SER A 103 1.78 -15.85 -62.66
CA SER A 103 1.05 -14.62 -62.95
C SER A 103 1.75 -13.82 -64.04
N LEU A 104 2.95 -13.31 -63.76
CA LEU A 104 3.77 -12.76 -64.83
C LEU A 104 4.89 -13.73 -65.16
N ASN A 105 5.80 -13.95 -64.21
CA ASN A 105 6.75 -15.06 -64.19
C ASN A 105 7.30 -15.40 -65.57
N LEU A 106 7.84 -14.41 -66.27
CA LEU A 106 8.25 -14.58 -67.65
C LEU A 106 9.67 -15.15 -67.73
N ASP A 107 9.82 -16.38 -67.26
CA ASP A 107 11.05 -17.11 -67.48
C ASP A 107 11.07 -17.64 -68.91
N GLU A 108 12.14 -17.34 -69.65
CA GLU A 108 12.20 -17.68 -71.07
C GLU A 108 12.17 -19.19 -71.30
N PHE A 109 12.56 -19.98 -70.30
CA PHE A 109 12.54 -21.43 -70.39
C PHE A 109 11.31 -22.07 -69.76
N CYS A 110 10.53 -21.32 -68.98
CA CYS A 110 9.31 -21.84 -68.36
C CYS A 110 8.14 -21.61 -69.30
N ASN A 111 7.69 -22.68 -69.94
CA ASN A 111 6.51 -22.62 -70.82
C ASN A 111 5.25 -22.95 -70.03
N CYS A 112 4.99 -22.14 -69.01
CA CYS A 112 3.92 -22.42 -68.07
C CYS A 112 2.55 -22.17 -68.70
N SER A 113 1.53 -22.77 -68.10
CA SER A 113 0.14 -22.59 -68.52
C SER A 113 -0.73 -22.36 -67.28
N GLU A 114 -1.91 -21.81 -67.52
CA GLU A 114 -2.80 -21.40 -66.43
C GLU A 114 -3.43 -22.62 -65.75
N HIS A 115 -3.33 -22.66 -64.43
CA HIS A 115 -3.92 -23.72 -63.63
C HIS A 115 -4.06 -23.23 -62.19
N ILE A 116 -5.21 -23.49 -61.58
CA ILE A 116 -5.49 -22.98 -60.24
C ILE A 116 -5.92 -24.10 -59.30
N PRO A 117 -5.02 -24.60 -58.43
CA PRO A 117 -5.48 -25.38 -57.27
C PRO A 117 -5.61 -24.49 -56.04
N SER A 118 -6.25 -24.99 -54.99
CA SER A 118 -6.43 -24.22 -53.76
C SER A 118 -6.64 -25.19 -52.61
N THR A 119 -5.76 -25.12 -51.62
CA THR A 119 -5.79 -26.02 -50.46
C THR A 119 -6.35 -25.28 -49.25
N ILE A 120 -7.21 -25.96 -48.49
CA ILE A 120 -7.89 -25.38 -47.36
C ILE A 120 -7.64 -26.16 -46.07
N ALA A 121 -7.73 -27.48 -46.13
CA ALA A 121 -7.71 -28.31 -44.92
C ALA A 121 -6.37 -28.19 -44.21
N VAL A 122 -6.46 -28.01 -42.89
CA VAL A 122 -5.28 -27.99 -42.01
C VAL A 122 -5.59 -28.86 -40.80
N VAL A 123 -4.73 -29.83 -40.53
CA VAL A 123 -4.88 -30.72 -39.39
C VAL A 123 -3.64 -30.58 -38.51
N GLY A 124 -3.85 -30.60 -37.20
CA GLY A 124 -2.76 -30.33 -36.27
C GLY A 124 -2.20 -28.93 -36.39
N ALA A 125 -3.08 -27.93 -36.48
CA ALA A 125 -2.62 -26.55 -36.63
C ALA A 125 -1.87 -26.07 -35.40
N THR A 126 -2.23 -26.58 -34.23
CA THR A 126 -1.55 -26.19 -33.00
C THR A 126 -0.09 -26.62 -33.00
N GLY A 127 0.21 -27.75 -33.67
CA GLY A 127 1.58 -28.23 -33.69
C GLY A 127 2.52 -27.31 -34.45
N SER A 128 2.09 -26.82 -35.60
CA SER A 128 2.93 -25.97 -36.46
C SER A 128 2.09 -24.82 -36.96
N GLY A 129 2.49 -23.60 -36.63
CA GLY A 129 1.80 -22.40 -37.03
C GLY A 129 2.40 -21.64 -38.20
N VAL A 130 3.49 -22.14 -38.79
CA VAL A 130 4.13 -21.43 -39.88
C VAL A 130 3.23 -21.43 -41.12
N SER A 131 2.55 -22.55 -41.38
CA SER A 131 1.61 -22.62 -42.49
C SER A 131 0.45 -21.65 -42.28
N THR A 132 0.00 -21.50 -41.04
CA THR A 132 -1.04 -20.52 -40.73
C THR A 132 -0.56 -19.10 -41.05
N ALA A 133 0.68 -18.78 -40.71
CA ALA A 133 1.22 -17.47 -41.04
C ALA A 133 1.34 -17.28 -42.56
N VAL A 134 1.74 -18.33 -43.27
CA VAL A 134 1.83 -18.24 -44.72
C VAL A 134 0.47 -17.97 -45.34
N ALA A 135 -0.55 -18.70 -44.87
CA ALA A 135 -1.91 -18.48 -45.37
C ALA A 135 -2.45 -17.12 -44.96
N ASN A 136 -1.98 -16.57 -43.83
CA ASN A 136 -2.38 -15.24 -43.43
C ASN A 136 -1.80 -14.19 -44.37
N LEU A 137 -0.51 -14.30 -44.67
CA LEU A 137 0.13 -13.35 -45.57
C LEU A 137 -0.39 -13.46 -47.00
N LEU A 138 -0.65 -14.68 -47.48
CA LEU A 138 -1.10 -14.85 -48.85
C LEU A 138 -2.55 -14.41 -49.02
N GLY A 139 -3.34 -14.47 -47.94
CA GLY A 139 -4.76 -14.23 -48.01
C GLY A 139 -5.61 -15.47 -48.11
N LEU A 140 -5.03 -16.64 -47.90
CA LEU A 140 -5.73 -17.92 -47.97
C LEU A 140 -5.79 -18.60 -46.61
N PHE A 141 -6.06 -17.82 -45.57
CA PHE A 141 -6.09 -18.36 -44.22
C PHE A 141 -7.29 -19.28 -44.03
N TYR A 142 -7.03 -20.49 -43.54
CA TYR A 142 -8.08 -21.48 -43.31
C TYR A 142 -7.72 -22.28 -42.06
N ILE A 143 -8.34 -21.93 -40.94
CA ILE A 143 -8.11 -22.61 -39.67
C ILE A 143 -8.69 -24.03 -39.68
N PRO A 144 -9.79 -24.32 -40.41
CA PRO A 144 -10.18 -25.74 -40.29
C PRO A 144 -9.42 -26.64 -41.27
N ARG A 166 -7.58 -25.19 -35.76
CA ARG A 166 -7.84 -26.60 -35.54
C ARG A 166 -9.33 -26.88 -35.48
N THR A 167 -9.79 -27.83 -36.31
CA THR A 167 -11.21 -28.20 -36.32
C THR A 167 -11.65 -28.83 -35.00
N ILE A 168 -10.73 -29.36 -34.22
CA ILE A 168 -11.06 -29.88 -32.88
C ILE A 168 -11.40 -28.69 -31.98
N PRO A 169 -12.48 -28.76 -31.22
CA PRO A 169 -12.78 -27.68 -30.27
C PRO A 169 -11.65 -27.51 -29.26
N ASN A 170 -11.32 -26.25 -28.99
CA ASN A 170 -10.17 -25.95 -28.14
C ASN A 170 -10.54 -26.13 -26.66
N ASP A 171 -9.49 -26.22 -25.83
CA ASP A 171 -9.67 -26.41 -24.40
C ASP A 171 -10.04 -25.13 -23.67
N GLU A 172 -9.98 -23.98 -24.35
CA GLU A 172 -10.39 -22.72 -23.74
C GLU A 172 -11.88 -22.75 -23.40
N HIS A 173 -12.69 -23.34 -24.28
CA HIS A 173 -14.11 -23.50 -23.99
C HIS A 173 -14.31 -24.41 -22.78
N GLN A 174 -13.48 -25.45 -22.64
CA GLN A 174 -13.58 -26.33 -21.48
C GLN A 174 -13.19 -25.60 -20.20
N ALA A 175 -12.19 -24.72 -20.26
CA ALA A 175 -11.86 -23.90 -19.10
C ALA A 175 -13.00 -22.96 -18.74
N THR A 176 -13.64 -22.37 -19.76
CA THR A 176 -14.82 -21.55 -19.52
C THR A 176 -15.92 -22.37 -18.87
N ALA A 177 -16.11 -23.61 -19.31
CA ALA A 177 -17.14 -24.48 -18.74
C ALA A 177 -16.83 -24.81 -17.28
N MET A 178 -15.56 -25.10 -16.99
CA MET A 178 -15.19 -25.43 -15.59
C MET A 178 -15.39 -24.19 -14.71
N ALA A 179 -15.11 -22.98 -15.22
CA ALA A 179 -15.43 -21.77 -14.47
C ALA A 179 -16.93 -21.64 -14.25
N ASP A 180 -17.71 -21.91 -15.30
CA ASP A 180 -19.17 -21.80 -15.24
C ASP A 180 -19.75 -22.79 -14.23
N ILE A 181 -19.04 -23.89 -13.98
CA ILE A 181 -19.48 -24.75 -12.89
C ILE A 181 -18.84 -24.32 -11.57
N ILE A 182 -17.82 -23.46 -11.61
CA ILE A 182 -17.30 -22.89 -10.36
C ILE A 182 -18.33 -21.97 -9.71
N GLU A 183 -18.94 -21.05 -10.45
CA GLU A 183 -19.69 -19.99 -9.76
C GLU A 183 -20.85 -20.57 -8.93
N TYR A 184 -21.69 -21.41 -9.53
CA TYR A 184 -22.91 -21.79 -8.83
C TYR A 184 -22.68 -22.86 -7.76
N PHE A 185 -21.50 -23.46 -7.69
CA PHE A 185 -21.15 -24.27 -6.52
C PHE A 185 -21.00 -23.43 -5.26
N ARG A 186 -20.80 -22.12 -5.41
CA ARG A 186 -20.65 -21.18 -4.28
C ARG A 186 -19.53 -21.64 -3.35
N TRP A 187 -18.33 -21.84 -3.92
CA TRP A 187 -17.15 -22.22 -3.17
C TRP A 187 -15.95 -21.46 -3.69
N ASN A 188 -15.07 -21.06 -2.78
CA ASN A 188 -14.04 -20.07 -3.06
C ASN A 188 -12.80 -20.60 -3.78
N TRP A 189 -12.05 -21.53 -3.21
CA TRP A 189 -10.81 -22.00 -3.80
C TRP A 189 -10.96 -23.43 -4.33
N VAL A 190 -9.96 -23.87 -5.09
CA VAL A 190 -9.94 -25.20 -5.70
C VAL A 190 -8.50 -25.52 -6.09
N GLY A 191 -8.14 -26.81 -6.04
CA GLY A 191 -6.81 -27.24 -6.40
C GLY A 191 -6.68 -27.61 -7.86
N THR A 192 -5.44 -27.72 -8.33
CA THR A 192 -5.17 -28.00 -9.73
C THR A 192 -4.11 -29.07 -9.89
N ILE A 193 -4.33 -29.99 -10.83
CA ILE A 193 -3.35 -30.99 -11.21
C ILE A 193 -3.24 -30.98 -12.73
N ALA A 194 -2.01 -30.98 -13.23
CA ALA A 194 -1.75 -30.93 -14.66
C ALA A 194 -0.75 -32.02 -15.04
N ALA A 195 -0.51 -32.15 -16.34
CA ALA A 195 0.39 -33.16 -16.87
C ALA A 195 1.30 -32.50 -17.89
N ASP A 196 2.05 -33.34 -18.63
CA ASP A 196 2.96 -32.85 -19.66
C ASP A 196 2.26 -32.55 -20.97
N ASP A 197 0.94 -32.75 -21.04
CA ASP A 197 0.20 -32.51 -22.27
C ASP A 197 0.31 -31.05 -22.70
N ASP A 198 0.58 -30.84 -23.98
CA ASP A 198 0.66 -29.49 -24.52
C ASP A 198 -0.68 -28.76 -24.43
N TYR A 199 -1.77 -29.47 -24.71
CA TYR A 199 -3.09 -28.85 -24.66
C TYR A 199 -3.54 -28.57 -23.23
N GLY A 200 -2.96 -29.25 -22.24
CA GLY A 200 -3.33 -29.04 -20.85
C GLY A 200 -2.78 -27.78 -20.23
N ARG A 201 -1.77 -27.17 -20.82
CA ARG A 201 -1.17 -25.94 -20.30
C ARG A 201 -2.12 -24.75 -20.46
N PRO A 202 -2.57 -24.41 -21.68
CA PRO A 202 -3.36 -23.17 -21.84
C PRO A 202 -4.53 -23.08 -20.87
N GLY A 203 -5.13 -24.22 -20.52
CA GLY A 203 -6.14 -24.21 -19.47
C GLY A 203 -5.61 -23.73 -18.14
N ILE A 204 -4.43 -24.22 -17.72
CA ILE A 204 -3.92 -23.85 -16.41
C ILE A 204 -3.49 -22.38 -16.40
N GLU A 205 -2.84 -21.91 -17.46
CA GLU A 205 -2.52 -20.48 -17.48
C GLU A 205 -3.80 -19.63 -17.50
N LYS A 206 -4.80 -20.01 -18.30
CA LYS A 206 -6.03 -19.22 -18.35
C LYS A 206 -6.71 -19.17 -16.99
N PHE A 207 -6.76 -20.30 -16.28
CA PHE A 207 -7.26 -20.30 -14.90
C PHE A 207 -6.43 -19.35 -14.04
N ARG A 208 -5.12 -19.30 -14.28
CA ARG A 208 -4.24 -18.41 -13.51
C ARG A 208 -4.62 -16.94 -13.72
N GLU A 209 -4.90 -16.53 -14.96
CA GLU A 209 -5.26 -15.12 -15.08
C GLU A 209 -6.74 -14.84 -14.84
N GLU A 210 -7.61 -15.84 -14.77
CA GLU A 210 -9.00 -15.51 -14.47
C GLU A 210 -9.35 -15.67 -13.00
N ALA A 211 -8.51 -16.34 -12.20
CA ALA A 211 -8.87 -16.62 -10.82
C ALA A 211 -8.96 -15.35 -9.98
N GLU A 212 -8.11 -14.35 -10.28
CA GLU A 212 -7.92 -13.25 -9.33
C GLU A 212 -9.13 -12.32 -9.27
N GLU A 213 -9.77 -12.05 -10.40
CA GLU A 213 -10.77 -10.98 -10.43
C GLU A 213 -12.08 -11.36 -9.75
N ARG A 214 -12.22 -12.68 -9.52
CA ARG A 214 -13.40 -13.29 -8.85
C ARG A 214 -12.88 -14.21 -7.75
N ASP A 215 -11.86 -13.82 -6.97
CA ASP A 215 -11.36 -14.48 -5.75
C ASP A 215 -11.48 -16.00 -5.79
N ILE A 216 -10.72 -16.60 -6.71
CA ILE A 216 -10.46 -18.03 -6.71
C ILE A 216 -8.99 -18.25 -6.34
N CYS A 217 -8.79 -18.99 -5.25
CA CYS A 217 -7.42 -19.21 -4.73
C CYS A 217 -6.87 -20.56 -5.23
N ILE A 218 -5.57 -20.60 -5.52
CA ILE A 218 -4.89 -21.80 -5.97
C ILE A 218 -3.87 -22.21 -4.92
N ASP A 219 -3.93 -23.46 -4.48
CA ASP A 219 -3.00 -23.98 -3.48
C ASP A 219 -1.87 -24.80 -4.09
N PHE A 220 -2.08 -25.40 -5.26
CA PHE A 220 -1.08 -26.25 -5.87
C PHE A 220 -1.45 -26.49 -7.34
N SER A 221 -0.42 -26.59 -8.18
CA SER A 221 -0.59 -26.94 -9.60
C SER A 221 0.71 -27.58 -10.06
N GLU A 222 0.72 -28.91 -10.10
CA GLU A 222 1.92 -29.68 -10.37
C GLU A 222 1.70 -30.61 -11.56
N LEU A 223 2.81 -30.97 -12.20
CA LEU A 223 2.81 -31.73 -13.44
C LEU A 223 3.05 -33.21 -13.15
N ILE A 224 2.36 -34.07 -13.91
CA ILE A 224 2.59 -35.50 -13.88
C ILE A 224 3.08 -35.92 -15.26
N SER A 225 4.20 -36.64 -15.30
CA SER A 225 4.77 -37.12 -16.54
C SER A 225 4.27 -38.54 -16.84
N GLN A 226 4.82 -39.15 -17.89
CA GLN A 226 4.48 -40.53 -18.21
C GLN A 226 4.89 -41.47 -17.07
N TYR A 227 6.10 -41.26 -16.54
CA TYR A 227 6.58 -41.99 -15.37
C TYR A 227 7.00 -40.98 -14.30
N SER A 228 6.53 -41.21 -13.08
CA SER A 228 6.83 -40.31 -11.96
C SER A 228 7.41 -41.13 -10.82
N ASP A 229 8.26 -40.48 -10.02
CA ASP A 229 8.93 -41.16 -8.92
C ASP A 229 7.94 -41.47 -7.80
N GLU A 230 8.28 -42.48 -7.00
CA GLU A 230 7.36 -42.96 -5.97
C GLU A 230 7.38 -42.04 -4.75
N GLU A 231 8.55 -41.85 -4.14
CA GLU A 231 8.62 -41.03 -2.93
C GLU A 231 8.27 -39.58 -3.23
N GLU A 232 8.52 -39.13 -4.45
CA GLU A 232 8.14 -37.76 -4.81
C GLU A 232 6.63 -37.61 -4.85
N ILE A 233 5.93 -38.57 -5.48
CA ILE A 233 4.47 -38.53 -5.51
C ILE A 233 3.91 -38.62 -4.09
N GLN A 234 4.50 -39.46 -3.25
CA GLN A 234 4.08 -39.48 -1.86
C GLN A 234 4.28 -38.11 -1.21
N HIS A 235 5.36 -37.41 -1.57
CA HIS A 235 5.61 -36.09 -0.98
C HIS A 235 4.55 -35.08 -1.42
N VAL A 236 4.20 -35.06 -2.71
CA VAL A 236 3.21 -34.10 -3.16
C VAL A 236 1.85 -34.43 -2.58
N VAL A 237 1.51 -35.71 -2.48
CA VAL A 237 0.20 -36.02 -1.90
C VAL A 237 0.19 -35.68 -0.41
N GLU A 238 1.32 -35.84 0.27
CA GLU A 238 1.41 -35.45 1.67
C GLU A 238 1.17 -33.94 1.84
N VAL A 239 1.80 -33.13 0.98
CA VAL A 239 1.52 -31.70 1.07
C VAL A 239 0.11 -31.39 0.60
N ILE A 240 -0.53 -32.31 -0.15
CA ILE A 240 -1.95 -32.16 -0.46
C ILE A 240 -2.80 -32.28 0.79
N GLN A 241 -2.57 -33.32 1.61
CA GLN A 241 -3.32 -33.37 2.87
C GLN A 241 -2.93 -32.19 3.77
N ASN A 242 -1.69 -31.72 3.68
CA ASN A 242 -1.29 -30.55 4.45
C ASN A 242 -2.09 -29.31 4.05
N SER A 243 -2.32 -29.13 2.75
CA SER A 243 -3.02 -27.95 2.27
C SER A 243 -4.50 -27.96 2.64
N THR A 244 -5.10 -29.14 2.75
CA THR A 244 -6.52 -29.30 3.04
C THR A 244 -7.38 -28.54 2.03
N ALA A 245 -7.02 -28.67 0.76
CA ALA A 245 -7.78 -28.09 -0.35
C ALA A 245 -8.47 -29.26 -1.05
N LYS A 246 -9.66 -29.60 -0.56
CA LYS A 246 -10.28 -30.87 -0.92
C LYS A 246 -10.83 -30.86 -2.34
N VAL A 247 -11.51 -29.77 -2.73
CA VAL A 247 -12.01 -29.67 -4.10
C VAL A 247 -10.83 -29.43 -5.04
N ILE A 248 -10.87 -30.07 -6.20
CA ILE A 248 -9.71 -30.10 -7.10
C ILE A 248 -10.20 -30.34 -8.51
N VAL A 249 -9.39 -29.94 -9.48
CA VAL A 249 -9.61 -30.24 -10.89
C VAL A 249 -8.31 -30.80 -11.47
N VAL A 250 -8.44 -31.86 -12.25
CA VAL A 250 -7.30 -32.57 -12.82
C VAL A 250 -7.36 -32.48 -14.34
N PHE A 251 -6.22 -32.16 -14.96
CA PHE A 251 -6.10 -32.08 -16.41
C PHE A 251 -5.35 -33.26 -17.00
N SER A 252 -5.10 -34.31 -16.21
CA SER A 252 -4.32 -35.44 -16.67
C SER A 252 -5.07 -36.24 -17.72
N SER A 253 -4.30 -36.82 -18.64
CA SER A 253 -4.85 -37.76 -19.62
C SER A 253 -5.04 -39.13 -18.97
N GLY A 254 -5.71 -40.02 -19.68
CA GLY A 254 -6.04 -41.34 -19.19
C GLY A 254 -4.86 -42.11 -18.64
N PRO A 255 -3.89 -42.45 -19.51
CA PRO A 255 -2.69 -43.13 -19.02
C PRO A 255 -1.89 -42.28 -18.03
N ASP A 256 -2.02 -40.96 -18.06
CA ASP A 256 -1.33 -40.13 -17.09
C ASP A 256 -2.01 -40.19 -15.73
N LEU A 257 -3.34 -40.23 -15.69
CA LEU A 257 -4.06 -40.26 -14.43
C LEU A 257 -4.19 -41.66 -13.86
N GLU A 258 -3.91 -42.70 -14.66
CA GLU A 258 -3.97 -44.07 -14.16
C GLU A 258 -3.04 -44.32 -12.97
N PRO A 259 -1.76 -43.95 -13.01
CA PRO A 259 -0.95 -44.08 -11.78
C PRO A 259 -1.50 -43.26 -10.63
N LEU A 260 -2.05 -42.08 -10.91
CA LEU A 260 -2.56 -41.22 -9.84
C LEU A 260 -3.68 -41.91 -9.07
N ILE A 261 -4.61 -42.56 -9.78
CA ILE A 261 -5.64 -43.32 -9.08
C ILE A 261 -5.03 -44.57 -8.47
N LYS A 262 -3.88 -45.03 -8.99
CA LYS A 262 -3.27 -46.23 -8.42
C LYS A 262 -2.62 -46.00 -7.05
N GLU A 263 -1.85 -44.92 -6.86
CA GLU A 263 -1.03 -44.83 -5.64
C GLU A 263 -1.88 -44.75 -4.38
N ILE A 264 -2.95 -43.96 -4.39
CA ILE A 264 -3.70 -43.65 -3.19
C ILE A 264 -4.59 -44.82 -2.75
N VAL A 265 -4.57 -45.93 -3.50
CA VAL A 265 -5.31 -47.12 -3.07
C VAL A 265 -4.67 -47.72 -1.83
N ARG A 266 -3.34 -47.63 -1.73
CA ARG A 266 -2.61 -48.32 -0.66
C ARG A 266 -3.01 -47.81 0.71
N ARG A 267 -3.13 -46.49 0.88
CA ARG A 267 -3.45 -45.92 2.19
C ARG A 267 -4.94 -45.83 2.45
N ASN A 268 -5.77 -45.98 1.44
CA ASN A 268 -7.23 -46.06 1.59
C ASN A 268 -7.80 -44.82 2.27
N ILE A 269 -7.56 -43.66 1.67
CA ILE A 269 -8.27 -42.44 2.01
C ILE A 269 -9.29 -42.19 0.90
N THR A 270 -10.57 -42.30 1.23
CA THR A 270 -11.60 -42.50 0.22
C THR A 270 -12.73 -41.49 0.26
N GLY A 271 -12.59 -40.40 1.03
CA GLY A 271 -13.58 -39.34 0.95
C GLY A 271 -13.36 -38.36 -0.18
N LYS A 272 -12.65 -38.78 -1.23
CA LYS A 272 -12.11 -37.86 -2.22
C LYS A 272 -13.03 -37.72 -3.42
N ILE A 273 -13.14 -36.48 -3.91
CA ILE A 273 -13.91 -36.15 -5.10
C ILE A 273 -12.99 -35.46 -6.11
N TRP A 274 -13.21 -35.75 -7.39
CA TRP A 274 -12.41 -35.18 -8.46
C TRP A 274 -13.29 -34.36 -9.40
N LEU A 275 -12.63 -33.65 -10.31
CA LEU A 275 -13.27 -32.98 -11.44
C LEU A 275 -12.48 -33.39 -12.68
N ALA A 276 -12.85 -34.53 -13.27
CA ALA A 276 -12.10 -35.11 -14.38
C ALA A 276 -12.50 -34.40 -15.66
N SER A 277 -11.76 -33.35 -16.00
CA SER A 277 -11.99 -32.64 -17.23
C SER A 277 -11.57 -33.49 -18.43
N GLU A 278 -12.07 -33.12 -19.61
CA GLU A 278 -11.86 -33.81 -20.88
C GLU A 278 -11.94 -35.33 -20.72
N ALA A 279 -12.91 -35.80 -19.92
CA ALA A 279 -13.06 -37.23 -19.66
C ALA A 279 -13.84 -37.90 -20.80
N TRP A 280 -13.24 -37.84 -22.00
CA TRP A 280 -13.84 -38.49 -23.15
C TRP A 280 -13.90 -40.00 -22.98
N ALA A 281 -12.83 -40.59 -22.43
CA ALA A 281 -12.80 -42.01 -22.11
C ALA A 281 -13.15 -42.16 -20.63
N SER A 282 -14.43 -42.04 -20.33
CA SER A 282 -14.91 -42.06 -18.96
C SER A 282 -14.99 -43.50 -18.44
N SER A 283 -14.40 -43.73 -17.27
CA SER A 283 -14.41 -45.03 -16.61
C SER A 283 -13.83 -46.13 -17.51
N SER A 284 -12.80 -45.79 -18.29
CA SER A 284 -12.17 -46.75 -19.17
C SER A 284 -10.92 -47.36 -18.53
N LEU A 285 -10.00 -46.52 -18.06
CA LEU A 285 -8.79 -46.97 -17.40
C LEU A 285 -8.95 -47.06 -15.88
N ILE A 286 -10.13 -46.76 -15.35
CA ILE A 286 -10.36 -46.74 -13.91
C ILE A 286 -11.42 -47.78 -13.56
N ALA A 287 -11.77 -48.63 -14.52
CA ALA A 287 -12.90 -49.56 -14.42
C ALA A 287 -12.68 -50.68 -13.41
N MET A 288 -11.50 -50.82 -12.83
CA MET A 288 -11.26 -51.92 -11.91
C MET A 288 -12.09 -51.75 -10.65
N PRO A 289 -12.55 -52.85 -10.04
CA PRO A 289 -13.33 -52.75 -8.80
C PRO A 289 -12.49 -52.23 -7.64
N GLN A 290 -13.20 -51.66 -6.66
CA GLN A 290 -12.63 -51.10 -5.43
C GLN A 290 -11.91 -49.80 -5.73
N TYR A 291 -11.75 -49.47 -7.01
CA TYR A 291 -11.19 -48.17 -7.38
C TYR A 291 -12.22 -47.07 -7.17
N PHE A 292 -13.47 -47.31 -7.57
CA PHE A 292 -14.54 -46.35 -7.37
C PHE A 292 -14.90 -46.15 -5.91
N HIS A 293 -14.43 -47.03 -5.02
CA HIS A 293 -14.52 -46.76 -3.60
C HIS A 293 -13.69 -45.54 -3.22
N VAL A 294 -12.75 -45.15 -4.07
CA VAL A 294 -11.92 -43.97 -3.87
C VAL A 294 -12.22 -42.90 -4.92
N VAL A 295 -12.42 -43.30 -6.17
CA VAL A 295 -12.57 -42.36 -7.28
C VAL A 295 -14.02 -42.24 -7.73
N GLY A 296 -14.97 -42.72 -6.91
CA GLY A 296 -16.36 -42.66 -7.29
C GLY A 296 -16.95 -41.27 -7.17
N GLY A 297 -18.10 -41.10 -7.81
CA GLY A 297 -18.81 -39.83 -7.78
C GLY A 297 -18.09 -38.68 -8.45
N THR A 298 -17.43 -38.93 -9.58
CA THR A 298 -16.71 -37.89 -10.30
C THR A 298 -17.55 -37.39 -11.48
N ILE A 299 -17.58 -36.07 -11.62
CA ILE A 299 -18.34 -35.39 -12.67
C ILE A 299 -17.34 -34.89 -13.70
N GLY A 300 -17.59 -35.17 -14.98
CA GLY A 300 -16.61 -34.82 -15.99
C GLY A 300 -17.25 -34.52 -17.32
N PHE A 301 -16.60 -33.65 -18.09
CA PHE A 301 -17.09 -33.29 -19.40
C PHE A 301 -16.88 -34.43 -20.39
N ALA A 302 -17.71 -34.46 -21.42
CA ALA A 302 -17.56 -35.42 -22.51
C ALA A 302 -18.26 -34.88 -23.76
N LEU A 303 -17.90 -35.44 -24.91
CA LEU A 303 -18.52 -35.11 -26.19
C LEU A 303 -18.93 -36.42 -26.85
N LYS A 304 -20.24 -36.58 -27.08
CA LYS A 304 -20.71 -37.76 -27.79
C LYS A 304 -20.39 -37.62 -29.28
N ALA A 305 -19.82 -38.67 -29.86
CA ALA A 305 -19.39 -38.66 -31.25
C ALA A 305 -20.25 -39.63 -32.05
N GLY A 306 -20.89 -39.14 -33.10
CA GLY A 306 -21.67 -39.98 -33.97
C GLY A 306 -20.84 -41.02 -34.69
N GLN A 307 -21.28 -42.28 -34.66
CA GLN A 307 -20.55 -43.35 -35.31
C GLN A 307 -20.56 -43.15 -36.82
N ILE A 308 -19.40 -43.33 -37.45
CA ILE A 308 -19.29 -43.20 -38.89
C ILE A 308 -19.96 -44.41 -39.55
N PRO A 309 -20.92 -44.21 -40.45
CA PRO A 309 -21.62 -45.36 -41.06
C PRO A 309 -20.68 -46.16 -41.95
N GLY A 310 -20.57 -47.45 -41.64
CA GLY A 310 -19.69 -48.33 -42.40
C GLY A 310 -18.22 -48.00 -42.29
N PHE A 311 -17.74 -47.70 -41.09
CA PHE A 311 -16.32 -47.42 -40.89
C PHE A 311 -15.47 -48.63 -41.22
N ARG A 312 -15.92 -49.82 -40.81
CA ARG A 312 -15.15 -51.04 -41.08
C ARG A 312 -14.99 -51.26 -42.58
N GLU A 313 -16.11 -51.25 -43.32
CA GLU A 313 -16.03 -51.41 -44.77
C GLU A 313 -15.33 -50.23 -45.44
N PHE A 314 -15.32 -49.06 -44.79
CA PHE A 314 -14.49 -47.96 -45.28
C PHE A 314 -13.01 -48.33 -45.20
N LEU A 315 -12.60 -48.98 -44.11
CA LEU A 315 -11.19 -49.33 -43.93
C LEU A 315 -10.80 -50.65 -44.57
N LYS A 316 -11.75 -51.44 -45.06
CA LYS A 316 -11.42 -52.75 -45.63
C LYS A 316 -10.95 -52.67 -47.08
N LYS A 317 -11.15 -51.54 -47.76
CA LYS A 317 -10.89 -51.50 -49.19
C LYS A 317 -9.40 -51.52 -49.51
N VAL A 318 -8.56 -51.04 -48.60
CA VAL A 318 -7.12 -51.01 -48.86
C VAL A 318 -6.58 -52.44 -48.87
N HIS A 319 -5.88 -52.79 -49.94
CA HIS A 319 -5.34 -54.12 -50.13
C HIS A 319 -3.93 -54.01 -50.70
N PRO A 320 -3.06 -54.99 -50.40
CA PRO A 320 -1.71 -54.95 -50.96
C PRO A 320 -1.65 -55.05 -52.48
N ARG A 321 -1.22 -53.97 -53.10
CA ARG A 321 -0.74 -53.87 -54.47
C ARG A 321 -1.86 -53.91 -55.50
N LYS A 322 -3.11 -53.77 -55.06
CA LYS A 322 -4.21 -53.40 -55.93
C LYS A 322 -4.69 -52.02 -55.49
N SER A 323 -3.99 -50.99 -55.96
CA SER A 323 -4.32 -49.61 -55.65
C SER A 323 -3.73 -48.72 -56.74
N VAL A 324 -4.58 -48.26 -57.67
CA VAL A 324 -4.09 -47.47 -58.79
C VAL A 324 -3.69 -46.07 -58.32
N HIS A 325 -4.31 -45.58 -57.26
CA HIS A 325 -4.02 -44.26 -56.72
C HIS A 325 -3.35 -44.37 -55.36
N ASN A 326 -2.80 -43.24 -54.91
CA ASN A 326 -2.12 -43.12 -53.62
C ASN A 326 -0.95 -44.11 -53.53
N GLY A 327 0.04 -43.89 -54.40
CA GLY A 327 1.20 -44.75 -54.45
C GLY A 327 2.03 -44.74 -53.18
N PHE A 328 2.03 -43.64 -52.45
CA PHE A 328 2.81 -43.62 -51.24
C PHE A 328 2.07 -44.23 -50.05
N ALA A 329 0.75 -44.43 -50.17
CA ALA A 329 0.13 -45.43 -49.32
C ALA A 329 0.82 -46.77 -49.51
N LYS A 330 1.10 -47.12 -50.77
CA LYS A 330 1.84 -48.33 -51.05
C LYS A 330 3.25 -48.30 -50.48
N GLU A 331 3.95 -47.16 -50.56
CA GLU A 331 5.31 -47.18 -50.02
C GLU A 331 5.30 -47.40 -48.51
N PHE A 332 4.37 -46.75 -47.78
CA PHE A 332 4.44 -46.94 -46.34
C PHE A 332 3.95 -48.33 -45.96
N TRP A 333 3.03 -48.91 -46.74
CA TRP A 333 2.69 -50.31 -46.53
C TRP A 333 3.88 -51.22 -46.75
N GLU A 334 4.71 -50.91 -47.75
CA GLU A 334 5.91 -51.71 -47.99
C GLU A 334 6.90 -51.57 -46.84
N GLU A 335 7.15 -50.35 -46.38
CA GLU A 335 8.22 -50.12 -45.41
C GLU A 335 7.81 -50.48 -43.99
N THR A 336 6.51 -50.47 -43.67
CA THR A 336 6.09 -50.86 -42.33
C THR A 336 5.96 -52.37 -42.16
N PHE A 337 5.98 -53.12 -43.27
CA PHE A 337 5.83 -54.58 -43.23
C PHE A 337 6.94 -55.23 -44.05
N ASN A 338 8.17 -54.78 -43.82
CA ASN A 338 9.34 -55.32 -44.50
C ASN A 338 9.53 -56.80 -44.21
N PRO A 374 10.40 -54.87 -48.95
CA PRO A 374 9.42 -55.91 -48.64
C PRO A 374 9.96 -57.32 -48.90
N LEU A 375 10.64 -57.88 -47.91
CA LEU A 375 11.18 -59.24 -48.03
C LEU A 375 10.06 -60.27 -48.19
N CYS A 376 9.00 -60.14 -47.41
CA CYS A 376 7.88 -61.06 -47.46
C CYS A 376 6.61 -60.30 -47.12
N THR A 377 5.53 -61.05 -46.82
CA THR A 377 4.22 -60.49 -46.48
C THR A 377 3.72 -59.56 -47.58
N GLY A 378 3.50 -60.15 -48.76
CA GLY A 378 2.97 -59.42 -49.90
C GLY A 378 1.51 -59.67 -50.20
N ASP A 379 0.84 -60.51 -49.43
CA ASP A 379 -0.57 -60.83 -49.67
C ASP A 379 -1.46 -60.71 -48.43
N GLU A 380 -0.90 -60.30 -47.30
CA GLU A 380 -1.68 -60.23 -46.07
C GLU A 380 -2.69 -59.09 -46.12
N ASN A 381 -3.84 -59.32 -45.49
CA ASN A 381 -4.90 -58.32 -45.39
C ASN A 381 -4.91 -57.71 -43.99
N ILE A 382 -5.79 -56.73 -43.79
CA ILE A 382 -5.88 -56.05 -42.49
C ILE A 382 -6.25 -57.04 -41.39
N SER A 383 -7.15 -57.97 -41.69
CA SER A 383 -7.52 -59.00 -40.72
C SER A 383 -6.33 -59.90 -40.39
N SER A 384 -5.52 -60.24 -41.40
CA SER A 384 -4.32 -61.03 -41.16
C SER A 384 -3.31 -60.29 -40.29
N VAL A 385 -3.13 -58.99 -40.52
CA VAL A 385 -2.36 -58.18 -39.58
C VAL A 385 -3.11 -58.15 -38.24
N GLU A 386 -2.40 -57.73 -37.18
CA GLU A 386 -2.91 -57.92 -35.84
C GLU A 386 -4.03 -56.93 -35.52
N THR A 387 -5.03 -56.87 -36.40
CA THR A 387 -6.29 -56.14 -36.22
C THR A 387 -6.07 -54.80 -35.53
N PRO A 388 -5.56 -53.80 -36.25
CA PRO A 388 -5.24 -52.52 -35.61
C PRO A 388 -6.45 -51.60 -35.46
N TYR A 389 -7.65 -52.15 -35.65
CA TYR A 389 -8.89 -51.39 -35.54
C TYR A 389 -9.73 -51.79 -34.33
N ILE A 390 -9.09 -52.11 -33.21
CA ILE A 390 -9.80 -52.29 -31.96
C ILE A 390 -9.51 -51.14 -31.00
N ASP A 391 -8.26 -50.64 -30.99
CA ASP A 391 -7.90 -49.59 -30.05
C ASP A 391 -8.64 -48.29 -30.34
N TYR A 392 -8.79 -47.95 -31.62
CA TYR A 392 -9.45 -46.72 -32.04
C TYR A 392 -10.75 -47.10 -32.74
N THR A 393 -11.80 -47.31 -31.94
CA THR A 393 -13.12 -47.57 -32.51
C THR A 393 -13.68 -46.32 -33.18
N HIS A 394 -13.47 -45.16 -32.58
CA HIS A 394 -13.88 -43.88 -33.15
C HIS A 394 -12.79 -42.86 -32.85
N LEU A 395 -12.06 -42.44 -33.87
CA LEU A 395 -10.97 -41.51 -33.71
C LEU A 395 -11.50 -40.08 -33.78
N ARG A 396 -11.07 -39.24 -32.82
CA ARG A 396 -11.58 -37.87 -32.75
C ARG A 396 -11.17 -37.06 -33.96
N ILE A 397 -9.90 -37.14 -34.34
CA ILE A 397 -9.41 -36.35 -35.48
C ILE A 397 -10.09 -36.81 -36.77
N SER A 398 -10.34 -38.12 -36.89
CA SER A 398 -11.03 -38.63 -38.08
C SER A 398 -12.41 -38.03 -38.20
N TYR A 399 -13.19 -38.04 -37.12
CA TYR A 399 -14.53 -37.47 -37.15
C TYR A 399 -14.49 -35.97 -37.40
N ASN A 400 -13.51 -35.27 -36.81
CA ASN A 400 -13.42 -33.83 -36.99
C ASN A 400 -13.11 -33.47 -38.44
N VAL A 401 -12.14 -34.14 -39.05
CA VAL A 401 -11.84 -33.86 -40.46
C VAL A 401 -12.98 -34.32 -41.35
N TYR A 402 -13.70 -35.37 -40.96
CA TYR A 402 -14.88 -35.80 -41.70
C TYR A 402 -15.94 -34.69 -41.72
N LEU A 403 -16.22 -34.10 -40.56
CA LEU A 403 -17.16 -32.99 -40.50
C LEU A 403 -16.66 -31.79 -41.27
N ALA A 404 -15.35 -31.51 -41.20
CA ALA A 404 -14.80 -30.36 -41.92
C ALA A 404 -14.96 -30.52 -43.43
N VAL A 405 -14.61 -31.70 -43.96
CA VAL A 405 -14.72 -31.89 -45.41
C VAL A 405 -16.19 -31.93 -45.83
N TYR A 406 -17.07 -32.43 -44.96
CA TYR A 406 -18.50 -32.37 -45.26
C TYR A 406 -18.97 -30.92 -45.36
N SER A 407 -18.53 -30.07 -44.43
CA SER A 407 -18.91 -28.65 -44.48
C SER A 407 -18.36 -27.99 -45.74
N ILE A 408 -17.12 -28.30 -46.12
CA ILE A 408 -16.54 -27.73 -47.33
C ILE A 408 -17.33 -28.17 -48.56
N ALA A 409 -17.69 -29.45 -48.63
CA ALA A 409 -18.47 -29.94 -49.77
C ALA A 409 -19.84 -29.28 -49.82
N HIS A 410 -20.48 -29.09 -48.66
CA HIS A 410 -21.77 -28.42 -48.63
C HIS A 410 -21.66 -26.97 -49.07
N ALA A 411 -20.57 -26.29 -48.67
CA ALA A 411 -20.34 -24.93 -49.14
C ALA A 411 -20.15 -24.89 -50.65
N LEU A 412 -19.42 -25.87 -51.19
CA LEU A 412 -19.25 -25.94 -52.65
C LEU A 412 -20.59 -26.16 -53.35
N GLN A 413 -21.43 -27.03 -52.81
CA GLN A 413 -22.76 -27.22 -53.36
C GLN A 413 -23.57 -25.93 -53.30
N ASP A 414 -23.46 -25.21 -52.18
CA ASP A 414 -24.18 -23.95 -52.03
C ASP A 414 -23.76 -22.94 -53.09
N ILE A 415 -22.45 -22.72 -53.25
CA ILE A 415 -22.00 -21.75 -54.24
C ILE A 415 -22.36 -22.23 -55.65
N TYR A 416 -22.43 -23.55 -55.86
CA TYR A 416 -23.01 -24.04 -57.11
C TYR A 416 -24.47 -23.67 -57.25
N THR A 417 -25.21 -23.54 -56.14
CA THR A 417 -26.64 -23.21 -56.19
C THR A 417 -26.96 -21.90 -55.48
N CYS A 418 -26.00 -20.98 -55.36
CA CYS A 418 -26.28 -19.71 -54.71
C CYS A 418 -27.08 -18.78 -55.62
N LEU A 419 -27.50 -17.66 -55.04
CA LEU A 419 -28.21 -16.64 -55.79
C LEU A 419 -27.25 -15.91 -56.73
N PRO A 420 -27.76 -15.26 -57.78
CA PRO A 420 -26.90 -14.40 -58.59
C PRO A 420 -26.61 -13.10 -57.86
N GLY A 421 -25.40 -12.99 -57.33
CA GLY A 421 -24.98 -11.83 -56.58
C GLY A 421 -23.47 -11.88 -56.38
N ARG A 422 -22.92 -10.81 -55.80
CA ARG A 422 -21.45 -10.76 -55.70
C ARG A 422 -21.02 -10.70 -54.25
N GLY A 423 -19.73 -10.89 -54.01
CA GLY A 423 -19.16 -10.86 -52.68
C GLY A 423 -18.81 -9.46 -52.20
N LEU A 424 -17.86 -9.41 -51.26
CA LEU A 424 -17.45 -8.10 -50.69
C LEU A 424 -15.96 -7.83 -50.96
N PHE A 425 -15.26 -8.70 -51.71
CA PHE A 425 -13.84 -8.43 -51.86
C PHE A 425 -13.50 -8.05 -53.29
N THR A 426 -12.68 -7.01 -53.44
CA THR A 426 -12.57 -6.27 -54.70
C THR A 426 -11.94 -7.10 -55.81
N ASN A 427 -10.68 -7.53 -55.63
CA ASN A 427 -10.04 -8.38 -56.63
C ASN A 427 -10.40 -9.83 -56.39
N GLY A 428 -10.40 -10.61 -57.48
CA GLY A 428 -10.79 -12.00 -57.41
C GLY A 428 -12.25 -12.22 -57.07
N SER A 429 -13.14 -11.35 -57.55
CA SER A 429 -14.58 -11.48 -57.29
C SER A 429 -15.27 -12.21 -58.44
N CYS A 430 -14.90 -13.47 -58.62
CA CYS A 430 -15.44 -14.33 -59.67
C CYS A 430 -15.86 -15.66 -59.05
N ALA A 431 -17.08 -15.69 -58.52
CA ALA A 431 -17.72 -16.92 -58.07
C ALA A 431 -18.64 -17.38 -59.19
N ASP A 432 -18.18 -18.38 -59.94
CA ASP A 432 -18.93 -18.94 -61.05
C ASP A 432 -18.79 -20.46 -60.97
N ILE A 433 -19.09 -21.15 -62.07
CA ILE A 433 -18.75 -22.57 -62.15
C ILE A 433 -17.25 -22.76 -62.03
N LYS A 434 -16.47 -21.70 -62.31
CA LYS A 434 -15.01 -21.73 -62.23
C LYS A 434 -14.57 -20.83 -61.08
N LYS A 435 -13.78 -21.38 -60.17
CA LYS A 435 -13.38 -20.66 -58.96
C LYS A 435 -11.99 -20.08 -59.12
N VAL A 436 -11.77 -18.94 -58.45
CA VAL A 436 -10.54 -18.17 -58.64
C VAL A 436 -9.55 -18.31 -57.48
N GLU A 437 -9.95 -17.96 -56.25
CA GLU A 437 -9.09 -18.20 -55.10
C GLU A 437 -9.84 -18.75 -53.89
N ALA A 438 -11.04 -19.29 -54.08
CA ALA A 438 -11.82 -19.91 -53.01
C ALA A 438 -12.07 -18.92 -51.87
N TRP A 439 -12.72 -17.80 -52.21
CA TRP A 439 -13.12 -16.82 -51.23
C TRP A 439 -14.58 -16.95 -50.83
N GLN A 440 -15.38 -17.67 -51.62
CA GLN A 440 -16.78 -17.89 -51.25
C GLN A 440 -16.90 -18.96 -50.17
N VAL A 441 -15.92 -19.86 -50.07
CA VAL A 441 -15.98 -20.91 -49.07
C VAL A 441 -15.93 -20.33 -47.66
N LEU A 442 -15.05 -19.35 -47.44
CA LEU A 442 -15.01 -18.68 -46.14
C LEU A 442 -16.26 -17.85 -45.92
N LYS A 443 -16.84 -17.32 -47.00
CA LYS A 443 -18.12 -16.61 -46.90
C LYS A 443 -19.21 -17.52 -46.33
N HIS A 444 -19.35 -18.71 -46.91
CA HIS A 444 -20.38 -19.64 -46.46
C HIS A 444 -20.02 -20.29 -45.13
N LEU A 445 -18.74 -20.30 -44.75
CA LEU A 445 -18.39 -20.72 -43.40
C LEU A 445 -18.79 -19.69 -42.37
N ARG A 446 -18.57 -18.40 -42.67
CA ARG A 446 -18.73 -17.36 -41.66
C ARG A 446 -20.19 -17.04 -41.36
N HIS A 447 -21.08 -17.06 -42.36
CA HIS A 447 -22.45 -16.60 -42.17
C HIS A 447 -23.45 -17.55 -42.83
N LEU A 448 -23.30 -18.86 -42.58
CA LEU A 448 -24.27 -19.82 -43.09
C LEU A 448 -24.28 -21.05 -42.21
N ASN A 449 -25.46 -21.67 -42.10
CA ASN A 449 -25.61 -22.89 -41.33
C ASN A 449 -25.12 -24.09 -42.15
N PHE A 450 -24.93 -25.22 -41.45
CA PHE A 450 -24.44 -26.44 -42.10
C PHE A 450 -25.47 -27.55 -42.10
N THR A 451 -25.99 -27.94 -40.93
CA THR A 451 -26.95 -29.04 -40.78
C THR A 451 -26.44 -30.30 -41.49
N ASN A 452 -25.32 -30.82 -40.98
CA ASN A 452 -24.64 -31.94 -41.59
C ASN A 452 -24.40 -33.04 -40.55
N ASN A 453 -24.48 -34.29 -41.01
CA ASN A 453 -24.20 -35.45 -40.16
C ASN A 453 -25.05 -35.45 -38.89
N MET A 454 -26.37 -35.31 -39.10
CA MET A 454 -27.41 -35.34 -38.07
C MET A 454 -26.97 -34.69 -36.76
N GLY A 455 -26.28 -33.55 -36.85
CA GLY A 455 -25.79 -32.87 -35.67
C GLY A 455 -26.34 -31.47 -35.50
N GLU A 456 -26.82 -30.88 -36.60
CA GLU A 456 -27.34 -29.52 -36.63
C GLU A 456 -26.28 -28.53 -36.13
N GLN A 457 -25.18 -28.47 -36.86
CA GLN A 457 -24.03 -27.67 -36.46
C GLN A 457 -24.36 -26.18 -36.51
N VAL A 458 -23.67 -25.42 -35.66
CA VAL A 458 -23.80 -23.97 -35.62
C VAL A 458 -22.95 -23.35 -36.72
N THR A 459 -23.14 -22.06 -36.96
CA THR A 459 -22.35 -21.36 -37.97
C THR A 459 -20.87 -21.37 -37.57
N PHE A 460 -20.02 -21.64 -38.56
CA PHE A 460 -18.58 -21.71 -38.32
C PHE A 460 -18.07 -20.34 -37.86
N ASP A 461 -17.35 -20.33 -36.73
CA ASP A 461 -16.82 -19.11 -36.16
C ASP A 461 -15.33 -19.29 -35.88
N GLU A 462 -14.62 -18.15 -35.81
CA GLU A 462 -13.17 -18.19 -35.63
C GLU A 462 -12.79 -18.77 -34.27
N CYS A 463 -13.43 -18.28 -33.20
CA CYS A 463 -13.12 -18.79 -31.87
C CYS A 463 -13.57 -20.24 -31.71
N GLY A 464 -14.77 -20.55 -32.17
CA GLY A 464 -15.28 -21.92 -32.13
C GLY A 464 -15.82 -22.36 -33.47
N ASP A 465 -15.20 -23.38 -34.06
CA ASP A 465 -15.57 -23.83 -35.40
C ASP A 465 -16.93 -24.51 -35.40
N LEU A 466 -17.00 -25.68 -34.73
CA LEU A 466 -18.26 -26.46 -34.61
C LEU A 466 -18.35 -26.96 -33.17
N VAL A 467 -19.23 -26.38 -32.34
CA VAL A 467 -19.33 -26.74 -30.93
C VAL A 467 -20.71 -27.31 -30.67
N GLY A 468 -20.77 -28.51 -30.12
CA GLY A 468 -22.02 -29.11 -29.73
C GLY A 468 -22.28 -29.00 -28.24
N ASN A 469 -23.38 -29.62 -27.81
CA ASN A 469 -23.75 -29.63 -26.39
C ASN A 469 -22.76 -30.47 -25.60
N TYR A 470 -22.13 -29.88 -24.59
CA TYR A 470 -21.18 -30.61 -23.77
C TYR A 470 -21.92 -31.51 -22.80
N SER A 471 -21.68 -32.83 -22.89
CA SER A 471 -22.34 -33.79 -22.01
C SER A 471 -21.52 -33.85 -20.73
N ILE A 472 -21.96 -33.10 -19.72
CA ILE A 472 -21.34 -33.17 -18.40
C ILE A 472 -21.88 -34.42 -17.73
N ILE A 473 -21.11 -35.51 -17.84
CA ILE A 473 -21.52 -36.84 -17.40
C ILE A 473 -21.23 -36.99 -15.92
N ASN A 474 -22.16 -37.62 -15.19
CA ASN A 474 -21.93 -37.99 -13.80
C ASN A 474 -21.85 -39.51 -13.69
N TRP A 475 -20.99 -39.99 -12.79
CA TRP A 475 -20.71 -41.40 -12.64
C TRP A 475 -21.42 -41.95 -11.39
N HIS A 476 -22.10 -43.08 -11.53
CA HIS A 476 -22.73 -43.76 -10.40
C HIS A 476 -22.24 -45.20 -10.33
N LEU A 477 -21.89 -45.63 -9.11
CA LEU A 477 -21.58 -47.03 -8.89
C LEU A 477 -22.84 -47.87 -9.05
N SER A 478 -22.69 -49.03 -9.70
CA SER A 478 -23.81 -49.94 -9.94
C SER A 478 -23.54 -51.24 -9.20
N PRO A 479 -24.10 -51.43 -8.01
CA PRO A 479 -23.88 -52.70 -7.29
C PRO A 479 -24.39 -53.92 -8.05
N GLU A 480 -25.48 -53.77 -8.81
CA GLU A 480 -26.00 -54.89 -9.58
C GLU A 480 -25.11 -55.23 -10.78
N ASP A 481 -24.27 -54.29 -11.22
CA ASP A 481 -23.39 -54.51 -12.35
C ASP A 481 -21.91 -54.46 -12.00
N GLY A 482 -21.56 -53.88 -10.85
CA GLY A 482 -20.15 -53.75 -10.50
C GLY A 482 -19.38 -52.85 -11.44
N SER A 483 -19.99 -51.76 -11.89
CA SER A 483 -19.37 -50.86 -12.85
C SER A 483 -19.89 -49.45 -12.60
N ILE A 484 -19.70 -48.58 -13.58
CA ILE A 484 -20.09 -47.17 -13.50
C ILE A 484 -21.11 -46.88 -14.59
N VAL A 485 -22.23 -46.29 -14.21
CA VAL A 485 -23.24 -45.83 -15.16
C VAL A 485 -23.13 -44.32 -15.30
N PHE A 486 -23.33 -43.83 -16.52
CA PHE A 486 -23.16 -42.43 -16.86
C PHE A 486 -24.52 -41.73 -16.91
N LYS A 487 -24.52 -40.46 -16.48
CA LYS A 487 -25.77 -39.65 -16.46
C LYS A 487 -25.56 -38.34 -17.24
N GLU A 488 -26.30 -38.14 -18.33
CA GLU A 488 -26.22 -36.96 -19.17
C GLU A 488 -26.81 -35.73 -18.47
N VAL A 489 -26.94 -35.80 -17.15
CA VAL A 489 -27.60 -34.70 -16.37
C VAL A 489 -26.96 -33.34 -16.68
N GLY A 490 -25.70 -33.33 -17.13
CA GLY A 490 -25.07 -32.05 -17.49
C GLY A 490 -25.35 -31.74 -18.94
N TYR A 491 -26.22 -30.78 -19.20
CA TYR A 491 -26.60 -30.39 -20.55
C TYR A 491 -26.32 -28.89 -20.69
N TYR A 492 -25.11 -28.55 -21.12
CA TYR A 492 -24.69 -27.15 -21.12
C TYR A 492 -23.58 -26.95 -22.13
N ASN A 493 -23.41 -25.69 -22.53
CA ASN A 493 -22.30 -25.24 -23.35
C ASN A 493 -21.99 -23.79 -23.04
N VAL A 494 -20.75 -23.38 -23.30
CA VAL A 494 -20.34 -22.00 -23.03
C VAL A 494 -20.61 -21.05 -24.19
N TYR A 495 -20.83 -21.58 -25.39
CA TYR A 495 -21.03 -20.72 -26.54
C TYR A 495 -22.40 -20.05 -26.46
N ALA A 496 -22.57 -18.99 -27.26
CA ALA A 496 -23.77 -18.16 -27.20
C ALA A 496 -24.94 -18.75 -27.95
N LYS A 497 -24.89 -20.01 -28.36
CA LYS A 497 -26.02 -20.59 -29.07
C LYS A 497 -27.21 -20.84 -28.15
N LYS A 498 -26.96 -21.15 -26.88
CA LYS A 498 -28.02 -21.35 -25.90
C LYS A 498 -28.04 -20.28 -24.81
N GLY A 499 -26.98 -19.51 -24.65
CA GLY A 499 -26.89 -18.48 -23.63
C GLY A 499 -25.63 -18.59 -22.81
N GLU A 500 -25.41 -17.56 -22.01
CA GLU A 500 -24.24 -17.46 -21.14
C GLU A 500 -24.55 -17.91 -19.71
N ARG A 501 -25.77 -18.36 -19.44
CA ARG A 501 -26.21 -18.65 -18.09
C ARG A 501 -26.36 -20.17 -17.87
N LEU A 502 -26.86 -20.52 -16.70
CA LEU A 502 -26.88 -21.90 -16.25
C LEU A 502 -27.89 -22.75 -17.02
N PHE A 503 -27.50 -23.99 -17.29
CA PHE A 503 -28.40 -25.00 -17.85
C PHE A 503 -28.17 -26.38 -17.25
N ILE A 504 -27.65 -26.44 -16.01
CA ILE A 504 -27.22 -27.69 -15.40
C ILE A 504 -28.27 -28.16 -14.40
N ASN A 505 -28.49 -29.47 -14.36
CA ASN A 505 -29.32 -30.11 -13.35
C ASN A 505 -28.43 -30.54 -12.19
N GLU A 506 -28.79 -30.14 -10.98
CA GLU A 506 -27.95 -30.37 -9.81
C GLU A 506 -28.49 -31.44 -8.87
N GLU A 507 -29.79 -31.65 -8.82
CA GLU A 507 -30.42 -32.45 -7.78
C GLU A 507 -30.61 -33.90 -8.23
N LYS A 508 -31.37 -34.66 -7.43
CA LYS A 508 -31.80 -36.03 -7.69
C LYS A 508 -30.65 -36.98 -8.00
N ILE A 509 -29.44 -36.69 -7.51
CA ILE A 509 -28.31 -37.61 -7.66
C ILE A 509 -27.62 -37.76 -6.31
N LEU A 510 -26.96 -38.90 -6.12
CA LEU A 510 -26.33 -39.20 -4.84
C LEU A 510 -25.10 -40.07 -5.08
N TRP A 511 -24.15 -40.00 -4.14
CA TRP A 511 -22.93 -40.80 -4.16
C TRP A 511 -22.58 -41.09 -2.71
N SER A 512 -23.00 -42.26 -2.22
CA SER A 512 -22.87 -42.61 -0.80
C SER A 512 -23.49 -41.53 0.09
N GLY A 513 -24.64 -41.01 -0.35
CA GLY A 513 -25.26 -39.89 0.31
C GLY A 513 -25.13 -38.61 -0.50
N PHE A 514 -25.71 -37.54 0.06
CA PHE A 514 -25.66 -36.22 -0.57
C PHE A 514 -24.49 -35.45 0.04
N SER A 515 -23.33 -35.56 -0.62
CA SER A 515 -22.09 -35.05 -0.06
C SER A 515 -21.30 -34.14 -1.00
N ARG A 516 -21.72 -33.97 -2.25
CA ARG A 516 -20.97 -33.14 -3.18
C ARG A 516 -21.14 -31.65 -2.91
N GLU A 517 -22.07 -31.27 -2.03
CA GLU A 517 -22.17 -29.88 -1.64
C GLU A 517 -20.92 -29.42 -0.90
N VAL A 518 -20.24 -30.35 -0.23
CA VAL A 518 -19.01 -30.09 0.52
C VAL A 518 -19.23 -28.93 1.47
N PRO A 519 -19.97 -29.12 2.57
CA PRO A 519 -20.36 -27.97 3.42
C PRO A 519 -19.18 -27.18 3.95
N PHE A 520 -18.03 -27.81 4.14
CA PHE A 520 -16.83 -27.14 4.66
C PHE A 520 -15.81 -26.88 3.55
N SER A 521 -16.30 -26.62 2.34
CA SER A 521 -15.39 -26.23 1.26
C SER A 521 -14.86 -24.82 1.46
N ASN A 522 -15.63 -23.97 2.13
CA ASN A 522 -15.12 -22.66 2.53
C ASN A 522 -14.16 -22.81 3.69
N CYS A 523 -12.99 -22.17 3.60
CA CYS A 523 -11.98 -22.32 4.63
C CYS A 523 -12.40 -21.67 5.94
N SER A 524 -13.17 -20.58 5.86
CA SER A 524 -13.58 -19.85 7.04
C SER A 524 -15.10 -19.94 7.23
N ARG A 525 -15.52 -19.93 8.49
CA ARG A 525 -16.91 -20.07 8.86
C ARG A 525 -17.55 -18.71 9.09
N ASP A 526 -18.89 -18.71 9.12
CA ASP A 526 -19.66 -17.51 9.40
C ASP A 526 -19.67 -17.25 10.90
N CYS A 527 -18.81 -16.33 11.37
CA CYS A 527 -18.68 -16.06 12.79
C CYS A 527 -19.84 -15.21 13.29
N LEU A 528 -19.87 -15.02 14.60
CA LEU A 528 -20.98 -14.34 15.25
C LEU A 528 -20.95 -12.84 14.92
N ALA A 529 -22.12 -12.20 15.08
CA ALA A 529 -22.31 -10.83 14.62
C ALA A 529 -21.39 -9.86 15.34
N GLY A 530 -20.97 -8.82 14.60
CA GLY A 530 -20.19 -7.74 15.16
C GLY A 530 -18.70 -8.00 15.16
N THR A 531 -18.14 -8.32 14.00
CA THR A 531 -16.81 -8.92 13.96
C THR A 531 -16.26 -8.56 12.59
N ARG A 532 -14.93 -8.44 12.53
CA ARG A 532 -14.24 -8.25 11.23
C ARG A 532 -13.55 -9.58 10.89
N LYS A 533 -13.63 -10.03 9.64
CA LYS A 533 -13.07 -11.29 9.15
C LYS A 533 -11.60 -10.91 8.93
N GLY A 534 -10.83 -10.61 9.98
CA GLY A 534 -9.45 -10.19 9.92
C GLY A 534 -8.67 -11.00 8.90
N ILE A 535 -7.83 -10.29 8.13
CA ILE A 535 -7.13 -10.82 6.98
C ILE A 535 -5.64 -10.87 7.28
N ILE A 536 -5.00 -11.97 6.88
CA ILE A 536 -3.54 -12.06 6.91
C ILE A 536 -2.99 -11.27 5.73
N GLU A 537 -2.05 -10.38 6.00
CA GLU A 537 -1.47 -9.55 4.95
C GLU A 537 -0.73 -10.42 3.94
N GLY A 538 -0.94 -10.13 2.66
CA GLY A 538 -0.31 -10.90 1.60
C GLY A 538 -0.85 -12.30 1.45
N GLU A 539 -2.08 -12.54 1.88
CA GLU A 539 -2.71 -13.84 1.83
C GLU A 539 -4.09 -13.70 1.21
N PRO A 540 -4.53 -14.69 0.41
CA PRO A 540 -5.80 -14.54 -0.31
C PRO A 540 -6.98 -14.30 0.62
N THR A 541 -7.96 -13.55 0.12
CA THR A 541 -9.09 -13.12 0.94
C THR A 541 -9.98 -14.29 1.36
N CYS A 542 -9.78 -15.48 0.77
CA CYS A 542 -10.60 -16.63 1.13
C CYS A 542 -10.44 -17.00 2.60
N CYS A 543 -9.22 -16.95 3.12
CA CYS A 543 -8.93 -17.35 4.50
C CYS A 543 -8.97 -16.12 5.39
N PHE A 544 -10.00 -16.03 6.22
CA PHE A 544 -10.17 -14.95 7.17
C PHE A 544 -10.51 -15.51 8.55
N GLU A 545 -9.95 -14.88 9.59
CA GLU A 545 -10.20 -15.29 10.97
C GLU A 545 -10.85 -14.14 11.72
N CYS A 546 -11.87 -14.45 12.52
CA CYS A 546 -12.75 -13.41 13.04
C CYS A 546 -12.28 -12.88 14.39
N VAL A 547 -12.25 -11.55 14.50
CA VAL A 547 -11.80 -10.84 15.69
C VAL A 547 -12.82 -9.78 16.10
N GLU A 548 -12.89 -9.54 17.41
CA GLU A 548 -14.02 -8.88 18.06
C GLU A 548 -13.96 -7.36 17.91
N CYS A 549 -15.11 -6.76 17.59
CA CYS A 549 -15.19 -5.32 17.35
C CYS A 549 -14.89 -4.52 18.62
N PRO A 550 -14.46 -3.25 18.48
CA PRO A 550 -14.16 -2.46 19.68
C PRO A 550 -15.38 -2.25 20.58
N ASP A 551 -15.15 -1.88 21.83
CA ASP A 551 -16.21 -1.80 22.83
C ASP A 551 -17.24 -0.75 22.45
N GLY A 552 -18.50 -1.07 22.72
CA GLY A 552 -19.60 -0.16 22.41
C GLY A 552 -20.05 -0.16 20.97
N GLU A 553 -19.55 -1.09 20.15
CA GLU A 553 -19.85 -1.13 18.73
C GLU A 553 -20.20 -2.55 18.32
N TYR A 554 -21.30 -2.70 17.59
CA TYR A 554 -21.83 -4.03 17.30
C TYR A 554 -22.74 -3.95 16.08
N SER A 555 -22.52 -4.84 15.11
CA SER A 555 -23.30 -4.88 13.88
C SER A 555 -24.35 -5.99 13.98
N ASP A 556 -25.51 -5.79 13.34
CA ASP A 556 -26.65 -6.73 13.52
C ASP A 556 -26.41 -8.10 12.88
N GLU A 557 -26.13 -8.15 11.58
CA GLU A 557 -26.01 -9.44 10.91
C GLU A 557 -24.57 -9.95 10.91
N THR A 558 -24.43 -11.26 10.74
CA THR A 558 -23.12 -11.89 10.81
C THR A 558 -22.29 -11.55 9.57
N ASP A 559 -20.96 -11.66 9.74
CA ASP A 559 -20.01 -11.43 8.65
C ASP A 559 -20.18 -10.03 8.07
N ALA A 560 -20.11 -9.03 8.94
CA ALA A 560 -20.25 -7.63 8.56
C ALA A 560 -18.90 -6.94 8.62
N SER A 561 -18.33 -6.61 7.46
CA SER A 561 -17.08 -5.87 7.43
C SER A 561 -17.24 -4.47 7.99
N ALA A 562 -18.34 -3.80 7.65
CA ALA A 562 -18.61 -2.44 8.13
C ALA A 562 -19.28 -2.55 9.52
N CYS A 563 -18.45 -2.83 10.52
CA CYS A 563 -18.93 -2.90 11.89
C CYS A 563 -19.44 -1.52 12.31
N ASN A 564 -20.67 -1.48 12.81
CA ASN A 564 -21.35 -0.21 13.07
C ASN A 564 -21.76 -0.08 14.54
N LYS A 565 -22.06 1.15 14.93
CA LYS A 565 -22.44 1.45 16.29
C LYS A 565 -23.78 0.80 16.64
N CYS A 566 -23.91 0.39 17.90
CA CYS A 566 -25.12 -0.25 18.40
C CYS A 566 -25.86 0.66 19.36
N PRO A 567 -27.17 0.56 19.44
CA PRO A 567 -27.93 1.39 20.39
C PRO A 567 -27.55 1.06 21.84
N ASP A 568 -27.59 2.09 22.68
CA ASP A 568 -27.19 1.97 24.09
C ASP A 568 -28.39 1.61 24.95
N ASP A 569 -28.89 0.38 24.73
CA ASP A 569 -30.02 -0.13 25.50
C ASP A 569 -29.85 -1.56 25.97
N PHE A 570 -28.75 -2.23 25.67
CA PHE A 570 -28.53 -3.62 26.05
C PHE A 570 -27.13 -3.79 26.61
N TRP A 571 -26.96 -4.86 27.39
CA TRP A 571 -25.69 -5.15 28.03
C TRP A 571 -24.73 -5.80 27.04
N SER A 572 -23.66 -6.40 27.56
CA SER A 572 -22.62 -6.99 26.70
C SER A 572 -23.19 -8.04 25.77
N ASN A 573 -24.25 -8.74 26.19
CA ASN A 573 -25.03 -9.70 25.41
C ASN A 573 -24.18 -10.47 24.40
N GLU A 574 -23.17 -11.16 24.94
CA GLU A 574 -22.23 -12.02 24.21
C GLU A 574 -21.67 -11.34 22.96
N ASN A 575 -21.62 -10.00 22.96
CA ASN A 575 -21.02 -9.26 21.87
C ASN A 575 -20.14 -8.12 22.36
N HIS A 576 -19.98 -7.96 23.67
CA HIS A 576 -19.14 -6.92 24.28
C HIS A 576 -19.59 -5.53 23.82
N THR A 577 -20.83 -5.20 24.18
CA THR A 577 -21.43 -3.91 23.87
C THR A 577 -21.46 -3.04 25.12
N SER A 578 -22.06 -1.86 24.98
CA SER A 578 -22.15 -0.89 26.07
C SER A 578 -23.58 -0.37 26.17
N CYS A 579 -23.96 0.03 27.38
CA CYS A 579 -25.29 0.55 27.64
C CYS A 579 -25.20 1.80 28.50
N ILE A 580 -26.15 2.70 28.32
CA ILE A 580 -26.23 3.93 29.11
C ILE A 580 -27.54 4.05 29.87
N ALA A 581 -28.54 3.22 29.56
CA ALA A 581 -29.84 3.28 30.23
C ALA A 581 -29.90 2.19 31.28
N LYS A 582 -29.76 2.58 32.55
CA LYS A 582 -29.82 1.65 33.66
C LYS A 582 -30.61 2.31 34.80
N GLU A 583 -30.61 1.68 35.97
CA GLU A 583 -31.31 2.24 37.12
C GLU A 583 -30.64 3.51 37.59
N ILE A 584 -31.44 4.46 38.05
CA ILE A 584 -30.96 5.76 38.52
C ILE A 584 -31.27 5.88 40.00
N GLU A 585 -30.25 6.23 40.78
CA GLU A 585 -30.39 6.35 42.23
C GLU A 585 -31.00 7.71 42.56
N PHE A 586 -32.20 7.69 43.13
CA PHE A 586 -32.88 8.90 43.58
C PHE A 586 -32.78 9.10 45.09
N LEU A 587 -31.82 8.43 45.74
CA LEU A 587 -31.61 8.48 47.18
C LEU A 587 -32.81 7.97 47.98
N SER A 588 -33.76 7.33 47.31
CA SER A 588 -34.95 6.79 47.96
C SER A 588 -35.59 5.78 47.02
N TRP A 589 -35.82 4.57 47.52
CA TRP A 589 -36.37 3.49 46.71
C TRP A 589 -37.02 2.46 47.62
N THR A 590 -37.73 1.51 47.00
CA THR A 590 -38.37 0.44 47.77
C THR A 590 -37.36 -0.50 48.41
N GLU A 591 -36.09 -0.42 48.00
CA GLU A 591 -35.06 -1.25 48.58
C GLU A 591 -34.82 -0.84 50.04
N PRO A 592 -34.24 -1.73 50.85
CA PRO A 592 -34.27 -1.52 52.31
C PRO A 592 -33.59 -0.25 52.81
N PHE A 593 -32.65 0.33 52.05
CA PHE A 593 -32.05 1.58 52.48
C PHE A 593 -33.09 2.69 52.54
N GLY A 594 -33.97 2.75 51.54
CA GLY A 594 -35.06 3.70 51.58
C GLY A 594 -35.98 3.48 52.75
N ILE A 595 -36.29 2.22 53.06
CA ILE A 595 -37.14 1.90 54.21
C ILE A 595 -36.49 2.39 55.49
N ALA A 596 -35.19 2.14 55.64
CA ALA A 596 -34.48 2.54 56.85
C ALA A 596 -34.46 4.06 57.02
N LEU A 597 -34.17 4.78 55.93
CA LEU A 597 -34.14 6.24 56.03
C LEU A 597 -35.53 6.80 56.29
N THR A 598 -36.57 6.21 55.70
CA THR A 598 -37.93 6.66 55.99
C THR A 598 -38.30 6.41 57.45
N LEU A 599 -37.88 5.26 58.00
CA LEU A 599 -38.13 4.99 59.41
C LEU A 599 -37.42 6.00 60.30
N PHE A 600 -36.17 6.33 59.97
CA PHE A 600 -35.46 7.36 60.73
C PHE A 600 -36.20 8.70 60.65
N ALA A 601 -36.66 9.06 59.46
CA ALA A 601 -37.37 10.32 59.28
C ALA A 601 -38.66 10.36 60.10
N VAL A 602 -39.44 9.27 60.06
CA VAL A 602 -40.72 9.26 60.74
C VAL A 602 -40.53 9.23 62.26
N LEU A 603 -39.51 8.53 62.75
CA LEU A 603 -39.26 8.57 64.20
C LEU A 603 -38.79 9.96 64.63
N GLY A 604 -37.99 10.63 63.81
CA GLY A 604 -37.62 12.00 64.11
C GLY A 604 -38.83 12.92 64.14
N ILE A 605 -39.73 12.76 63.18
CA ILE A 605 -40.94 13.58 63.16
C ILE A 605 -41.80 13.31 64.38
N PHE A 606 -41.92 12.04 64.78
CA PHE A 606 -42.72 11.68 65.94
C PHE A 606 -42.14 12.30 67.22
N LEU A 607 -40.81 12.24 67.37
CA LEU A 607 -40.21 12.84 68.56
C LEU A 607 -40.29 14.36 68.54
N THR A 608 -40.24 14.97 67.35
CA THR A 608 -40.48 16.42 67.27
C THR A 608 -41.90 16.76 67.68
N ALA A 609 -42.87 15.95 67.27
CA ALA A 609 -44.25 16.17 67.70
C ALA A 609 -44.38 16.03 69.22
N PHE A 610 -43.72 15.03 69.79
CA PHE A 610 -43.78 14.83 71.23
C PHE A 610 -43.14 15.99 71.98
N VAL A 611 -42.00 16.48 71.50
CA VAL A 611 -41.36 17.61 72.19
C VAL A 611 -42.18 18.88 72.00
N LEU A 612 -42.87 19.02 70.86
CA LEU A 612 -43.79 20.14 70.70
C LEU A 612 -44.93 20.05 71.72
N GLY A 613 -45.45 18.84 71.94
CA GLY A 613 -46.50 18.67 72.94
C GLY A 613 -46.02 19.02 74.34
N VAL A 614 -44.83 18.53 74.71
CA VAL A 614 -44.33 18.85 76.04
C VAL A 614 -44.02 20.34 76.16
N PHE A 615 -43.57 20.97 75.07
CA PHE A 615 -43.32 22.41 75.09
C PHE A 615 -44.62 23.19 75.30
N ILE A 616 -45.69 22.80 74.61
CA ILE A 616 -46.96 23.49 74.78
C ILE A 616 -47.51 23.23 76.18
N LYS A 617 -47.17 22.08 76.77
CA LYS A 617 -47.49 21.85 78.18
C LYS A 617 -46.72 22.81 79.07
N PHE A 618 -45.43 23.01 78.79
CA PHE A 618 -44.61 23.89 79.60
C PHE A 618 -45.07 25.34 79.54
N ARG A 619 -45.40 25.82 78.33
CA ARG A 619 -45.67 27.23 78.11
C ARG A 619 -47.05 27.67 78.57
N ASN A 620 -47.97 26.73 78.83
CA ASN A 620 -49.29 27.10 79.31
C ASN A 620 -49.22 27.72 80.70
N THR A 621 -48.20 27.39 81.48
CA THR A 621 -48.07 27.93 82.82
C THR A 621 -47.73 29.41 82.78
N PRO A 622 -48.10 30.17 83.81
CA PRO A 622 -47.82 31.61 83.81
C PRO A 622 -46.36 31.99 84.03
N ILE A 623 -45.46 31.00 84.10
CA ILE A 623 -44.03 31.29 84.16
C ILE A 623 -43.55 31.91 82.85
N VAL A 624 -44.37 31.83 81.79
CA VAL A 624 -44.05 32.48 80.54
C VAL A 624 -43.85 33.98 80.78
N LYS A 625 -42.87 34.56 80.09
CA LYS A 625 -42.47 35.97 80.19
C LYS A 625 -41.76 36.26 81.51
N ALA A 626 -41.68 35.28 82.40
CA ALA A 626 -40.69 35.32 83.47
C ALA A 626 -39.38 34.67 83.03
N THR A 627 -39.44 33.76 82.06
CA THR A 627 -38.30 33.24 81.35
C THR A 627 -38.46 33.61 79.87
N ASN A 628 -37.59 33.08 79.02
CA ASN A 628 -37.60 33.39 77.60
C ASN A 628 -38.34 32.30 76.84
N ARG A 629 -39.60 32.56 76.50
CA ARG A 629 -40.35 31.62 75.66
C ARG A 629 -39.80 31.60 74.24
N GLU A 630 -39.24 32.73 73.78
CA GLU A 630 -38.66 32.79 72.44
C GLU A 630 -37.54 31.80 72.27
N LEU A 631 -36.80 31.49 73.35
CA LEU A 631 -35.70 30.54 73.25
C LEU A 631 -36.20 29.17 72.82
N SER A 632 -37.19 28.63 73.54
CA SER A 632 -37.73 27.32 73.19
C SER A 632 -38.51 27.36 71.87
N TYR A 633 -39.22 28.46 71.61
CA TYR A 633 -39.96 28.58 70.35
C TYR A 633 -39.01 28.50 69.15
N LEU A 634 -37.88 29.21 69.23
CA LEU A 634 -36.90 29.16 68.15
C LEU A 634 -36.12 27.86 68.16
N LEU A 635 -35.96 27.19 69.31
CA LEU A 635 -35.41 25.84 69.29
C LEU A 635 -36.30 24.90 68.49
N LEU A 636 -37.62 25.00 68.68
CA LEU A 636 -38.55 24.16 67.93
C LEU A 636 -38.50 24.51 66.44
N PHE A 637 -38.47 25.80 66.11
CA PHE A 637 -38.34 26.19 64.70
C PHE A 637 -37.02 25.69 64.11
N SER A 638 -35.94 25.71 64.90
CA SER A 638 -34.65 25.26 64.41
C SER A 638 -34.67 23.76 64.13
N LEU A 639 -35.18 22.97 65.06
CA LEU A 639 -35.24 21.54 64.82
C LEU A 639 -36.15 21.23 63.63
N LEU A 640 -37.26 21.95 63.50
CA LEU A 640 -38.15 21.75 62.36
C LEU A 640 -37.45 22.03 61.04
N CYS A 641 -36.72 23.15 60.95
CA CYS A 641 -36.11 23.51 59.67
C CYS A 641 -34.89 22.65 59.36
N CYS A 642 -34.09 22.32 60.37
CA CYS A 642 -32.96 21.42 60.15
C CYS A 642 -33.45 20.03 59.72
N PHE A 643 -34.54 19.53 60.32
CA PHE A 643 -35.11 18.26 59.89
C PHE A 643 -35.75 18.37 58.52
N SER A 644 -36.32 19.53 58.18
CA SER A 644 -36.86 19.72 56.84
C SER A 644 -35.75 19.70 55.80
N SER A 645 -34.60 20.28 56.13
CA SER A 645 -33.44 20.18 55.26
C SER A 645 -32.98 18.73 55.11
N SER A 646 -32.99 17.97 56.21
CA SER A 646 -32.65 16.56 56.14
C SER A 646 -33.63 15.80 55.24
N LEU A 647 -34.92 16.12 55.33
CA LEU A 647 -35.91 15.49 54.46
C LEU A 647 -35.72 15.89 53.00
N PHE A 648 -35.41 17.16 52.76
CA PHE A 648 -35.12 17.64 51.40
C PHE A 648 -33.84 17.02 50.85
N PHE A 649 -32.96 16.53 51.74
CA PHE A 649 -31.69 15.96 51.32
C PHE A 649 -31.89 14.75 50.41
N ILE A 650 -32.81 13.87 50.77
CA ILE A 650 -33.17 12.73 49.93
C ILE A 650 -34.13 13.19 48.85
N GLY A 651 -34.43 12.32 47.90
CA GLY A 651 -35.36 12.61 46.83
C GLY A 651 -34.65 12.71 45.49
N GLU A 652 -35.46 12.82 44.45
CA GLU A 652 -34.92 12.89 43.09
C GLU A 652 -34.14 14.19 42.91
N PRO A 653 -32.86 14.12 42.53
CA PRO A 653 -32.06 15.35 42.43
C PRO A 653 -32.12 16.00 41.06
N GLN A 654 -32.47 17.28 41.03
CA GLN A 654 -32.42 18.08 39.82
C GLN A 654 -31.91 19.47 40.19
N ASP A 655 -31.99 20.39 39.23
CA ASP A 655 -31.47 21.74 39.47
C ASP A 655 -32.41 22.53 40.36
N TRP A 656 -33.72 22.44 40.12
CA TRP A 656 -34.70 23.16 40.92
C TRP A 656 -34.68 22.69 42.37
N THR A 657 -34.55 21.38 42.57
CA THR A 657 -34.39 20.86 43.93
C THR A 657 -33.16 21.44 44.59
N CYS A 658 -32.09 21.65 43.83
CA CYS A 658 -30.89 22.26 44.40
C CYS A 658 -31.09 23.72 44.77
N ARG A 659 -31.79 24.50 43.95
CA ARG A 659 -32.11 25.87 44.35
C ARG A 659 -32.98 25.89 45.60
N LEU A 660 -33.92 24.97 45.72
CA LEU A 660 -34.76 24.93 46.92
C LEU A 660 -34.04 24.30 48.11
N ARG A 661 -32.90 23.63 47.88
CA ARG A 661 -32.23 22.88 48.92
C ARG A 661 -31.05 23.62 49.55
N GLN A 662 -30.13 24.14 48.72
CA GLN A 662 -28.89 24.70 49.26
C GLN A 662 -29.12 25.86 50.22
N PRO A 663 -29.90 26.90 49.88
CA PRO A 663 -30.20 27.93 50.89
C PRO A 663 -30.90 27.38 52.11
N ALA A 664 -31.76 26.37 51.94
CA ALA A 664 -32.40 25.75 53.09
C ALA A 664 -31.36 25.09 54.00
N PHE A 665 -30.39 24.38 53.41
CA PHE A 665 -29.33 23.77 54.21
C PHE A 665 -28.56 24.84 54.97
N GLY A 666 -28.17 25.91 54.27
CA GLY A 666 -27.40 26.96 54.91
C GLY A 666 -28.14 27.62 56.06
N ILE A 667 -29.40 27.99 55.82
CA ILE A 667 -30.17 28.67 56.86
C ILE A 667 -30.44 27.74 58.02
N SER A 668 -30.74 26.46 57.76
CA SER A 668 -30.93 25.51 58.84
C SER A 668 -29.69 25.41 59.70
N PHE A 669 -28.53 25.21 59.07
CA PHE A 669 -27.27 25.13 59.82
C PHE A 669 -27.07 26.37 60.67
N VAL A 670 -27.17 27.55 60.05
CA VAL A 670 -26.79 28.77 60.77
C VAL A 670 -27.76 29.07 61.89
N LEU A 671 -29.06 28.84 61.69
CA LEU A 671 -29.97 29.23 62.76
C LEU A 671 -30.07 28.16 63.85
N CYS A 672 -29.93 26.87 63.52
CA CYS A 672 -29.80 25.86 64.57
C CYS A 672 -28.56 26.15 65.43
N ILE A 673 -27.43 26.44 64.79
CA ILE A 673 -26.23 26.74 65.58
C ILE A 673 -26.37 28.07 66.30
N SER A 674 -27.13 29.03 65.75
CA SER A 674 -27.35 30.28 66.43
C SER A 674 -28.19 30.09 67.69
N CYS A 675 -29.19 29.20 67.63
CA CYS A 675 -29.92 28.85 68.83
C CYS A 675 -29.00 28.21 69.85
N ILE A 676 -28.11 27.32 69.41
CA ILE A 676 -27.15 26.70 70.34
C ILE A 676 -26.29 27.78 71.01
N LEU A 677 -25.77 28.73 70.21
CA LEU A 677 -24.90 29.77 70.73
C LEU A 677 -25.65 30.70 71.68
N VAL A 678 -26.88 31.09 71.34
CA VAL A 678 -27.63 32.01 72.19
C VAL A 678 -28.01 31.31 73.49
N LYS A 679 -28.14 29.99 73.48
CA LYS A 679 -28.35 29.28 74.73
C LYS A 679 -27.07 29.18 75.55
N THR A 680 -25.93 29.00 74.89
CA THR A 680 -24.68 28.83 75.62
C THR A 680 -24.18 30.14 76.24
N ASN A 681 -24.29 31.25 75.53
CA ASN A 681 -23.66 32.49 76.00
C ASN A 681 -24.34 33.01 77.26
N ARG A 682 -25.67 33.07 77.26
CA ARG A 682 -26.40 33.61 78.40
C ARG A 682 -27.71 32.87 78.54
N VAL A 683 -27.90 32.20 79.69
CA VAL A 683 -29.13 31.43 79.92
C VAL A 683 -30.31 32.39 80.11
N LEU A 684 -30.07 33.52 80.77
CA LEU A 684 -31.14 34.45 81.11
C LEU A 684 -31.19 35.60 80.10
N LEU A 685 -32.07 36.57 80.37
CA LEU A 685 -32.36 37.61 79.40
C LEU A 685 -31.19 38.60 79.28
N VAL A 686 -31.10 39.24 78.12
CA VAL A 686 -30.05 40.20 77.84
C VAL A 686 -30.50 41.58 78.31
N PHE A 687 -29.55 42.50 78.47
CA PHE A 687 -29.82 43.84 78.97
C PHE A 687 -29.31 44.88 77.97
N GLU A 688 -29.99 46.02 77.95
CA GLU A 688 -29.64 47.11 77.04
C GLU A 688 -30.30 48.38 77.57
N ALA A 689 -29.96 49.51 76.94
CA ALA A 689 -30.54 50.79 77.32
C ALA A 689 -32.02 50.84 76.98
N LYS A 690 -32.75 51.66 77.72
CA LYS A 690 -34.20 51.79 77.58
C LYS A 690 -34.51 53.14 76.95
N ILE A 691 -34.67 53.16 75.63
CA ILE A 691 -34.95 54.38 74.87
C ILE A 691 -36.12 54.11 73.94
N PRO A 692 -36.92 55.12 73.59
CA PRO A 692 -38.01 54.90 72.63
C PRO A 692 -37.50 55.01 71.19
N THR A 693 -37.74 53.96 70.41
CA THR A 693 -37.33 53.91 69.01
C THR A 693 -38.43 53.33 68.15
N SER A 694 -38.10 52.98 66.90
CA SER A 694 -39.08 52.42 65.98
C SER A 694 -39.64 51.10 66.48
N PHE A 695 -38.77 50.26 67.04
CA PHE A 695 -39.16 48.95 67.55
C PHE A 695 -39.97 49.11 68.84
N HIS A 696 -40.51 47.99 69.32
CA HIS A 696 -41.24 47.97 70.58
C HIS A 696 -40.28 47.81 71.74
N ARG A 697 -40.81 47.89 72.97
CA ARG A 697 -39.98 47.97 74.15
C ARG A 697 -39.96 46.70 75.01
N LYS A 698 -40.92 45.78 74.83
CA LYS A 698 -41.07 44.71 75.81
C LYS A 698 -40.01 43.64 75.62
N TRP A 699 -39.43 43.55 74.42
CA TRP A 699 -38.49 42.47 74.13
C TRP A 699 -37.27 42.53 75.03
N TRP A 700 -36.98 43.69 75.61
CA TRP A 700 -35.91 43.83 76.61
C TRP A 700 -34.56 43.43 76.05
N GLY A 701 -34.35 43.72 74.77
CA GLY A 701 -33.07 43.51 74.13
C GLY A 701 -32.94 42.25 73.30
N LEU A 702 -33.98 41.41 73.24
CA LEU A 702 -33.91 40.22 72.40
C LEU A 702 -33.73 40.57 70.93
N ASN A 703 -34.13 41.78 70.54
CA ASN A 703 -34.05 42.18 69.13
C ASN A 703 -32.62 42.12 68.61
N LEU A 704 -31.62 42.34 69.47
CA LEU A 704 -30.24 42.26 68.99
C LEU A 704 -29.86 40.82 68.65
N GLN A 705 -30.29 39.85 69.45
CA GLN A 705 -30.06 38.45 69.12
C GLN A 705 -30.80 38.07 67.85
N PHE A 706 -32.07 38.50 67.73
CA PHE A 706 -32.81 38.26 66.50
C PHE A 706 -32.07 38.81 65.29
N LEU A 707 -31.56 40.03 65.39
CA LEU A 707 -30.92 40.65 64.23
C LEU A 707 -29.54 40.06 63.96
N LEU A 708 -28.88 39.50 64.97
CA LEU A 708 -27.63 38.78 64.71
C LEU A 708 -27.89 37.52 63.89
N VAL A 709 -28.84 36.70 64.35
CA VAL A 709 -29.22 35.54 63.57
C VAL A 709 -29.70 35.97 62.19
N PHE A 710 -30.45 37.08 62.15
CA PHE A 710 -31.00 37.58 60.89
C PHE A 710 -29.89 37.99 59.93
N LEU A 711 -28.86 38.70 60.43
CA LEU A 711 -27.77 39.11 59.56
C LEU A 711 -27.04 37.91 58.99
N CYS A 712 -26.83 36.86 59.80
CA CYS A 712 -26.31 35.62 59.23
C CYS A 712 -27.22 35.10 58.11
N THR A 713 -28.53 35.04 58.39
CA THR A 713 -29.46 34.54 57.39
C THR A 713 -29.40 35.36 56.11
N PHE A 714 -29.43 36.70 56.23
CA PHE A 714 -29.32 37.53 55.03
C PHE A 714 -28.07 37.17 54.27
N MET A 715 -26.89 37.42 54.84
CA MET A 715 -25.67 37.24 54.05
C MET A 715 -25.72 35.92 53.30
N GLN A 716 -26.29 34.88 53.95
CA GLN A 716 -26.48 33.61 53.26
C GLN A 716 -27.40 33.74 52.04
N ILE A 717 -28.61 34.29 52.20
CA ILE A 717 -29.54 34.21 51.07
C ILE A 717 -29.19 35.25 50.00
N VAL A 718 -28.58 36.37 50.39
CA VAL A 718 -28.14 37.33 49.37
C VAL A 718 -26.98 36.77 48.56
N ILE A 719 -26.03 36.07 49.19
CA ILE A 719 -25.00 35.45 48.37
C ILE A 719 -25.59 34.33 47.52
N CYS A 720 -26.64 33.66 48.03
CA CYS A 720 -27.37 32.69 47.23
C CYS A 720 -27.90 33.33 45.95
N VAL A 721 -28.62 34.46 46.10
CA VAL A 721 -29.16 35.11 44.92
C VAL A 721 -28.06 35.70 44.04
N ILE A 722 -26.91 36.06 44.62
CA ILE A 722 -25.80 36.53 43.79
C ILE A 722 -25.32 35.43 42.87
N TRP A 723 -25.18 34.20 43.38
CA TRP A 723 -24.85 33.16 42.41
C TRP A 723 -26.07 32.66 41.65
N LEU A 724 -27.27 33.11 42.00
CA LEU A 724 -28.45 32.75 41.22
C LEU A 724 -28.57 33.58 39.94
N TYR A 725 -28.64 34.91 40.09
CA TYR A 725 -28.93 35.74 38.92
C TYR A 725 -27.75 35.86 37.97
N THR A 726 -26.53 35.76 38.48
CA THR A 726 -25.36 35.85 37.61
C THR A 726 -25.33 34.70 36.59
N ALA A 727 -25.48 33.47 37.08
CA ALA A 727 -25.53 32.28 36.25
C ALA A 727 -26.04 31.12 37.09
N PRO A 728 -26.99 30.33 36.59
CA PRO A 728 -27.52 29.22 37.39
C PRO A 728 -26.41 28.25 37.78
N PRO A 729 -26.41 27.78 39.03
CA PRO A 729 -25.31 26.92 39.48
C PRO A 729 -25.42 25.50 38.96
N SER A 730 -25.01 25.27 37.72
CA SER A 730 -25.03 23.95 37.10
C SER A 730 -23.62 23.59 36.66
N SER A 731 -23.13 22.45 37.11
CA SER A 731 -21.81 21.95 36.74
C SER A 731 -21.97 20.83 35.71
N TYR A 732 -20.85 20.25 35.30
CA TYR A 732 -20.88 19.20 34.30
C TYR A 732 -21.49 17.93 34.89
N ARG A 733 -22.29 17.24 34.06
CA ARG A 733 -23.00 16.04 34.48
C ARG A 733 -22.01 14.89 34.63
N ASN A 734 -21.78 14.46 35.86
CA ASN A 734 -20.81 13.41 36.17
C ASN A 734 -21.45 12.30 36.98
N GLN A 735 -20.92 11.10 36.83
CA GLN A 735 -21.36 9.92 37.56
C GLN A 735 -20.17 9.26 38.25
N GLU A 736 -20.45 8.19 38.98
CA GLU A 736 -19.38 7.41 39.60
C GLU A 736 -18.47 6.80 38.53
N LEU A 737 -19.07 6.26 37.47
CA LEU A 737 -18.31 5.76 36.32
C LEU A 737 -19.15 5.99 35.07
N GLU A 738 -18.54 6.59 34.05
CA GLU A 738 -19.27 6.96 32.84
C GLU A 738 -19.63 5.75 31.99
N ASP A 739 -19.10 4.56 32.30
CA ASP A 739 -19.28 3.42 31.42
C ASP A 739 -20.64 2.75 31.65
N GLU A 740 -20.90 2.28 32.87
CA GLU A 740 -22.12 1.56 33.19
C GLU A 740 -23.03 2.26 34.17
N ILE A 741 -22.54 3.23 34.94
CA ILE A 741 -23.32 3.88 35.99
C ILE A 741 -23.85 5.20 35.46
N ILE A 742 -25.16 5.38 35.56
CA ILE A 742 -25.83 6.62 35.16
C ILE A 742 -26.65 7.08 36.36
N PHE A 743 -26.03 7.92 37.20
CA PHE A 743 -26.65 8.42 38.42
C PHE A 743 -26.73 9.93 38.35
N ILE A 744 -27.93 10.48 38.51
CA ILE A 744 -28.10 11.93 38.53
C ILE A 744 -27.68 12.46 39.89
N THR A 745 -26.87 13.51 39.89
CA THR A 745 -26.35 14.13 41.10
C THR A 745 -26.81 15.59 41.18
N CYS A 746 -26.28 16.31 42.17
CA CYS A 746 -26.59 17.72 42.30
C CYS A 746 -26.07 18.52 41.11
N HIS A 747 -24.91 18.14 40.59
CA HIS A 747 -24.24 18.80 39.47
C HIS A 747 -24.33 20.33 39.57
N GLU A 748 -23.90 20.83 40.73
CA GLU A 748 -23.96 22.26 41.01
C GLU A 748 -22.61 22.94 40.80
N GLY A 749 -21.57 22.48 41.46
CA GLY A 749 -20.26 23.06 41.33
C GLY A 749 -19.48 22.93 42.63
N SER A 750 -18.34 23.63 42.67
CA SER A 750 -17.51 23.60 43.87
C SER A 750 -18.20 24.31 45.04
N LEU A 751 -18.97 25.35 44.76
CA LEU A 751 -19.69 26.11 45.77
C LEU A 751 -18.71 26.69 46.80
N MET A 752 -17.85 27.59 46.30
CA MET A 752 -16.82 28.19 47.15
C MET A 752 -17.43 28.96 48.32
N ALA A 753 -18.46 29.77 48.04
CA ALA A 753 -19.09 30.54 49.11
C ALA A 753 -19.82 29.63 50.09
N LEU A 754 -20.36 28.50 49.61
CA LEU A 754 -20.96 27.54 50.51
C LEU A 754 -19.93 26.97 51.49
N GLY A 755 -18.74 26.63 50.99
CA GLY A 755 -17.68 26.19 51.87
C GLY A 755 -17.26 27.28 52.84
N PHE A 756 -17.22 28.53 52.35
CA PHE A 756 -16.85 29.64 53.23
C PHE A 756 -17.85 29.81 54.37
N LEU A 757 -19.15 29.73 54.05
CA LEU A 757 -20.16 29.88 55.10
C LEU A 757 -20.18 28.68 56.03
N ILE A 758 -19.90 27.48 55.53
CA ILE A 758 -19.79 26.32 56.40
C ILE A 758 -18.61 26.48 57.37
N GLY A 759 -17.48 26.97 56.85
CA GLY A 759 -16.35 27.25 57.73
C GLY A 759 -16.67 28.32 58.76
N TYR A 760 -17.41 29.35 58.36
CA TYR A 760 -17.81 30.39 59.29
C TYR A 760 -18.73 29.83 60.37
N THR A 761 -19.63 28.94 59.99
CA THR A 761 -20.49 28.28 60.97
C THR A 761 -19.68 27.43 61.95
N CYS A 762 -18.68 26.71 61.44
CA CYS A 762 -17.80 25.93 62.31
C CYS A 762 -17.03 26.84 63.26
N LEU A 763 -16.56 27.98 62.77
CA LEU A 763 -15.87 28.94 63.64
C LEU A 763 -16.83 29.47 64.71
N LEU A 764 -18.06 29.79 64.33
CA LEU A 764 -19.05 30.22 65.32
C LEU A 764 -19.28 29.14 66.37
N ALA A 765 -19.22 27.87 65.98
CA ALA A 765 -19.31 26.79 66.99
C ALA A 765 -18.07 26.83 67.87
N ALA A 766 -16.92 27.15 67.30
CA ALA A 766 -15.70 27.27 68.11
C ALA A 766 -15.76 28.45 69.07
N ILE A 767 -16.60 29.45 68.79
CA ILE A 767 -16.76 30.57 69.71
C ILE A 767 -17.66 30.15 70.87
N CYS A 768 -17.58 30.91 71.97
CA CYS A 768 -18.34 30.70 73.20
C CYS A 768 -17.90 29.45 73.96
N PHE A 769 -16.72 28.91 73.65
CA PHE A 769 -16.12 27.90 74.53
C PHE A 769 -15.79 28.50 75.89
N PHE A 770 -15.25 29.72 75.90
CA PHE A 770 -14.84 30.33 77.16
C PHE A 770 -16.04 30.72 78.02
N PHE A 771 -17.17 31.07 77.39
CA PHE A 771 -18.38 31.29 78.17
C PHE A 771 -18.95 29.98 78.70
N ALA A 772 -18.81 28.90 77.93
CA ALA A 772 -19.11 27.58 78.47
C ALA A 772 -18.22 27.25 79.66
N PHE A 773 -16.99 27.79 79.68
CA PHE A 773 -16.12 27.58 80.82
C PHE A 773 -16.51 28.45 82.02
N LYS A 774 -16.89 29.69 81.76
CA LYS A 774 -17.43 30.53 82.82
C LYS A 774 -18.71 29.91 83.39
N SER A 775 -19.39 29.07 82.59
CA SER A 775 -20.41 28.18 83.10
C SER A 775 -19.98 26.92 83.86
N ARG A 776 -18.77 26.43 83.60
CA ARG A 776 -18.26 25.23 84.32
C ARG A 776 -17.86 25.61 85.76
N LYS A 777 -17.49 26.87 86.00
CA LYS A 777 -17.00 27.26 87.33
C LYS A 777 -18.22 27.38 88.24
N LEU A 778 -19.11 28.31 87.95
CA LEU A 778 -20.23 28.56 88.85
C LEU A 778 -21.26 27.44 88.73
N PRO A 779 -21.88 27.02 89.84
CA PRO A 779 -23.00 26.07 89.77
C PRO A 779 -24.26 26.79 89.33
N GLU A 780 -24.80 26.39 88.18
CA GLU A 780 -25.97 27.02 87.58
C GLU A 780 -27.14 26.05 87.62
N ASN A 781 -28.30 26.55 88.03
CA ASN A 781 -29.58 25.84 87.99
C ASN A 781 -29.44 24.35 88.28
N PHE A 782 -28.69 24.03 89.34
CA PHE A 782 -28.41 22.64 89.73
C PHE A 782 -27.69 21.87 88.61
N ASN A 783 -26.61 22.48 88.09
CA ASN A 783 -25.59 21.80 87.30
C ASN A 783 -26.18 21.17 86.03
N GLU A 784 -26.63 22.02 85.12
CA GLU A 784 -27.10 21.57 83.82
C GLU A 784 -26.23 22.01 82.65
N ALA A 785 -25.42 23.07 82.82
CA ALA A 785 -24.68 23.61 81.68
C ALA A 785 -23.41 22.80 81.40
N LYS A 786 -22.91 22.04 82.37
CA LYS A 786 -21.76 21.18 82.13
C LYS A 786 -22.10 20.08 81.13
N PHE A 787 -23.30 19.51 81.26
CA PHE A 787 -23.76 18.52 80.29
C PHE A 787 -23.84 19.14 78.90
N ILE A 788 -24.38 20.36 78.81
CA ILE A 788 -24.41 21.08 77.55
C ILE A 788 -23.00 21.25 77.01
N THR A 789 -22.04 21.55 77.89
CA THR A 789 -20.67 21.82 77.44
C THR A 789 -20.02 20.59 76.85
N PHE A 790 -20.08 19.45 77.56
CA PHE A 790 -19.38 18.25 77.04
C PHE A 790 -20.14 17.71 75.83
N SER A 791 -21.47 17.85 75.78
CA SER A 791 -22.23 17.42 74.62
C SER A 791 -21.89 18.28 73.40
N MET A 792 -21.83 19.60 73.61
CA MET A 792 -21.22 20.50 72.63
C MET A 792 -19.93 19.92 72.08
N LEU A 793 -18.96 19.68 72.96
CA LEU A 793 -17.66 19.18 72.54
C LEU A 793 -17.79 17.92 71.69
N ILE A 794 -18.40 16.86 72.26
CA ILE A 794 -18.37 15.55 71.62
C ILE A 794 -19.13 15.58 70.28
N PHE A 795 -20.31 16.20 70.26
CA PHE A 795 -21.11 16.18 69.04
C PHE A 795 -20.53 17.09 67.97
N PHE A 796 -20.00 18.26 68.34
CA PHE A 796 -19.35 19.10 67.34
C PHE A 796 -18.14 18.41 66.74
N ILE A 797 -17.32 17.76 67.58
CA ILE A 797 -16.12 17.12 67.04
C ILE A 797 -16.50 15.91 66.19
N VAL A 798 -17.52 15.15 66.58
CA VAL A 798 -17.89 13.99 65.77
C VAL A 798 -18.48 14.43 64.43
N TRP A 799 -19.27 15.52 64.43
CA TRP A 799 -19.81 16.02 63.17
C TRP A 799 -18.70 16.54 62.26
N ILE A 800 -17.75 17.29 62.82
CA ILE A 800 -16.67 17.83 62.01
C ILE A 800 -15.70 16.73 61.57
N SER A 801 -15.66 15.60 62.27
CA SER A 801 -14.81 14.49 61.86
C SER A 801 -15.49 13.60 60.83
N PHE A 802 -16.81 13.54 60.83
CA PHE A 802 -17.53 12.72 59.86
C PHE A 802 -17.97 13.46 58.62
N ILE A 803 -17.97 14.79 58.62
CA ILE A 803 -18.29 15.55 57.41
C ILE A 803 -17.27 15.32 56.29
N PRO A 804 -15.95 15.29 56.53
CA PRO A 804 -15.04 15.08 55.39
C PRO A 804 -15.06 13.65 54.89
N ALA A 805 -15.39 12.68 55.75
CA ALA A 805 -15.57 11.32 55.29
C ALA A 805 -16.71 11.23 54.28
N TYR A 806 -17.83 11.91 54.56
CA TYR A 806 -18.90 12.00 53.58
C TYR A 806 -18.44 12.73 52.34
N ALA A 807 -17.67 13.81 52.51
CA ALA A 807 -17.21 14.60 51.37
C ALA A 807 -16.24 13.82 50.48
N SER A 808 -15.61 12.77 51.00
CA SER A 808 -14.59 12.04 50.27
C SER A 808 -15.04 10.65 49.85
N THR A 809 -15.74 9.92 50.72
CA THR A 809 -16.09 8.54 50.43
C THR A 809 -17.10 8.44 49.29
N TYR A 810 -16.98 7.36 48.51
CA TYR A 810 -17.90 7.11 47.41
C TYR A 810 -19.33 6.87 47.89
N GLY A 811 -19.52 6.54 49.17
CA GLY A 811 -20.81 6.15 49.68
C GLY A 811 -21.91 7.17 49.44
N LYS A 812 -21.56 8.44 49.28
CA LYS A 812 -22.56 9.47 49.01
C LYS A 812 -23.40 9.13 47.80
N PHE A 813 -22.85 8.39 46.84
CA PHE A 813 -23.64 7.99 45.67
C PHE A 813 -24.62 6.86 46.01
N VAL A 814 -24.20 5.89 46.82
CA VAL A 814 -25.06 4.76 47.10
C VAL A 814 -26.02 5.09 48.24
N SER A 815 -25.56 5.84 49.24
CA SER A 815 -26.41 6.22 50.36
C SER A 815 -25.78 7.42 51.05
N ALA A 816 -26.52 8.53 51.13
CA ALA A 816 -25.97 9.75 51.70
C ALA A 816 -25.57 9.55 53.16
N VAL A 817 -24.37 10.01 53.49
CA VAL A 817 -23.89 9.97 54.87
C VAL A 817 -24.15 11.28 55.60
N GLU A 818 -24.29 12.39 54.87
CA GLU A 818 -24.57 13.66 55.53
C GLU A 818 -25.92 13.62 56.25
N VAL A 819 -26.89 12.89 55.69
CA VAL A 819 -28.21 12.82 56.32
C VAL A 819 -28.12 12.17 57.69
N ILE A 820 -27.44 11.03 57.79
CA ILE A 820 -27.34 10.34 59.06
C ILE A 820 -26.49 11.15 60.04
N ALA A 821 -25.44 11.79 59.54
CA ALA A 821 -24.61 12.63 60.39
C ALA A 821 -25.42 13.77 61.01
N ILE A 822 -26.19 14.48 60.18
CA ILE A 822 -26.94 15.63 60.69
C ILE A 822 -28.09 15.19 61.58
N LEU A 823 -28.74 14.06 61.28
CA LEU A 823 -29.82 13.62 62.16
C LEU A 823 -29.28 13.17 63.51
N ALA A 824 -28.12 12.48 63.52
CA ALA A 824 -27.50 12.12 64.79
C ALA A 824 -27.09 13.37 65.56
N ALA A 825 -26.54 14.37 64.86
CA ALA A 825 -26.15 15.61 65.52
C ALA A 825 -27.34 16.32 66.12
N SER A 826 -28.47 16.36 65.39
CA SER A 826 -29.66 17.02 65.91
C SER A 826 -30.24 16.27 67.11
N PHE A 827 -30.24 14.94 67.05
CA PHE A 827 -30.71 14.15 68.19
C PHE A 827 -29.83 14.42 69.42
N GLY A 828 -28.52 14.47 69.22
CA GLY A 828 -27.64 14.82 70.33
C GLY A 828 -27.89 16.22 70.86
N LEU A 829 -28.10 17.17 69.96
CA LEU A 829 -28.34 18.55 70.37
C LEU A 829 -29.61 18.67 71.20
N LEU A 830 -30.68 17.97 70.81
CA LEU A 830 -31.88 17.99 71.63
C LEU A 830 -31.68 17.24 72.95
N ALA A 831 -30.93 16.13 72.94
CA ALA A 831 -30.63 15.43 74.18
C ALA A 831 -29.76 16.25 75.12
N CYS A 832 -29.10 17.29 74.61
CA CYS A 832 -28.28 18.14 75.47
C CYS A 832 -29.10 18.75 76.60
N ILE A 833 -30.20 19.42 76.25
CA ILE A 833 -30.94 20.25 77.20
C ILE A 833 -32.38 19.78 77.35
N PHE A 834 -33.04 19.39 76.26
CA PHE A 834 -34.47 19.08 76.34
C PHE A 834 -34.75 17.96 77.34
N PHE A 835 -33.97 16.89 77.28
CA PHE A 835 -34.16 15.78 78.22
C PHE A 835 -33.93 16.22 79.66
N ASN A 836 -32.85 16.97 79.88
CA ASN A 836 -32.48 17.38 81.24
C ASN A 836 -33.57 18.27 81.85
N LYS A 837 -34.03 19.27 81.11
CA LYS A 837 -35.05 20.16 81.66
C LYS A 837 -36.45 19.54 81.65
N ILE A 838 -36.70 18.54 80.81
CA ILE A 838 -37.94 17.77 80.96
C ILE A 838 -37.92 17.03 82.28
N TYR A 839 -36.78 16.42 82.62
CA TYR A 839 -36.64 15.79 83.92
C TYR A 839 -36.78 16.82 85.05
N ILE A 840 -36.19 18.01 84.85
CA ILE A 840 -36.25 19.05 85.88
C ILE A 840 -37.70 19.46 86.14
N ILE A 841 -38.47 19.69 85.07
CA ILE A 841 -39.85 20.11 85.26
C ILE A 841 -40.70 18.94 85.77
N LEU A 842 -40.30 17.71 85.46
CA LEU A 842 -40.92 16.56 86.14
C LEU A 842 -40.62 16.57 87.63
N PHE A 843 -39.49 17.16 88.04
CA PHE A 843 -39.19 17.33 89.46
C PHE A 843 -39.88 18.59 90.02
N LYS A 844 -39.63 19.74 89.42
CA LYS A 844 -40.20 21.00 89.86
C LYS A 844 -40.95 21.67 88.71
N PRO A 845 -42.29 21.63 88.71
CA PRO A 845 -43.04 22.23 87.59
C PRO A 845 -42.86 23.73 87.45
N SER A 846 -42.42 24.43 88.50
CA SER A 846 -42.37 25.89 88.47
C SER A 846 -41.32 26.41 87.49
N ARG A 847 -40.42 25.57 87.01
CA ARG A 847 -39.40 25.95 86.04
C ARG A 847 -38.50 27.07 86.55
N GLN B 1 2.51 -1.62 -21.35
CA GLN B 1 2.61 -1.86 -19.92
C GLN B 1 1.45 -1.22 -19.16
N VAL B 2 0.42 -0.82 -19.90
CA VAL B 2 -0.76 -0.17 -19.35
C VAL B 2 -1.93 -1.13 -19.42
N GLN B 3 -2.66 -1.26 -18.31
CA GLN B 3 -3.83 -2.13 -18.23
C GLN B 3 -4.96 -1.38 -17.55
N LEU B 4 -6.19 -1.78 -17.87
CA LEU B 4 -7.36 -1.14 -17.30
C LEU B 4 -8.54 -2.11 -17.36
N GLN B 5 -9.53 -1.87 -16.51
CA GLN B 5 -10.72 -2.68 -16.47
C GLN B 5 -11.92 -1.79 -16.15
N GLU B 6 -13.06 -2.12 -16.73
CA GLU B 6 -14.28 -1.34 -16.53
C GLU B 6 -15.11 -1.90 -15.39
N SER B 7 -15.88 -1.02 -14.75
CA SER B 7 -16.73 -1.41 -13.63
C SER B 7 -17.92 -0.47 -13.58
N GLY B 8 -18.95 -0.91 -12.85
CA GLY B 8 -20.16 -0.12 -12.71
C GLY B 8 -21.04 -0.08 -13.92
N GLY B 9 -21.08 -1.17 -14.69
CA GLY B 9 -21.94 -1.23 -15.87
C GLY B 9 -23.34 -1.73 -15.54
N GLY B 10 -24.29 -0.81 -15.42
CA GLY B 10 -25.65 -1.16 -15.10
C GLY B 10 -26.64 -0.34 -15.91
N SER B 11 -27.91 -0.72 -15.80
CA SER B 11 -28.99 -0.08 -16.52
C SER B 11 -29.79 0.80 -15.57
N VAL B 12 -29.99 2.06 -15.96
CA VAL B 12 -30.74 3.02 -15.16
C VAL B 12 -31.82 3.65 -16.02
N GLN B 13 -32.54 4.62 -15.47
CA GLN B 13 -33.55 5.34 -16.23
C GLN B 13 -32.94 6.57 -16.89
N ALA B 14 -33.79 7.35 -17.56
CA ALA B 14 -33.31 8.57 -18.22
C ALA B 14 -32.78 9.56 -17.19
N GLY B 15 -33.48 9.73 -16.07
CA GLY B 15 -33.03 10.57 -14.98
C GLY B 15 -32.12 9.89 -13.99
N GLY B 16 -31.81 8.61 -14.20
CA GLY B 16 -30.97 7.89 -13.26
C GLY B 16 -29.51 8.27 -13.40
N SER B 17 -28.73 7.83 -12.40
CA SER B 17 -27.31 8.10 -12.34
C SER B 17 -26.53 6.80 -12.54
N LEU B 18 -25.42 6.91 -13.27
CA LEU B 18 -24.56 5.77 -13.52
C LEU B 18 -23.15 6.08 -13.01
N ARG B 19 -22.53 5.10 -12.38
CA ARG B 19 -21.21 5.22 -11.79
C ARG B 19 -20.23 4.34 -12.56
N LEU B 20 -19.10 4.92 -12.96
CA LEU B 20 -18.05 4.18 -13.66
C LEU B 20 -16.74 4.42 -12.92
N SER B 21 -16.07 3.34 -12.52
CA SER B 21 -14.80 3.43 -11.81
C SER B 21 -13.80 2.49 -12.49
N CYS B 22 -12.62 3.01 -12.82
CA CYS B 22 -11.62 2.21 -13.50
C CYS B 22 -10.24 2.50 -12.94
N ALA B 23 -9.57 1.46 -12.46
CA ALA B 23 -8.28 1.57 -11.79
C ALA B 23 -7.17 1.06 -12.71
N ALA B 24 -6.13 1.88 -12.88
CA ALA B 24 -4.98 1.48 -13.68
C ALA B 24 -4.12 0.49 -12.91
N SER B 25 -3.43 -0.37 -13.65
CA SER B 25 -2.57 -1.40 -13.08
C SER B 25 -1.18 -1.28 -13.68
N GLY B 26 -0.17 -1.11 -12.82
CA GLY B 26 1.21 -1.08 -13.25
C GLY B 26 1.66 0.18 -13.94
N PHE B 27 0.86 1.24 -13.91
CA PHE B 27 1.21 2.46 -14.62
C PHE B 27 0.75 3.69 -13.85
N PRO B 28 1.67 4.48 -13.29
CA PRO B 28 1.27 5.72 -12.63
C PRO B 28 0.71 6.72 -13.62
N ILE B 29 -0.31 7.48 -13.19
CA ILE B 29 -0.99 8.42 -14.07
C ILE B 29 -0.30 9.77 -14.13
N SER B 30 0.81 9.95 -13.40
CA SER B 30 1.49 11.24 -13.38
C SER B 30 2.03 11.60 -14.76
N THR B 31 2.61 10.63 -15.47
CA THR B 31 3.22 10.91 -16.77
C THR B 31 2.17 11.35 -17.79
N TYR B 32 1.04 10.66 -17.86
CA TYR B 32 -0.02 11.03 -18.78
C TYR B 32 -1.35 10.50 -18.29
N ASP B 33 -2.42 11.00 -18.90
CA ASP B 33 -3.78 10.73 -18.46
C ASP B 33 -4.32 9.46 -19.15
N MET B 34 -5.63 9.25 -19.06
CA MET B 34 -6.28 8.07 -19.62
C MET B 34 -7.64 8.49 -20.13
N GLY B 35 -7.75 8.74 -21.44
CA GLY B 35 -8.96 9.33 -21.98
C GLY B 35 -10.11 8.34 -22.09
N TRP B 36 -11.32 8.87 -22.00
CA TRP B 36 -12.55 8.08 -22.05
C TRP B 36 -13.46 8.63 -23.15
N PHE B 37 -14.05 7.73 -23.93
CA PHE B 37 -14.90 8.10 -25.05
C PHE B 37 -16.13 7.21 -25.08
N ARG B 38 -17.19 7.67 -25.74
CA ARG B 38 -18.47 6.97 -25.77
C ARG B 38 -18.84 6.67 -27.22
N GLN B 39 -18.86 5.38 -27.57
CA GLN B 39 -19.18 4.95 -28.92
C GLN B 39 -20.50 4.19 -28.93
N ALA B 40 -21.42 4.62 -29.77
CA ALA B 40 -22.62 3.82 -30.00
C ALA B 40 -22.21 2.58 -30.79
N PRO B 41 -22.51 1.37 -30.32
CA PRO B 41 -22.07 0.18 -31.05
C PRO B 41 -22.65 0.12 -32.45
N GLY B 42 -21.81 -0.29 -33.39
CA GLY B 42 -22.20 -0.33 -34.79
C GLY B 42 -21.84 0.90 -35.58
N LYS B 43 -21.11 1.85 -35.02
CA LYS B 43 -20.71 3.04 -35.74
C LYS B 43 -19.38 3.55 -35.17
N GLU B 44 -18.95 4.72 -35.62
CA GLU B 44 -17.64 5.25 -35.29
C GLU B 44 -17.58 5.72 -33.84
N ARG B 45 -16.38 5.66 -33.27
CA ARG B 45 -16.18 6.02 -31.86
C ARG B 45 -16.17 7.53 -31.70
N GLU B 46 -16.90 8.02 -30.69
CA GLU B 46 -17.05 9.44 -30.43
C GLU B 46 -16.58 9.74 -29.01
N GLY B 47 -15.92 10.89 -28.85
CA GLY B 47 -15.42 11.29 -27.55
C GLY B 47 -16.28 12.33 -26.86
N VAL B 48 -17.08 11.90 -25.89
CA VAL B 48 -17.94 12.84 -25.17
C VAL B 48 -17.11 13.73 -24.26
N VAL B 49 -16.12 13.16 -23.58
CA VAL B 49 -15.31 13.90 -22.61
C VAL B 49 -13.84 13.71 -22.96
N GLY B 50 -13.02 14.63 -22.47
CA GLY B 50 -11.59 14.54 -22.67
C GLY B 50 -10.80 15.00 -21.46
N ILE B 51 -9.92 14.15 -20.97
CA ILE B 51 -9.06 14.45 -19.82
C ILE B 51 -7.76 15.03 -20.33
N THR B 52 -7.16 15.89 -19.52
CA THR B 52 -5.83 16.45 -19.78
C THR B 52 -4.91 16.09 -18.64
N ASP B 53 -3.68 15.69 -18.97
CA ASP B 53 -2.71 15.28 -17.95
C ASP B 53 -2.37 16.42 -16.99
N SER B 54 -2.62 17.67 -17.39
CA SER B 54 -2.48 18.82 -16.50
C SER B 54 -3.72 19.06 -15.66
N PHE B 55 -4.55 18.04 -15.48
CA PHE B 55 -5.80 18.08 -14.71
C PHE B 55 -6.86 18.98 -15.33
N SER B 56 -6.66 19.43 -16.56
CA SER B 56 -7.70 20.15 -17.26
C SER B 56 -8.72 19.18 -17.85
N ILE B 57 -9.89 19.73 -18.19
CA ILE B 57 -10.97 18.93 -18.76
C ILE B 57 -11.48 19.63 -20.02
N LYS B 58 -12.05 18.83 -20.93
CA LYS B 58 -12.59 19.36 -22.17
C LYS B 58 -13.88 18.62 -22.49
N TYR B 59 -14.97 19.36 -22.66
CA TYR B 59 -16.29 18.80 -22.84
C TYR B 59 -16.88 19.23 -24.17
N GLU B 60 -17.75 18.39 -24.72
CA GLU B 60 -18.49 18.77 -25.92
C GLU B 60 -19.68 19.66 -25.53
N ASP B 61 -20.49 20.03 -26.53
CA ASP B 61 -21.54 21.01 -26.30
C ASP B 61 -22.57 20.53 -25.28
N SER B 62 -22.97 19.27 -25.36
CA SER B 62 -24.07 18.76 -24.55
C SER B 62 -23.62 18.13 -23.24
N VAL B 63 -22.31 18.01 -23.01
CA VAL B 63 -21.83 17.27 -21.80
C VAL B 63 -22.16 18.04 -20.52
N LYS B 64 -22.09 19.38 -20.57
CA LYS B 64 -22.32 20.23 -19.38
C LYS B 64 -23.66 19.90 -18.72
N GLY B 65 -23.66 19.63 -17.42
CA GLY B 65 -24.88 19.34 -16.69
C GLY B 65 -25.20 17.88 -16.47
N ARG B 66 -24.48 16.96 -17.13
CA ARG B 66 -24.77 15.54 -16.97
C ARG B 66 -23.54 14.67 -16.72
N PHE B 67 -22.33 15.08 -17.13
CA PHE B 67 -21.13 14.28 -16.92
C PHE B 67 -20.23 14.94 -15.89
N THR B 68 -19.67 14.14 -14.98
CA THR B 68 -18.62 14.60 -14.09
C THR B 68 -17.47 13.61 -14.15
N ILE B 69 -16.25 14.12 -14.34
CA ILE B 69 -15.06 13.31 -14.50
C ILE B 69 -14.12 13.61 -13.33
N SER B 70 -13.61 12.55 -12.70
CA SER B 70 -12.71 12.70 -11.56
C SER B 70 -11.45 11.89 -11.81
N ARG B 71 -10.29 12.52 -11.60
CA ARG B 71 -9.00 11.86 -11.76
C ARG B 71 -7.98 12.56 -10.88
N ASP B 72 -7.13 11.77 -10.23
CA ASP B 72 -6.11 12.30 -9.33
C ASP B 72 -4.82 11.48 -9.50
N ASN B 73 -3.70 12.13 -9.15
CA ASN B 73 -2.40 11.47 -9.28
C ASN B 73 -2.16 10.47 -8.16
N ALA B 74 -2.65 10.77 -6.96
CA ALA B 74 -2.38 9.91 -5.81
C ALA B 74 -2.97 8.52 -5.99
N LYS B 75 -4.17 8.45 -6.54
CA LYS B 75 -4.93 7.21 -6.63
C LYS B 75 -4.89 6.59 -8.03
N ASN B 76 -4.43 7.35 -9.03
CA ASN B 76 -4.25 6.93 -10.43
C ASN B 76 -5.38 6.03 -10.94
N ALA B 77 -6.61 6.53 -10.81
CA ALA B 77 -7.77 5.88 -11.40
C ALA B 77 -8.78 6.95 -11.79
N LEU B 78 -9.82 6.50 -12.52
CA LEU B 78 -10.79 7.47 -13.08
C LEU B 78 -12.24 7.18 -12.74
N TYR B 79 -12.98 8.18 -12.27
CA TYR B 79 -14.40 8.11 -12.01
C TYR B 79 -15.17 8.90 -13.07
N LEU B 80 -16.29 8.32 -13.51
CA LEU B 80 -17.23 8.94 -14.44
C LEU B 80 -18.62 8.83 -13.84
N GLN B 81 -19.21 9.96 -13.45
CA GLN B 81 -20.54 9.99 -12.86
C GLN B 81 -21.51 10.65 -13.83
N MET B 82 -22.64 10.00 -14.08
CA MET B 82 -23.63 10.49 -15.02
C MET B 82 -24.99 10.65 -14.34
N ASN B 83 -25.66 11.76 -14.62
CA ASN B 83 -26.99 12.02 -14.11
C ASN B 83 -27.76 12.85 -15.14
N SER B 84 -29.10 12.78 -15.04
CA SER B 84 -29.98 13.46 -15.99
C SER B 84 -29.60 13.10 -17.44
N LEU B 85 -29.36 11.82 -17.67
CA LEU B 85 -28.81 11.36 -18.93
C LEU B 85 -29.82 11.47 -20.06
N LYS B 86 -29.31 11.45 -21.28
CA LYS B 86 -30.17 11.43 -22.46
C LYS B 86 -30.90 10.08 -22.51
N PRO B 87 -32.11 10.05 -23.08
CA PRO B 87 -32.91 8.81 -23.01
C PRO B 87 -32.25 7.59 -23.63
N GLU B 88 -31.49 7.77 -24.72
CA GLU B 88 -30.83 6.63 -25.43
C GLU B 88 -29.42 6.42 -24.89
N ASP B 89 -29.26 5.78 -23.73
CA ASP B 89 -27.99 5.65 -23.04
C ASP B 89 -27.21 4.41 -23.48
N THR B 90 -27.68 3.71 -24.52
CA THR B 90 -26.98 2.54 -25.01
C THR B 90 -25.67 2.95 -25.67
N GLY B 91 -24.57 2.35 -25.22
CA GLY B 91 -23.27 2.69 -25.78
C GLY B 91 -22.17 1.96 -25.02
N MET B 92 -20.97 2.06 -25.58
CA MET B 92 -19.78 1.43 -25.02
C MET B 92 -18.79 2.52 -24.64
N TYR B 93 -18.23 2.41 -23.44
CA TYR B 93 -17.23 3.35 -22.97
C TYR B 93 -15.85 2.78 -23.26
N TYR B 94 -15.08 3.47 -24.10
CA TYR B 94 -13.78 3.02 -24.56
C TYR B 94 -12.70 3.87 -23.93
N CYS B 95 -11.67 3.22 -23.40
CA CYS B 95 -10.56 3.88 -22.72
C CYS B 95 -9.31 3.82 -23.58
N ALA B 96 -8.60 4.94 -23.67
CA ALA B 96 -7.44 5.04 -24.54
C ALA B 96 -6.30 5.76 -23.83
N ALA B 97 -5.07 5.38 -24.18
CA ALA B 97 -3.87 5.97 -23.61
C ALA B 97 -2.90 6.33 -24.73
N GLY B 98 -2.30 7.52 -24.62
CA GLY B 98 -1.36 7.98 -25.63
C GLY B 98 -1.38 9.48 -25.82
N ASP B 99 -0.21 10.08 -26.03
CA ASP B 99 -0.10 11.52 -26.19
C ASP B 99 -0.79 11.98 -27.47
N ALA B 100 -1.50 13.10 -27.38
CA ALA B 100 -2.23 13.65 -28.52
C ALA B 100 -2.56 15.11 -28.22
N ARG B 101 -3.31 15.73 -29.13
CA ARG B 101 -3.77 17.10 -28.99
C ARG B 101 -5.19 17.14 -28.43
N TRP B 102 -5.67 18.37 -28.21
CA TRP B 102 -7.05 18.54 -27.75
C TRP B 102 -8.05 18.11 -28.80
N SER B 103 -7.90 18.59 -30.04
CA SER B 103 -8.72 18.09 -31.13
C SER B 103 -8.40 16.64 -31.44
N LEU B 104 -7.14 16.24 -31.30
CA LEU B 104 -6.75 14.86 -31.53
C LEU B 104 -7.39 13.93 -30.50
N LEU B 105 -7.48 14.36 -29.25
CA LEU B 105 -8.19 13.55 -28.26
C LEU B 105 -9.69 13.60 -28.46
N LEU B 106 -10.22 14.71 -28.97
CA LEU B 106 -11.65 14.77 -29.29
C LEU B 106 -12.02 13.78 -30.39
N ARG B 107 -11.19 13.70 -31.45
CA ARG B 107 -11.44 12.67 -32.51
C ARG B 107 -11.13 11.30 -31.90
N ALA B 108 -10.04 11.18 -31.12
CA ALA B 108 -9.74 9.97 -30.36
C ALA B 108 -9.32 8.80 -31.26
N GLU B 109 -8.24 8.99 -32.03
CA GLU B 109 -7.58 7.89 -32.68
C GLU B 109 -6.05 7.96 -32.60
N GLN B 110 -5.48 9.00 -32.00
CA GLN B 110 -4.04 9.12 -31.88
C GLN B 110 -3.46 8.25 -30.76
N TYR B 111 -4.30 7.73 -29.88
CA TYR B 111 -3.82 6.90 -28.78
C TYR B 111 -3.31 5.56 -29.30
N ASN B 112 -2.12 5.16 -28.85
CA ASN B 112 -1.56 3.88 -29.28
C ASN B 112 -2.21 2.71 -28.56
N TYR B 113 -2.54 2.89 -27.28
CA TYR B 113 -3.11 1.81 -26.48
C TYR B 113 -4.59 1.64 -26.78
N TRP B 114 -5.03 0.37 -26.83
CA TRP B 114 -6.42 0.03 -27.09
C TRP B 114 -6.96 -0.80 -25.92
N GLY B 115 -8.13 -0.40 -25.41
CA GLY B 115 -8.76 -1.12 -24.33
C GLY B 115 -9.64 -2.25 -24.82
N GLN B 116 -10.17 -3.02 -23.85
CA GLN B 116 -11.05 -4.12 -24.19
C GLN B 116 -12.42 -3.64 -24.64
N GLY B 117 -12.87 -2.50 -24.12
CA GLY B 117 -14.13 -1.92 -24.55
C GLY B 117 -15.36 -2.59 -23.97
N THR B 118 -15.46 -2.62 -22.65
CA THR B 118 -16.65 -3.16 -22.00
C THR B 118 -17.85 -2.26 -22.26
N GLN B 119 -18.98 -2.88 -22.57
CA GLN B 119 -20.19 -2.16 -22.96
C GLN B 119 -21.34 -2.49 -22.02
N VAL B 120 -22.14 -1.48 -21.70
CA VAL B 120 -23.38 -1.65 -20.94
C VAL B 120 -24.51 -1.03 -21.74
N THR B 121 -25.61 -1.77 -21.87
CA THR B 121 -26.77 -1.31 -22.63
C THR B 121 -27.87 -0.89 -21.65
N VAL B 122 -27.93 0.41 -21.38
CA VAL B 122 -28.97 0.92 -20.49
C VAL B 122 -30.35 0.80 -21.13
N SER B 123 -30.47 1.26 -22.37
CA SER B 123 -31.71 1.15 -23.15
C SER B 123 -32.93 1.63 -22.36
N SER B 124 -32.92 2.91 -22.02
CA SER B 124 -34.01 3.50 -21.27
C SER B 124 -34.62 4.69 -22.01
N ASP C 4 7.70 -3.72 -55.61
CA ASP C 4 7.49 -4.40 -56.88
C ASP C 4 8.66 -4.21 -57.83
N GLN C 5 9.71 -3.55 -57.34
CA GLN C 5 10.95 -3.40 -58.10
C GLN C 5 11.81 -4.65 -57.98
N ARG C 6 12.57 -4.94 -59.04
CA ARG C 6 13.37 -6.16 -59.09
C ARG C 6 14.67 -5.83 -59.82
N ALA C 7 15.76 -5.75 -59.05
CA ALA C 7 17.03 -5.26 -59.56
C ALA C 7 18.11 -6.32 -59.38
N GLN C 8 18.22 -7.24 -60.34
CA GLN C 8 19.33 -8.17 -60.38
C GLN C 8 20.58 -7.42 -60.84
N LYS C 9 21.72 -7.79 -60.26
CA LYS C 9 22.91 -6.96 -60.41
C LYS C 9 24.14 -7.87 -60.42
N LYS C 10 25.30 -7.24 -60.40
CA LYS C 10 26.57 -7.95 -60.56
C LYS C 10 26.76 -8.95 -59.42
N GLY C 11 26.66 -10.23 -59.74
CA GLY C 11 26.75 -11.30 -58.75
C GLY C 11 25.39 -11.85 -58.38
N ASP C 12 25.36 -13.12 -57.97
CA ASP C 12 24.11 -13.75 -57.58
C ASP C 12 23.49 -13.07 -56.37
N ILE C 13 24.34 -12.54 -55.49
CA ILE C 13 23.79 -11.73 -54.38
C ILE C 13 23.07 -10.59 -55.08
N ILE C 14 21.75 -10.52 -54.96
CA ILE C 14 20.93 -9.49 -55.62
C ILE C 14 20.22 -8.70 -54.53
N LEU C 15 20.61 -7.44 -54.37
CA LEU C 15 20.12 -6.60 -53.27
C LEU C 15 18.86 -5.87 -53.73
N GLY C 16 17.78 -6.64 -53.87
CA GLY C 16 16.55 -6.10 -54.44
C GLY C 16 15.34 -6.17 -53.52
N GLY C 17 14.16 -6.22 -54.13
CA GLY C 17 12.91 -6.25 -53.40
C GLY C 17 12.31 -4.85 -53.24
N LEU C 18 11.03 -4.84 -52.91
CA LEU C 18 10.33 -3.58 -52.69
C LEU C 18 10.86 -2.90 -51.44
N PHE C 19 11.02 -1.58 -51.52
CA PHE C 19 11.56 -0.81 -50.42
C PHE C 19 10.43 -0.39 -49.49
N PRO C 20 10.43 -0.84 -48.23
CA PRO C 20 9.32 -0.50 -47.33
C PRO C 20 9.20 0.99 -47.04
N ILE C 21 10.23 1.79 -47.31
CA ILE C 21 10.15 3.22 -47.05
C ILE C 21 9.06 3.87 -47.89
N HIS C 22 8.74 3.29 -49.05
CA HIS C 22 7.64 3.76 -49.88
C HIS C 22 6.37 3.03 -49.51
N PHE C 23 5.31 3.79 -49.23
CA PHE C 23 4.04 3.22 -48.80
C PHE C 23 2.99 3.16 -49.89
N GLY C 24 3.24 3.77 -51.05
CA GLY C 24 2.29 3.72 -52.14
C GLY C 24 2.89 4.28 -53.40
N VAL C 25 2.30 3.93 -54.55
CA VAL C 25 2.78 4.44 -55.83
C VAL C 25 2.61 5.96 -55.88
N ALA C 26 1.41 6.43 -55.52
CA ALA C 26 1.16 7.87 -55.48
C ALA C 26 2.00 8.55 -54.40
N ALA C 27 2.06 7.91 -53.23
CA ALA C 27 2.89 8.47 -52.14
C ALA C 27 4.29 8.74 -52.72
N LYS C 28 4.99 7.71 -53.16
CA LYS C 28 6.36 7.85 -53.61
C LYS C 28 6.47 8.73 -54.85
N ASP C 29 5.42 8.82 -55.67
CA ASP C 29 5.47 9.63 -56.88
C ASP C 29 5.40 11.12 -56.57
N GLN C 30 4.48 11.52 -55.70
CA GLN C 30 4.32 12.93 -55.34
C GLN C 30 4.93 13.28 -53.99
N ASP C 31 5.77 12.42 -53.42
CA ASP C 31 6.50 12.76 -52.20
C ASP C 31 7.99 13.01 -52.45
N LEU C 32 8.63 12.17 -53.26
CA LEU C 32 10.07 12.26 -53.47
C LEU C 32 10.47 12.36 -54.93
N LYS C 33 9.80 11.64 -55.83
CA LYS C 33 10.22 11.57 -57.22
C LYS C 33 9.69 12.72 -58.07
N SER C 34 8.76 13.53 -57.56
CA SER C 34 8.16 14.60 -58.36
C SER C 34 9.11 15.77 -58.61
N ARG C 35 10.25 15.82 -57.93
CA ARG C 35 11.21 16.91 -58.14
C ARG C 35 12.56 16.37 -58.58
N PHE C 46 15.66 9.76 -52.36
CA PHE C 46 14.65 10.07 -53.37
C PHE C 46 15.10 9.62 -54.76
N ARG C 47 14.12 9.31 -55.61
CA ARG C 47 14.29 8.92 -57.02
C ARG C 47 15.30 7.79 -57.22
N GLY C 48 15.68 7.09 -56.16
CA GLY C 48 16.45 5.86 -56.27
C GLY C 48 17.79 5.95 -56.98
N PHE C 49 18.61 6.95 -56.66
CA PHE C 49 19.93 7.06 -57.24
C PHE C 49 21.02 6.42 -56.39
N ARG C 50 20.73 6.09 -55.12
CA ARG C 50 21.76 5.55 -54.24
C ARG C 50 22.26 4.20 -54.74
N TRP C 51 21.35 3.34 -55.23
CA TRP C 51 21.76 2.03 -55.70
C TRP C 51 22.65 2.13 -56.93
N LEU C 52 22.48 3.18 -57.73
CA LEU C 52 23.41 3.40 -58.85
C LEU C 52 24.83 3.66 -58.35
N GLN C 53 24.97 4.47 -57.30
CA GLN C 53 26.28 4.69 -56.70
C GLN C 53 26.84 3.42 -56.08
N ALA C 54 25.98 2.62 -55.44
CA ALA C 54 26.41 1.36 -54.88
C ALA C 54 26.93 0.44 -55.98
N MET C 55 26.26 0.40 -57.11
CA MET C 55 26.70 -0.45 -58.21
C MET C 55 27.97 0.08 -58.86
N ILE C 56 28.14 1.40 -58.90
CA ILE C 56 29.43 1.97 -59.30
C ILE C 56 30.53 1.41 -58.40
N PHE C 57 30.44 1.69 -57.10
CA PHE C 57 31.44 1.20 -56.15
C PHE C 57 31.69 -0.28 -56.35
N ALA C 58 30.63 -1.05 -56.55
CA ALA C 58 30.77 -2.49 -56.77
C ALA C 58 31.59 -2.78 -58.02
N ILE C 59 31.30 -2.10 -59.13
CA ILE C 59 31.94 -2.48 -60.39
C ILE C 59 33.42 -2.08 -60.34
N GLU C 60 33.75 -0.88 -59.88
CA GLU C 60 35.19 -0.65 -59.87
C GLU C 60 35.92 -1.34 -58.71
N GLU C 61 35.22 -1.72 -57.64
CA GLU C 61 35.87 -2.55 -56.62
C GLU C 61 36.14 -3.97 -57.10
N ILE C 62 35.25 -4.52 -57.94
CA ILE C 62 35.47 -5.86 -58.46
C ILE C 62 36.47 -5.85 -59.61
N ASN C 63 36.57 -4.75 -60.34
CA ASN C 63 37.72 -4.58 -61.22
C ASN C 63 39.03 -4.51 -60.43
N SER C 64 39.00 -3.85 -59.28
CA SER C 64 40.19 -3.85 -58.42
C SER C 64 40.49 -5.27 -57.92
N SER C 65 39.47 -6.01 -57.55
CA SER C 65 39.61 -7.36 -57.03
C SER C 65 39.88 -8.35 -58.18
N PRO C 66 40.61 -9.43 -57.90
CA PRO C 66 40.80 -10.47 -58.92
C PRO C 66 39.61 -11.40 -59.04
N ALA C 67 38.61 -11.00 -59.82
CA ALA C 67 37.41 -11.80 -60.05
C ALA C 67 36.69 -12.12 -58.74
N LEU C 68 36.19 -11.08 -58.09
CA LEU C 68 35.54 -11.25 -56.79
C LEU C 68 34.34 -12.20 -56.88
N LEU C 69 33.39 -11.92 -57.79
CA LEU C 69 32.16 -12.76 -57.93
C LEU C 69 31.67 -12.78 -59.40
N PRO C 70 32.45 -13.22 -60.44
CA PRO C 70 32.03 -13.09 -61.85
C PRO C 70 31.10 -14.22 -62.29
N ASN C 71 29.95 -14.32 -61.61
CA ASN C 71 29.03 -15.45 -61.79
C ASN C 71 27.79 -15.06 -62.59
N LEU C 72 27.05 -14.04 -62.15
CA LEU C 72 25.77 -13.63 -62.74
C LEU C 72 25.86 -12.22 -63.34
N THR C 73 24.83 -11.87 -64.10
CA THR C 73 24.78 -10.69 -64.93
C THR C 73 23.91 -9.60 -64.29
N LEU C 74 23.69 -8.52 -65.05
CA LEU C 74 22.97 -7.33 -64.59
C LEU C 74 21.64 -7.18 -65.32
N GLY C 75 20.61 -6.79 -64.57
CA GLY C 75 19.30 -6.60 -65.15
C GLY C 75 18.27 -5.96 -64.24
N TYR C 76 17.62 -4.91 -64.74
CA TYR C 76 16.65 -4.14 -63.89
C TYR C 76 15.24 -4.19 -64.50
N ARG C 77 14.29 -4.79 -63.79
CA ARG C 77 12.89 -4.80 -64.22
C ARG C 77 12.03 -4.41 -63.03
N ILE C 78 11.18 -3.41 -63.22
CA ILE C 78 10.32 -2.86 -62.18
C ILE C 78 8.92 -2.79 -62.76
N PHE C 79 7.92 -2.71 -61.89
CA PHE C 79 6.53 -2.62 -62.32
C PHE C 79 5.74 -1.64 -61.46
N ASP C 80 6.33 -0.47 -61.17
CA ASP C 80 5.62 0.54 -60.39
C ASP C 80 5.31 1.78 -61.22
N SER C 86 -2.52 -3.06 -48.01
CA SER C 86 -1.20 -2.46 -47.89
C SER C 86 -0.26 -3.00 -48.97
N LYS C 87 0.99 -2.55 -48.95
CA LYS C 87 2.00 -2.99 -49.89
C LYS C 87 2.64 -4.32 -49.49
N ALA C 88 2.07 -5.01 -48.50
CA ALA C 88 2.71 -6.22 -47.99
C ALA C 88 2.81 -7.30 -49.05
N LEU C 89 1.75 -7.48 -49.86
CA LEU C 89 1.73 -8.59 -50.81
C LEU C 89 2.86 -8.46 -51.83
N GLU C 90 3.02 -7.28 -52.44
CA GLU C 90 4.08 -7.12 -53.42
C GLU C 90 5.44 -6.95 -52.77
N ALA C 91 5.50 -6.44 -51.54
CA ALA C 91 6.77 -6.37 -50.82
C ALA C 91 7.32 -7.76 -50.58
N THR C 92 6.47 -8.69 -50.18
CA THR C 92 6.90 -10.08 -50.01
C THR C 92 7.09 -10.79 -51.34
N LEU C 93 6.31 -10.42 -52.35
CA LEU C 93 6.44 -11.05 -53.65
C LEU C 93 7.77 -10.72 -54.32
N SER C 94 8.21 -9.45 -54.19
CA SER C 94 9.55 -9.09 -54.65
C SER C 94 10.61 -9.74 -53.78
N PHE C 95 10.30 -10.00 -52.51
CA PHE C 95 11.20 -10.76 -51.65
C PHE C 95 11.33 -12.21 -52.08
N VAL C 96 10.40 -12.70 -52.90
CA VAL C 96 10.44 -14.10 -53.32
C VAL C 96 11.57 -14.30 -54.33
N ALA C 97 12.54 -15.14 -53.96
CA ALA C 97 13.58 -15.57 -54.87
C ALA C 97 13.07 -16.70 -55.75
N GLN C 98 13.99 -17.37 -56.45
CA GLN C 98 13.59 -18.48 -57.29
C GLN C 98 13.97 -19.84 -56.71
N ASN C 99 14.95 -19.91 -55.82
CA ASN C 99 15.30 -21.18 -55.21
C ASN C 99 14.20 -21.69 -54.29
N LYS C 100 13.33 -20.80 -53.80
CA LYS C 100 12.28 -21.23 -52.91
C LYS C 100 11.15 -21.92 -53.66
N ILE C 101 10.93 -21.55 -54.92
CA ILE C 101 9.80 -22.08 -55.69
C ILE C 101 10.23 -23.06 -56.77
N ASP C 102 11.38 -23.73 -56.59
CA ASP C 102 11.80 -24.76 -57.51
C ASP C 102 12.45 -25.97 -56.85
N SER C 103 12.37 -26.09 -55.52
CA SER C 103 13.04 -27.20 -54.82
C SER C 103 12.52 -28.55 -55.29
N LEU C 104 11.26 -28.86 -55.02
CA LEU C 104 10.62 -30.01 -55.64
C LEU C 104 9.68 -29.53 -56.75
N ASN C 105 8.62 -28.82 -56.36
CA ASN C 105 7.79 -28.02 -57.25
C ASN C 105 7.57 -28.65 -58.61
N LEU C 106 7.11 -29.90 -58.63
CA LEU C 106 7.01 -30.67 -59.87
C LEU C 106 5.70 -30.37 -60.59
N ASP C 107 5.55 -29.13 -61.04
CA ASP C 107 4.46 -28.78 -61.94
C ASP C 107 4.79 -29.27 -63.34
N GLU C 108 3.88 -30.05 -63.93
CA GLU C 108 4.14 -30.67 -65.23
C GLU C 108 4.35 -29.64 -66.33
N PHE C 109 3.83 -28.42 -66.16
CA PHE C 109 3.98 -27.36 -67.13
C PHE C 109 5.10 -26.38 -66.79
N CYS C 110 5.64 -26.42 -65.58
CA CYS C 110 6.73 -25.55 -65.17
C CYS C 110 8.06 -26.24 -65.48
N ASN C 111 8.73 -25.78 -66.54
CA ASN C 111 10.05 -26.30 -66.89
C ASN C 111 11.14 -25.46 -66.25
N CYS C 112 11.10 -25.43 -64.91
CA CYS C 112 11.98 -24.55 -64.15
C CYS C 112 13.42 -25.04 -64.18
N SER C 113 14.34 -24.13 -63.88
CA SER C 113 15.77 -24.44 -63.78
C SER C 113 16.34 -23.79 -62.52
N GLU C 114 17.49 -24.29 -62.10
CA GLU C 114 18.10 -23.86 -60.84
C GLU C 114 18.66 -22.45 -60.95
N HIS C 115 18.29 -21.59 -60.00
CA HIS C 115 18.79 -20.22 -59.93
C HIS C 115 18.58 -19.69 -58.52
N ILE C 116 19.60 -19.03 -57.98
CA ILE C 116 19.55 -18.56 -56.60
C ILE C 116 19.86 -17.07 -56.50
N PRO C 117 18.85 -16.21 -56.36
CA PRO C 117 19.12 -14.85 -55.87
C PRO C 117 18.91 -14.75 -54.37
N SER C 118 19.36 -13.66 -53.76
CA SER C 118 19.21 -13.47 -52.32
C SER C 118 19.25 -11.99 -52.00
N THR C 119 18.17 -11.48 -51.41
CA THR C 119 18.04 -10.05 -51.10
C THR C 119 18.28 -9.83 -49.61
N ILE C 120 19.01 -8.76 -49.28
CA ILE C 120 19.39 -8.46 -47.91
C ILE C 120 18.93 -7.06 -47.50
N ALA C 121 19.15 -6.06 -48.36
CA ALA C 121 18.94 -4.67 -47.97
C ALA C 121 17.48 -4.40 -47.64
N VAL C 122 17.26 -3.72 -46.52
CA VAL C 122 15.95 -3.26 -46.10
C VAL C 122 16.06 -1.80 -45.67
N VAL C 123 15.24 -0.94 -46.26
CA VAL C 123 15.22 0.48 -45.94
C VAL C 123 13.83 0.84 -45.45
N GLY C 124 13.76 1.68 -44.42
CA GLY C 124 12.48 1.99 -43.81
C GLY C 124 11.84 0.79 -43.14
N ALA C 125 12.63 0.02 -42.39
CA ALA C 125 12.10 -1.19 -41.74
C ALA C 125 11.07 -0.84 -40.69
N THR C 126 11.22 0.32 -40.04
CA THR C 126 10.25 0.74 -39.02
C THR C 126 8.88 0.98 -39.61
N GLY C 127 8.82 1.41 -40.87
CA GLY C 127 7.53 1.69 -41.49
C GLY C 127 6.69 0.43 -41.69
N SER C 128 7.31 -0.65 -42.16
CA SER C 128 6.60 -1.89 -42.45
C SER C 128 7.43 -3.06 -41.92
N GLY C 129 6.87 -3.82 -40.99
CA GLY C 129 7.53 -4.96 -40.40
C GLY C 129 7.12 -6.31 -40.93
N VAL C 130 6.22 -6.37 -41.91
CA VAL C 130 5.77 -7.66 -42.43
C VAL C 130 6.90 -8.36 -43.18
N SER C 131 7.72 -7.60 -43.91
CA SER C 131 8.86 -8.20 -44.59
C SER C 131 9.88 -8.74 -43.58
N THR C 132 10.03 -8.04 -42.45
CA THR C 132 10.91 -8.55 -41.39
C THR C 132 10.40 -9.88 -40.85
N ALA C 133 9.08 -10.00 -40.66
CA ALA C 133 8.51 -11.26 -40.20
C ALA C 133 8.70 -12.36 -41.23
N VAL C 134 8.56 -12.02 -42.53
CA VAL C 134 8.76 -13.00 -43.58
C VAL C 134 10.19 -13.50 -43.57
N ALA C 135 11.15 -12.58 -43.46
CA ALA C 135 12.55 -12.96 -43.40
C ALA C 135 12.88 -13.73 -42.13
N ASN C 136 12.15 -13.48 -41.05
CA ASN C 136 12.33 -14.23 -39.81
C ASN C 136 11.88 -15.68 -40.00
N LEU C 137 10.69 -15.87 -40.57
CA LEU C 137 10.18 -17.21 -40.79
C LEU C 137 11.00 -17.99 -41.82
N LEU C 138 11.45 -17.33 -42.88
CA LEU C 138 12.20 -18.02 -43.92
C LEU C 138 13.60 -18.37 -43.45
N GLY C 139 14.15 -17.60 -42.52
CA GLY C 139 15.53 -17.74 -42.12
C GLY C 139 16.49 -16.77 -42.78
N LEU C 140 15.98 -15.77 -43.49
CA LEU C 140 16.78 -14.78 -44.19
C LEU C 140 16.61 -13.39 -43.57
N PHE C 141 16.59 -13.33 -42.24
CA PHE C 141 16.38 -12.06 -41.56
C PHE C 141 17.58 -11.15 -41.74
N TYR C 142 17.34 -9.92 -42.18
CA TYR C 142 18.40 -8.93 -42.41
C TYR C 142 17.84 -7.56 -42.04
N ILE C 143 18.18 -7.09 -40.85
CA ILE C 143 17.75 -5.77 -40.38
C ILE C 143 18.44 -4.63 -41.14
N PRO C 144 19.69 -4.78 -41.64
CA PRO C 144 20.16 -3.60 -42.35
C PRO C 144 19.70 -3.56 -43.81
N ARG C 166 16.63 -1.36 -39.17
CA ARG C 166 16.95 -0.10 -39.83
C ARG C 166 18.42 0.26 -39.64
N THR C 167 19.12 0.50 -40.75
CA THR C 167 20.53 0.88 -40.68
C THR C 167 20.74 2.22 -40.00
N ILE C 168 19.72 3.07 -39.95
CA ILE C 168 19.81 4.32 -39.19
C ILE C 168 19.86 4.00 -37.70
N PRO C 169 20.76 4.60 -36.93
CA PRO C 169 20.75 4.37 -35.48
C PRO C 169 19.43 4.79 -34.87
N ASN C 170 18.93 3.97 -33.94
CA ASN C 170 17.62 4.19 -33.36
C ASN C 170 17.67 5.28 -32.29
N ASP C 171 16.49 5.81 -31.96
CA ASP C 171 16.38 6.87 -30.96
C ASP C 171 16.48 6.35 -29.53
N GLU C 172 16.47 5.02 -29.34
CA GLU C 172 16.64 4.47 -28.00
C GLU C 172 18.01 4.81 -27.44
N HIS C 173 19.04 4.76 -28.30
CA HIS C 173 20.37 5.17 -27.88
C HIS C 173 20.40 6.64 -27.51
N GLN C 174 19.64 7.48 -28.22
CA GLN C 174 19.57 8.89 -27.87
C GLN C 174 18.86 9.11 -26.53
N ALA C 175 17.82 8.31 -26.25
CA ALA C 175 17.19 8.39 -24.94
C ALA C 175 18.15 7.95 -23.84
N THR C 176 18.93 6.91 -24.10
CA THR C 176 19.96 6.50 -23.14
C THR C 176 20.97 7.63 -22.93
N ALA C 177 21.35 8.32 -24.01
CA ALA C 177 22.30 9.42 -23.90
C ALA C 177 21.73 10.57 -23.08
N MET C 178 20.46 10.90 -23.32
CA MET C 178 19.82 12.00 -22.55
C MET C 178 19.73 11.60 -21.07
N ALA C 179 19.46 10.33 -20.76
CA ALA C 179 19.52 9.88 -19.37
C ALA C 179 20.93 10.02 -18.80
N ASP C 180 21.92 9.62 -19.59
CA ASP C 180 23.31 9.68 -19.16
C ASP C 180 23.76 11.10 -18.90
N ILE C 181 23.11 12.07 -19.55
CA ILE C 181 23.38 13.46 -19.18
C ILE C 181 22.46 13.91 -18.05
N ILE C 182 21.39 13.15 -17.76
CA ILE C 182 20.57 13.45 -16.60
C ILE C 182 21.35 13.22 -15.30
N GLU C 183 22.04 12.08 -15.15
CA GLU C 183 22.54 11.76 -13.80
C GLU C 183 23.53 12.80 -13.30
N TYR C 184 24.54 13.12 -14.09
CA TYR C 184 25.62 13.95 -13.54
C TYR C 184 25.27 15.42 -13.45
N PHE C 185 24.14 15.86 -14.03
CA PHE C 185 23.64 17.19 -13.73
C PHE C 185 23.15 17.32 -12.30
N ARG C 186 22.87 16.20 -11.63
CA ARG C 186 22.41 16.17 -10.24
C ARG C 186 21.16 17.04 -10.07
N TRP C 187 20.13 16.75 -10.87
CA TRP C 187 18.86 17.44 -10.80
C TRP C 187 17.74 16.43 -10.98
N ASN C 188 16.65 16.64 -10.23
CA ASN C 188 15.62 15.63 -10.04
C ASN C 188 14.61 15.49 -11.19
N TRP C 189 13.83 16.53 -11.49
CA TRP C 189 12.79 16.43 -12.52
C TRP C 189 13.17 17.23 -13.77
N VAL C 190 12.40 17.01 -14.83
CA VAL C 190 12.62 17.67 -16.11
C VAL C 190 11.33 17.57 -16.93
N GLY C 191 11.07 18.58 -17.77
CA GLY C 191 9.88 18.61 -18.59
C GLY C 191 10.09 17.97 -19.96
N THR C 192 8.99 17.67 -20.63
CA THR C 192 9.06 16.98 -21.92
C THR C 192 8.14 17.64 -22.94
N ILE C 193 8.64 17.79 -24.16
CA ILE C 193 7.85 18.25 -25.30
C ILE C 193 8.05 17.30 -26.45
N ALA C 194 6.96 16.88 -27.09
CA ALA C 194 7.00 15.94 -28.19
C ALA C 194 6.21 16.49 -29.37
N ALA C 195 6.24 15.74 -30.47
CA ALA C 195 5.57 16.14 -31.70
C ALA C 195 4.85 14.92 -32.26
N ASP C 196 4.34 15.06 -33.48
CA ASP C 196 3.63 13.98 -34.16
C ASP C 196 4.56 12.96 -34.80
N ASP C 197 5.88 13.17 -34.70
CA ASP C 197 6.83 12.26 -35.31
C ASP C 197 6.69 10.86 -34.74
N ASP C 198 6.69 9.86 -35.63
CA ASP C 198 6.60 8.47 -35.20
C ASP C 198 7.82 8.06 -34.40
N TYR C 199 9.01 8.50 -34.81
CA TYR C 199 10.24 8.15 -34.10
C TYR C 199 10.34 8.86 -32.76
N GLY C 200 9.62 9.97 -32.57
CA GLY C 200 9.69 10.69 -31.31
C GLY C 200 8.91 10.07 -30.17
N ARG C 201 7.99 9.15 -30.46
CA ARG C 201 7.22 8.49 -29.43
C ARG C 201 8.06 7.53 -28.60
N PRO C 202 8.74 6.53 -29.20
CA PRO C 202 9.42 5.53 -28.38
C PRO C 202 10.35 6.15 -27.34
N GLY C 203 10.97 7.29 -27.65
CA GLY C 203 11.72 8.00 -26.65
C GLY C 203 10.88 8.43 -25.46
N ILE C 204 9.69 9.00 -25.72
CA ILE C 204 8.89 9.49 -24.61
C ILE C 204 8.35 8.33 -23.77
N GLU C 205 7.88 7.25 -24.41
CA GLU C 205 7.47 6.11 -23.59
C GLU C 205 8.64 5.52 -22.81
N LYS C 206 9.82 5.39 -23.44
CA LYS C 206 10.97 4.84 -22.71
C LYS C 206 11.33 5.69 -21.51
N PHE C 207 11.34 7.02 -21.68
CA PHE C 207 11.52 7.91 -20.53
C PHE C 207 10.45 7.65 -19.47
N ARG C 208 9.22 7.39 -19.91
CA ARG C 208 8.14 7.11 -18.97
C ARG C 208 8.42 5.87 -18.12
N GLU C 209 8.93 4.79 -18.73
CA GLU C 209 9.17 3.65 -17.86
C GLU C 209 10.55 3.67 -17.18
N GLU C 210 11.46 4.56 -17.57
CA GLU C 210 12.73 4.59 -16.84
C GLU C 210 12.78 5.66 -15.76
N ALA C 211 11.85 6.61 -15.76
CA ALA C 211 11.92 7.73 -14.82
C ALA C 211 11.72 7.27 -13.38
N GLU C 212 10.88 6.26 -13.16
CA GLU C 212 10.40 5.98 -11.81
C GLU C 212 11.49 5.38 -10.92
N GLU C 213 12.34 4.50 -11.46
CA GLU C 213 13.23 3.72 -10.59
C GLU C 213 14.40 4.53 -10.04
N ARG C 214 14.58 5.72 -10.67
CA ARG C 214 15.64 6.68 -10.30
C ARG C 214 14.99 8.06 -10.15
N ASP C 215 13.80 8.17 -9.54
CA ASP C 215 13.10 9.41 -9.15
C ASP C 215 13.37 10.58 -10.11
N ILE C 216 12.86 10.42 -11.33
CA ILE C 216 12.73 11.51 -12.29
C ILE C 216 11.25 11.81 -12.46
N CYS C 217 10.88 13.05 -12.15
CA CYS C 217 9.46 13.45 -12.20
C CYS C 217 9.14 14.15 -13.53
N ILE C 218 7.94 13.91 -14.05
CA ILE C 218 7.47 14.52 -15.30
C ILE C 218 6.29 15.42 -14.97
N ASP C 219 6.36 16.67 -15.42
CA ASP C 219 5.29 17.63 -15.19
C ASP C 219 4.38 17.81 -16.40
N PHE C 220 4.89 17.56 -17.60
CA PHE C 220 4.11 17.77 -18.82
C PHE C 220 4.79 17.07 -19.99
N SER C 221 3.98 16.54 -20.91
CA SER C 221 4.48 15.94 -22.14
C SER C 221 3.36 16.06 -23.18
N GLU C 222 3.47 17.06 -24.05
CA GLU C 222 2.42 17.41 -24.99
C GLU C 222 2.96 17.40 -26.41
N LEU C 223 2.04 17.20 -27.35
CA LEU C 223 2.37 17.02 -28.76
C LEU C 223 2.20 18.32 -29.52
N ILE C 224 3.10 18.56 -30.48
CA ILE C 224 3.01 19.68 -31.40
C ILE C 224 2.84 19.11 -32.80
N SER C 225 1.82 19.56 -33.52
CA SER C 225 1.57 19.11 -34.88
C SER C 225 2.23 20.07 -35.87
N GLN C 226 1.98 19.84 -37.17
CA GLN C 226 2.49 20.74 -38.19
C GLN C 226 1.92 22.14 -38.03
N TYR C 227 0.63 22.25 -37.75
CA TYR C 227 -0.03 23.50 -37.43
C TYR C 227 -0.74 23.37 -36.10
N SER C 228 -0.52 24.34 -35.21
CA SER C 228 -1.13 24.33 -33.89
C SER C 228 -1.87 25.63 -33.66
N ASP C 229 -2.92 25.57 -32.85
CA ASP C 229 -3.74 26.75 -32.59
C ASP C 229 -2.99 27.76 -31.73
N GLU C 230 -3.40 29.02 -31.84
CA GLU C 230 -2.68 30.10 -31.16
C GLU C 230 -3.02 30.15 -29.67
N GLU C 231 -4.31 30.30 -29.34
CA GLU C 231 -4.71 30.44 -27.95
C GLU C 231 -4.43 29.14 -27.18
N GLU C 232 -4.45 27.99 -27.87
CA GLU C 232 -4.12 26.74 -27.21
C GLU C 232 -2.65 26.69 -26.82
N ILE C 233 -1.76 27.10 -27.73
CA ILE C 233 -0.34 27.15 -27.42
C ILE C 233 -0.08 28.15 -26.29
N GLN C 234 -0.76 29.28 -26.32
CA GLN C 234 -0.65 30.21 -25.19
C GLN C 234 -1.09 29.55 -23.89
N HIS C 235 -2.12 28.69 -23.95
CA HIS C 235 -2.60 28.03 -22.74
C HIS C 235 -1.56 27.03 -22.21
N VAL C 236 -0.96 26.24 -23.09
CA VAL C 236 0.03 25.27 -22.61
C VAL C 236 1.26 25.99 -22.08
N VAL C 237 1.68 27.07 -22.74
CA VAL C 237 2.85 27.76 -22.22
C VAL C 237 2.52 28.42 -20.89
N GLU C 238 1.29 28.91 -20.72
CA GLU C 238 0.88 29.47 -19.44
C GLU C 238 0.95 28.42 -18.34
N VAL C 239 0.45 27.21 -18.60
CA VAL C 239 0.58 26.17 -17.59
C VAL C 239 2.03 25.75 -17.43
N ILE C 240 2.88 26.04 -18.43
CA ILE C 240 4.32 25.81 -18.26
C ILE C 240 4.90 26.74 -17.21
N GLN C 241 4.59 28.05 -17.30
CA GLN C 241 5.05 28.93 -16.23
C GLN C 241 4.39 28.56 -14.89
N ASN C 242 3.16 28.04 -14.95
CA ASN C 242 2.51 27.59 -13.72
C ASN C 242 3.27 26.43 -13.08
N SER C 243 3.75 25.49 -13.90
CA SER C 243 4.44 24.32 -13.36
C SER C 243 5.79 24.67 -12.76
N THR C 244 6.45 25.70 -13.29
CA THR C 244 7.80 26.10 -12.86
C THR C 244 8.78 24.93 -12.95
N ALA C 245 8.72 24.21 -14.07
CA ALA C 245 9.64 23.12 -14.38
C ALA C 245 10.55 23.63 -15.49
N LYS C 246 11.65 24.29 -15.07
CA LYS C 246 12.42 25.09 -16.01
C LYS C 246 13.27 24.23 -16.94
N VAL C 247 13.90 23.19 -16.42
CA VAL C 247 14.67 22.28 -17.26
C VAL C 247 13.71 21.43 -18.07
N ILE C 248 14.03 21.19 -19.34
CA ILE C 248 13.10 20.58 -20.28
C ILE C 248 13.89 19.91 -21.38
N VAL C 249 13.27 18.94 -22.04
CA VAL C 249 13.81 18.30 -23.23
C VAL C 249 12.72 18.28 -24.29
N VAL C 250 13.10 18.63 -25.52
CA VAL C 250 12.15 18.74 -26.64
C VAL C 250 12.53 17.72 -27.71
N PHE C 251 11.52 17.01 -28.21
CA PHE C 251 11.70 16.03 -29.28
C PHE C 251 11.21 16.53 -30.63
N SER C 252 10.87 17.82 -30.73
CA SER C 252 10.31 18.35 -31.96
C SER C 252 11.33 18.36 -33.09
N SER C 253 10.83 18.19 -34.31
CA SER C 253 11.64 18.34 -35.51
C SER C 253 11.80 19.82 -35.83
N GLY C 254 12.68 20.11 -36.79
CA GLY C 254 13.01 21.47 -37.18
C GLY C 254 11.80 22.33 -37.50
N PRO C 255 11.08 21.98 -38.56
CA PRO C 255 9.86 22.73 -38.89
C PRO C 255 8.80 22.65 -37.79
N ASP C 256 8.83 21.60 -36.96
CA ASP C 256 7.88 21.52 -35.85
C ASP C 256 8.26 22.47 -34.72
N LEU C 257 9.56 22.61 -34.44
CA LEU C 257 10.00 23.48 -33.35
C LEU C 257 10.12 24.94 -33.78
N GLU C 258 10.10 25.22 -35.08
CA GLU C 258 10.17 26.60 -35.55
C GLU C 258 9.03 27.48 -35.02
N PRO C 259 7.76 27.08 -35.09
CA PRO C 259 6.73 27.89 -34.43
C PRO C 259 6.95 28.02 -32.93
N LEU C 260 7.44 26.96 -32.28
CA LEU C 260 7.66 27.00 -30.83
C LEU C 260 8.64 28.09 -30.45
N ILE C 261 9.74 28.22 -31.18
CA ILE C 261 10.66 29.32 -30.91
C ILE C 261 10.05 30.64 -31.37
N LYS C 262 9.08 30.58 -32.29
CA LYS C 262 8.46 31.82 -32.74
C LYS C 262 7.53 32.46 -31.71
N GLU C 263 6.64 31.69 -31.06
CA GLU C 263 5.58 32.33 -30.28
C GLU C 263 6.14 33.11 -29.09
N ILE C 264 7.12 32.56 -28.38
CA ILE C 264 7.57 33.14 -27.12
C ILE C 264 8.44 34.38 -27.33
N VAL C 265 8.68 34.77 -28.58
CA VAL C 265 9.40 36.01 -28.85
C VAL C 265 8.57 37.21 -28.43
N ARG C 266 7.25 37.11 -28.59
CA ARG C 266 6.37 38.27 -28.38
C ARG C 266 6.43 38.77 -26.94
N ARG C 267 6.40 37.85 -25.97
CA ARG C 267 6.38 38.24 -24.56
C ARG C 267 7.77 38.45 -23.98
N ASN C 268 8.82 37.99 -24.66
CA ASN C 268 10.21 38.24 -24.28
C ASN C 268 10.52 37.74 -22.86
N ILE C 269 10.32 36.45 -22.64
CA ILE C 269 10.83 35.77 -21.47
C ILE C 269 12.03 34.94 -21.92
N THR C 270 13.23 35.32 -21.47
CA THR C 270 14.45 34.92 -22.15
C THR C 270 15.45 34.23 -21.23
N GLY C 271 15.07 33.86 -20.01
CA GLY C 271 15.95 33.06 -19.19
C GLY C 271 15.90 31.58 -19.47
N LYS C 272 15.47 31.19 -20.67
CA LYS C 272 15.07 29.83 -20.96
C LYS C 272 16.21 29.02 -21.56
N ILE C 273 16.31 27.76 -21.14
CA ILE C 273 17.28 26.81 -21.66
C ILE C 273 16.54 25.58 -22.18
N TRP C 274 17.04 25.02 -23.28
CA TRP C 274 16.44 23.85 -23.90
C TRP C 274 17.43 22.68 -23.90
N LEU C 275 16.91 21.52 -24.28
CA LEU C 275 17.72 20.33 -24.56
C LEU C 275 17.25 19.82 -25.92
N ALA C 276 17.83 20.36 -26.99
CA ALA C 276 17.38 20.06 -28.36
C ALA C 276 17.97 18.74 -28.79
N SER C 277 17.23 17.66 -28.55
CA SER C 277 17.66 16.33 -28.98
C SER C 277 17.58 16.24 -30.50
N GLU C 278 18.28 15.23 -31.04
CA GLU C 278 18.40 14.97 -32.48
C GLU C 278 18.57 16.25 -33.29
N ALA C 279 19.39 17.18 -32.78
CA ALA C 279 19.60 18.46 -33.44
C ALA C 279 20.66 18.32 -34.55
N TRP C 280 20.33 17.48 -35.53
CA TRP C 280 21.21 17.29 -36.68
C TRP C 280 21.34 18.58 -37.48
N ALA C 281 20.24 19.32 -37.67
CA ALA C 281 20.26 20.62 -38.32
C ALA C 281 20.31 21.69 -37.24
N SER C 282 21.49 21.86 -36.66
CA SER C 282 21.67 22.78 -35.53
C SER C 282 21.76 24.21 -36.03
N SER C 283 20.95 25.10 -35.42
CA SER C 283 20.93 26.52 -35.74
C SER C 283 20.65 26.76 -37.22
N SER C 284 19.79 25.94 -37.82
CA SER C 284 19.42 26.09 -39.23
C SER C 284 18.13 26.88 -39.39
N LEU C 285 17.07 26.45 -38.71
CA LEU C 285 15.78 27.15 -38.75
C LEU C 285 15.63 28.18 -37.64
N ILE C 286 16.65 28.35 -36.79
CA ILE C 286 16.57 29.26 -35.66
C ILE C 286 17.62 30.35 -35.80
N ALA C 287 18.23 30.44 -36.99
CA ALA C 287 19.38 31.30 -37.24
C ALA C 287 19.05 32.79 -37.25
N MET C 288 17.79 33.18 -37.15
CA MET C 288 17.46 34.59 -37.20
C MET C 288 18.00 35.32 -35.97
N PRO C 289 18.40 36.59 -36.10
CA PRO C 289 18.89 37.33 -34.94
C PRO C 289 17.79 37.60 -33.93
N GLN C 290 18.22 37.82 -32.69
CA GLN C 290 17.36 38.12 -31.54
C GLN C 290 16.61 36.87 -31.10
N TYR C 291 16.70 35.80 -31.88
CA TYR C 291 16.13 34.52 -31.46
C TYR C 291 16.99 33.87 -30.40
N PHE C 292 18.32 33.90 -30.58
CA PHE C 292 19.23 33.34 -29.61
C PHE C 292 19.26 34.13 -28.31
N HIS C 293 18.69 35.34 -28.30
CA HIS C 293 18.46 36.03 -27.04
C HIS C 293 17.47 35.26 -26.17
N VAL C 294 16.69 34.36 -26.77
CA VAL C 294 15.75 33.51 -26.06
C VAL C 294 16.16 32.05 -26.10
N VAL C 295 16.66 31.59 -27.25
CA VAL C 295 16.95 30.18 -27.47
C VAL C 295 18.45 29.90 -27.41
N GLY C 296 19.24 30.85 -26.91
CA GLY C 296 20.67 30.66 -26.85
C GLY C 296 21.11 29.70 -25.76
N GLY C 297 22.35 29.23 -25.88
CA GLY C 297 22.92 28.32 -24.91
C GLY C 297 22.26 26.96 -24.86
N THR C 298 21.88 26.40 -26.00
CA THR C 298 21.25 25.09 -26.05
C THR C 298 22.26 24.02 -26.44
N ILE C 299 22.22 22.91 -25.70
CA ILE C 299 23.12 21.78 -25.92
C ILE C 299 22.33 20.66 -26.58
N GLY C 300 22.85 20.11 -27.66
CA GLY C 300 22.08 19.13 -28.40
C GLY C 300 22.98 18.11 -29.08
N PHE C 301 22.42 16.92 -29.25
CA PHE C 301 23.14 15.84 -29.92
C PHE C 301 23.24 16.09 -31.41
N ALA C 302 24.27 15.52 -32.02
CA ALA C 302 24.44 15.57 -33.46
C ALA C 302 25.33 14.42 -33.92
N LEU C 303 25.26 14.10 -35.21
CA LEU C 303 26.10 13.10 -35.83
C LEU C 303 26.77 13.72 -37.06
N LYS C 304 28.09 13.80 -37.05
CA LYS C 304 28.81 14.29 -38.22
C LYS C 304 28.80 13.23 -39.32
N ALA C 305 28.45 13.64 -40.53
CA ALA C 305 28.32 12.73 -41.66
C ALA C 305 29.40 13.05 -42.69
N GLY C 306 30.21 12.04 -43.02
CA GLY C 306 31.23 12.21 -44.04
C GLY C 306 30.66 12.51 -45.40
N GLN C 307 31.18 13.54 -46.07
CA GLN C 307 30.70 13.91 -47.39
C GLN C 307 31.01 12.80 -48.40
N ILE C 308 30.03 12.47 -49.22
CA ILE C 308 30.21 11.45 -50.26
C ILE C 308 31.10 12.03 -51.36
N PRO C 309 32.21 11.37 -51.70
CA PRO C 309 33.11 11.92 -52.72
C PRO C 309 32.46 11.93 -54.09
N GLY C 310 32.39 13.11 -54.70
CA GLY C 310 31.77 13.25 -56.01
C GLY C 310 30.28 12.97 -56.04
N PHE C 311 29.54 13.47 -55.04
CA PHE C 311 28.09 13.26 -55.03
C PHE C 311 27.43 13.94 -56.21
N ARG C 312 27.88 15.15 -56.56
CA ARG C 312 27.30 15.88 -57.68
C ARG C 312 27.47 15.11 -58.98
N GLU C 313 28.72 14.71 -59.29
CA GLU C 313 28.96 13.92 -60.49
C GLU C 313 28.33 12.53 -60.41
N PHE C 314 28.07 12.03 -59.20
CA PHE C 314 27.27 10.82 -59.05
C PHE C 314 25.85 11.05 -59.54
N LEU C 315 25.27 12.21 -59.23
CA LEU C 315 23.89 12.50 -59.61
C LEU C 315 23.75 13.09 -61.00
N LYS C 316 24.85 13.46 -61.65
CA LYS C 316 24.76 14.10 -62.97
C LYS C 316 24.61 13.10 -64.11
N LYS C 317 24.85 11.81 -63.87
CA LYS C 317 24.89 10.86 -64.98
C LYS C 317 23.51 10.58 -65.55
N VAL C 318 22.46 10.72 -64.74
CA VAL C 318 21.11 10.44 -65.23
C VAL C 318 20.71 11.50 -66.25
N HIS C 319 20.28 11.06 -67.43
CA HIS C 319 19.90 11.93 -68.52
C HIS C 319 18.64 11.40 -69.18
N PRO C 320 17.81 12.28 -69.76
CA PRO C 320 16.61 11.81 -70.45
C PRO C 320 16.89 10.93 -71.66
N ARG C 321 16.49 9.66 -71.53
CA ARG C 321 16.31 8.70 -72.61
C ARG C 321 17.63 8.16 -73.16
N LYS C 322 18.74 8.42 -72.47
CA LYS C 322 19.97 7.65 -72.67
C LYS C 322 20.22 6.89 -71.36
N SER C 323 19.55 5.75 -71.23
CA SER C 323 19.68 4.90 -70.05
C SER C 323 19.27 3.49 -70.45
N VAL C 324 20.25 2.61 -70.68
CA VAL C 324 19.94 1.25 -71.12
C VAL C 324 19.34 0.44 -69.99
N HIS C 325 19.68 0.76 -68.75
CA HIS C 325 19.17 0.06 -67.57
C HIS C 325 18.23 0.96 -66.77
N ASN C 326 17.51 0.32 -65.85
CA ASN C 326 16.57 0.99 -64.96
C ASN C 326 15.50 1.73 -65.76
N GLY C 327 14.70 0.94 -66.48
CA GLY C 327 13.65 1.50 -67.32
C GLY C 327 12.58 2.24 -66.54
N PHE C 328 12.34 1.84 -65.30
CA PHE C 328 11.31 2.54 -64.54
C PHE C 328 11.83 3.80 -63.87
N ALA C 329 13.16 3.97 -63.80
CA ALA C 329 13.67 5.32 -63.65
C ALA C 329 13.15 6.19 -64.80
N LYS C 330 13.17 5.65 -66.02
CA LYS C 330 12.61 6.38 -67.15
C LYS C 330 11.12 6.61 -66.99
N GLU C 331 10.36 5.63 -66.49
CA GLU C 331 8.92 5.89 -66.39
C GLU C 331 8.64 7.01 -65.40
N PHE C 332 9.33 7.03 -64.24
CA PHE C 332 8.97 8.07 -63.29
C PHE C 332 9.49 9.43 -63.78
N TRP C 333 10.60 9.43 -64.52
CA TRP C 333 11.01 10.68 -65.16
C TRP C 333 9.97 11.17 -66.15
N GLU C 334 9.35 10.25 -66.90
CA GLU C 334 8.29 10.62 -67.83
C GLU C 334 7.06 11.18 -67.11
N GLU C 335 6.62 10.50 -66.05
CA GLU C 335 5.37 10.86 -65.41
C GLU C 335 5.49 12.06 -64.47
N THR C 336 6.69 12.34 -63.95
CA THR C 336 6.85 13.51 -63.10
C THR C 336 7.08 14.79 -63.89
N PHE C 337 7.35 14.69 -65.19
CA PHE C 337 7.62 15.85 -66.04
C PHE C 337 6.75 15.76 -67.30
N ASN C 338 5.47 15.49 -67.11
CA ASN C 338 4.52 15.40 -68.22
C ASN C 338 4.41 16.71 -68.98
N PRO C 374 4.38 12.18 -71.50
CA PRO C 374 5.37 13.25 -71.71
C PRO C 374 5.01 14.15 -72.90
N LEU C 375 4.18 15.16 -72.65
CA LEU C 375 3.81 16.09 -73.71
C LEU C 375 5.01 16.86 -74.23
N CYS C 376 5.88 17.32 -73.34
CA CYS C 376 7.06 18.09 -73.72
C CYS C 376 8.16 17.80 -72.70
N THR C 377 9.20 18.64 -72.71
CA THR C 377 10.35 18.51 -71.82
C THR C 377 11.00 17.13 -71.96
N GLY C 378 11.51 16.87 -73.16
CA GLY C 378 12.20 15.63 -73.46
C GLY C 378 13.70 15.73 -73.52
N ASP C 379 14.28 16.91 -73.32
CA ASP C 379 15.72 17.11 -73.40
C ASP C 379 16.31 17.84 -72.21
N GLU C 380 15.50 18.20 -71.21
CA GLU C 380 16.00 18.97 -70.08
C GLU C 380 16.91 18.12 -69.19
N ASN C 381 17.91 18.77 -68.61
CA ASN C 381 18.83 18.13 -67.68
C ASN C 381 18.49 18.53 -66.25
N ILE C 382 19.23 17.96 -65.30
CA ILE C 382 18.98 18.25 -63.88
C ILE C 382 19.19 19.74 -63.60
N SER C 383 20.22 20.33 -64.21
CA SER C 383 20.45 21.77 -64.04
C SER C 383 19.30 22.59 -64.61
N SER C 384 18.76 22.16 -65.75
CA SER C 384 17.61 22.84 -66.34
C SER C 384 16.38 22.76 -65.43
N VAL C 385 16.14 21.58 -64.83
CA VAL C 385 15.14 21.49 -63.78
C VAL C 385 15.56 22.36 -62.60
N GLU C 386 14.62 22.65 -61.70
CA GLU C 386 14.86 23.68 -60.70
C GLU C 386 15.79 23.18 -59.60
N THR C 387 16.95 22.64 -60.00
CA THR C 387 18.08 22.29 -59.14
C THR C 387 17.60 21.66 -57.82
N PRO C 388 17.17 20.41 -57.85
CA PRO C 388 16.62 19.79 -56.64
C PRO C 388 17.69 19.25 -55.71
N TYR C 389 18.94 19.64 -55.93
CA TYR C 389 20.07 19.20 -55.10
C TYR C 389 20.67 20.32 -54.27
N ILE C 390 19.83 21.24 -53.77
CA ILE C 390 20.28 22.22 -52.78
C ILE C 390 19.69 21.91 -51.40
N ASP C 391 18.44 21.44 -51.36
CA ASP C 391 17.79 21.18 -50.07
C ASP C 391 18.47 20.05 -49.32
N TYR C 392 18.85 18.99 -50.03
CA TYR C 392 19.48 17.82 -49.43
C TYR C 392 20.93 17.76 -49.92
N THR C 393 21.80 18.49 -49.23
CA THR C 393 23.23 18.42 -49.53
C THR C 393 23.81 17.07 -49.13
N HIS C 394 23.37 16.53 -47.99
CA HIS C 394 23.80 15.21 -47.54
C HIS C 394 22.58 14.54 -46.90
N LEU C 395 22.06 13.52 -47.58
CA LEU C 395 20.87 12.82 -47.10
C LEU C 395 21.28 11.71 -46.14
N ARG C 396 20.60 11.63 -45.00
CA ARG C 396 20.97 10.65 -43.97
C ARG C 396 20.76 9.22 -44.47
N ILE C 397 19.60 8.96 -45.09
CA ILE C 397 19.29 7.61 -45.54
C ILE C 397 20.26 7.20 -46.66
N SER C 398 20.64 8.15 -47.50
CA SER C 398 21.60 7.86 -48.57
C SER C 398 22.94 7.41 -47.99
N TYR C 399 23.45 8.15 -47.01
CA TYR C 399 24.73 7.78 -46.39
C TYR C 399 24.61 6.45 -45.65
N ASN C 400 23.48 6.22 -44.99
CA ASN C 400 23.30 4.98 -44.24
C ASN C 400 23.28 3.77 -45.16
N VAL C 401 22.52 3.84 -46.26
CA VAL C 401 22.49 2.71 -47.19
C VAL C 401 23.83 2.58 -47.91
N TYR C 402 24.54 3.70 -48.11
CA TYR C 402 25.88 3.65 -48.68
C TYR C 402 26.82 2.84 -47.78
N LEU C 403 26.80 3.14 -46.48
CA LEU C 403 27.61 2.39 -45.53
C LEU C 403 27.19 0.92 -45.47
N ALA C 404 25.87 0.67 -45.52
CA ALA C 404 25.39 -0.71 -45.47
C ALA C 404 25.87 -1.52 -46.66
N VAL C 405 25.75 -0.97 -47.87
CA VAL C 405 26.17 -1.71 -49.06
C VAL C 405 27.70 -1.85 -49.07
N TYR C 406 28.42 -0.85 -48.55
CA TYR C 406 29.86 -1.00 -48.42
C TYR C 406 30.22 -2.15 -47.49
N SER C 407 29.52 -2.27 -46.36
CA SER C 407 29.78 -3.36 -45.44
C SER C 407 29.46 -4.70 -46.08
N ILE C 408 28.36 -4.78 -46.83
CA ILE C 408 28.01 -6.03 -47.50
C ILE C 408 29.06 -6.41 -48.52
N ALA C 409 29.54 -5.44 -49.30
CA ALA C 409 30.58 -5.72 -50.29
C ALA C 409 31.87 -6.16 -49.63
N HIS C 410 32.23 -5.54 -48.50
CA HIS C 410 33.43 -5.95 -47.78
C HIS C 410 33.28 -7.36 -47.23
N ALA C 411 32.09 -7.71 -46.74
CA ALA C 411 31.85 -9.07 -46.29
C ALA C 411 31.96 -10.07 -47.44
N LEU C 412 31.46 -9.70 -48.62
CA LEU C 412 31.61 -10.56 -49.78
C LEU C 412 33.07 -10.75 -50.16
N GLN C 413 33.85 -9.67 -50.12
CA GLN C 413 35.29 -9.78 -50.37
C GLN C 413 35.95 -10.69 -49.33
N ASP C 414 35.55 -10.57 -48.07
CA ASP C 414 36.11 -11.38 -47.02
C ASP C 414 35.84 -12.86 -47.27
N ILE C 415 34.58 -13.22 -47.54
CA ILE C 415 34.27 -14.63 -47.78
C ILE C 415 34.96 -15.12 -49.05
N TYR C 416 35.18 -14.23 -50.01
CA TYR C 416 36.04 -14.58 -51.14
C TYR C 416 37.47 -14.86 -50.69
N THR C 417 37.94 -14.22 -49.62
CA THR C 417 39.31 -14.39 -49.15
C THR C 417 39.37 -14.95 -47.71
N CYS C 418 38.33 -15.66 -47.27
CA CYS C 418 38.35 -16.22 -45.93
C CYS C 418 39.25 -17.46 -45.85
N LEU C 419 39.44 -17.93 -44.63
CA LEU C 419 40.20 -19.14 -44.39
C LEU C 419 39.41 -20.36 -44.84
N PRO C 420 40.07 -21.49 -45.12
CA PRO C 420 39.33 -22.73 -45.37
C PRO C 420 38.78 -23.31 -44.08
N GLY C 421 37.50 -23.14 -43.87
CA GLY C 421 36.82 -23.59 -42.68
C GLY C 421 35.31 -23.53 -42.89
N ARG C 422 34.57 -24.03 -41.90
CA ARG C 422 33.11 -24.12 -42.11
C ARG C 422 32.38 -23.30 -41.06
N GLY C 423 31.09 -23.07 -41.30
CA GLY C 423 30.25 -22.30 -40.41
C GLY C 423 29.63 -22.94 -39.18
N LEU C 424 28.54 -22.34 -38.69
CA LEU C 424 27.84 -22.93 -37.51
C LEU C 424 26.55 -23.68 -37.90
N PHE C 425 25.97 -23.37 -39.07
CA PHE C 425 24.67 -23.97 -39.49
C PHE C 425 24.85 -25.41 -39.98
N THR C 426 23.76 -26.20 -39.96
CA THR C 426 23.86 -27.57 -40.47
C THR C 426 23.56 -27.67 -41.96
N ASN C 427 22.34 -27.31 -42.36
CA ASN C 427 21.99 -27.32 -43.78
C ASN C 427 22.42 -26.01 -44.44
N GLY C 428 22.71 -26.10 -45.73
CA GLY C 428 23.20 -24.95 -46.47
C GLY C 428 24.56 -24.47 -46.04
N SER C 429 25.45 -25.38 -45.66
CA SER C 429 26.81 -25.02 -45.23
C SER C 429 27.78 -25.13 -46.40
N CYS C 430 27.56 -24.28 -47.41
CA CYS C 430 28.38 -24.25 -48.61
C CYS C 430 28.78 -22.79 -48.89
N ALA C 431 29.86 -22.36 -48.25
CA ALA C 431 30.49 -21.07 -48.55
C ALA C 431 31.66 -21.35 -49.47
N ASP C 432 31.46 -21.09 -50.76
CA ASP C 432 32.47 -21.29 -51.79
C ASP C 432 32.45 -20.08 -52.70
N ILE C 433 33.02 -20.20 -53.89
CA ILE C 433 32.83 -19.18 -54.91
C ILE C 433 31.35 -19.06 -55.27
N LYS C 434 30.57 -20.10 -54.99
CA LYS C 434 29.14 -20.12 -55.25
C LYS C 434 28.39 -20.14 -53.93
N LYS C 435 27.48 -19.19 -53.76
CA LYS C 435 26.78 -19.01 -52.49
C LYS C 435 25.40 -19.67 -52.55
N VAL C 436 24.94 -20.15 -51.38
CA VAL C 436 23.73 -20.94 -51.30
C VAL C 436 22.54 -20.18 -50.73
N GLU C 437 22.64 -19.65 -49.51
CA GLU C 437 21.56 -18.80 -48.99
C GLU C 437 22.10 -17.58 -48.25
N ALA C 438 23.35 -17.19 -48.48
CA ALA C 438 23.94 -15.98 -47.89
C ALA C 438 23.86 -16.02 -46.37
N TRP C 439 24.47 -17.05 -45.79
CA TRP C 439 24.56 -17.17 -44.34
C TRP C 439 25.92 -16.73 -43.80
N GLN C 440 26.93 -16.61 -44.67
CA GLN C 440 28.22 -16.10 -44.24
C GLN C 440 28.21 -14.59 -44.07
N VAL C 441 27.31 -13.90 -44.77
CA VAL C 441 27.24 -12.44 -44.66
C VAL C 441 26.85 -12.03 -43.25
N LEU C 442 25.86 -12.70 -42.66
CA LEU C 442 25.50 -12.41 -41.28
C LEU C 442 26.61 -12.83 -40.33
N LYS C 443 27.35 -13.88 -40.68
CA LYS C 443 28.51 -14.27 -39.89
C LYS C 443 29.53 -13.15 -39.80
N HIS C 444 29.88 -12.58 -40.95
CA HIS C 444 30.87 -11.49 -40.96
C HIS C 444 30.30 -10.18 -40.45
N LEU C 445 28.97 -10.03 -40.45
CA LEU C 445 28.38 -8.87 -39.78
C LEU C 445 28.47 -9.01 -38.26
N ARG C 446 28.22 -10.20 -37.74
CA ARG C 446 28.07 -10.38 -36.30
C ARG C 446 29.40 -10.33 -35.55
N HIS C 447 30.48 -10.88 -36.12
CA HIS C 447 31.73 -11.02 -35.40
C HIS C 447 32.93 -10.63 -36.27
N LEU C 448 32.84 -9.47 -36.93
CA LEU C 448 33.97 -8.99 -37.72
C LEU C 448 33.90 -7.47 -37.82
N ASN C 449 35.08 -6.84 -37.86
CA ASN C 449 35.16 -5.40 -38.02
C ASN C 449 34.96 -5.02 -39.49
N PHE C 450 34.73 -3.72 -39.72
CA PHE C 450 34.48 -3.21 -41.07
C PHE C 450 35.59 -2.27 -41.54
N THR C 451 35.88 -1.21 -40.79
CA THR C 451 36.87 -0.19 -41.16
C THR C 451 36.64 0.31 -42.59
N ASN C 452 35.48 0.94 -42.77
CA ASN C 452 35.03 1.40 -44.09
C ASN C 452 34.67 2.88 -44.04
N ASN C 453 34.97 3.58 -45.14
CA ASN C 453 34.60 4.98 -45.30
C ASN C 453 35.17 5.82 -44.17
N MET C 454 36.49 5.69 -43.94
CA MET C 454 37.28 6.42 -42.97
C MET C 454 36.53 6.71 -41.67
N GLY C 455 35.78 5.73 -41.18
CA GLY C 455 34.99 5.91 -39.97
C GLY C 455 35.38 4.95 -38.86
N GLU C 456 36.03 3.84 -39.21
CA GLU C 456 36.42 2.80 -38.26
C GLU C 456 35.20 2.29 -37.50
N GLN C 457 34.28 1.70 -38.26
CA GLN C 457 33.01 1.26 -37.70
C GLN C 457 33.22 0.10 -36.72
N VAL C 458 32.30 -0.02 -35.77
CA VAL C 458 32.30 -1.11 -34.79
C VAL C 458 31.65 -2.33 -35.42
N THR C 459 31.77 -3.48 -34.75
CA THR C 459 31.16 -4.70 -35.24
C THR C 459 29.64 -4.55 -35.27
N PHE C 460 29.03 -5.00 -36.37
CA PHE C 460 27.58 -4.91 -36.54
C PHE C 460 26.87 -5.71 -35.45
N ASP C 461 25.95 -5.06 -34.76
CA ASP C 461 25.20 -5.68 -33.68
C ASP C 461 23.70 -5.48 -33.89
N GLU C 462 22.91 -6.36 -33.29
CA GLU C 462 21.46 -6.32 -33.49
C GLU C 462 20.86 -5.05 -32.92
N CYS C 463 21.20 -4.70 -31.67
CA CYS C 463 20.67 -3.50 -31.06
C CYS C 463 21.20 -2.25 -31.75
N GLY C 464 22.50 -2.21 -32.03
CA GLY C 464 23.09 -1.09 -32.74
C GLY C 464 23.93 -1.56 -33.91
N ASP C 465 23.54 -1.17 -35.12
CA ASP C 465 24.22 -1.64 -36.32
C ASP C 465 25.60 -1.01 -36.45
N LEU C 466 25.62 0.31 -36.67
CA LEU C 466 26.90 1.09 -36.80
C LEU C 466 26.72 2.38 -36.01
N VAL C 467 27.36 2.52 -34.84
CA VAL C 467 27.19 3.69 -33.99
C VAL C 467 28.53 4.37 -33.84
N GLY C 468 28.58 5.66 -34.18
CA GLY C 468 29.77 6.46 -33.98
C GLY C 468 29.69 7.32 -32.74
N ASN C 469 30.72 8.15 -32.56
CA ASN C 469 30.78 9.07 -31.43
C ASN C 469 29.73 10.15 -31.57
N TYR C 470 28.85 10.27 -30.59
CA TYR C 470 27.81 11.30 -30.64
C TYR C 470 28.42 12.66 -30.31
N SER C 471 28.30 13.60 -31.25
CA SER C 471 28.84 14.95 -31.05
C SER C 471 27.78 15.75 -30.29
N ILE C 472 27.94 15.82 -28.98
CA ILE C 472 27.06 16.66 -28.17
C ILE C 472 27.55 18.10 -28.33
N ILE C 473 26.93 18.82 -29.26
CA ILE C 473 27.34 20.15 -29.67
C ILE C 473 26.75 21.18 -28.72
N ASN C 474 27.56 22.18 -28.36
CA ASN C 474 27.08 23.33 -27.61
C ASN C 474 27.10 24.58 -28.49
N TRP C 475 26.12 25.45 -28.29
CA TRP C 475 25.94 26.63 -29.12
C TRP C 475 26.41 27.88 -28.38
N HIS C 476 27.20 28.71 -29.05
CA HIS C 476 27.62 29.99 -28.49
C HIS C 476 27.26 31.13 -29.44
N LEU C 477 26.69 32.19 -28.87
CA LEU C 477 26.46 33.40 -29.64
C LEU C 477 27.79 34.04 -30.02
N SER C 478 27.88 34.52 -31.26
CA SER C 478 29.09 35.15 -31.77
C SER C 478 28.79 36.61 -32.10
N PRO C 479 29.10 37.54 -31.20
CA PRO C 479 28.85 38.96 -31.50
C PRO C 479 29.60 39.46 -32.72
N GLU C 480 30.81 38.95 -32.96
CA GLU C 480 31.57 39.36 -34.14
C GLU C 480 30.99 38.82 -35.43
N ASP C 481 30.19 37.75 -35.35
CA ASP C 481 29.58 37.15 -36.54
C ASP C 481 28.07 37.23 -36.55
N GLY C 482 27.43 37.48 -35.41
CA GLY C 482 25.98 37.50 -35.36
C GLY C 482 25.34 36.16 -35.68
N SER C 483 25.94 35.08 -35.20
CA SER C 483 25.47 33.74 -35.49
C SER C 483 25.80 32.84 -34.30
N ILE C 484 25.74 31.52 -34.54
CA ILE C 484 26.00 30.53 -33.51
C ILE C 484 27.19 29.68 -33.94
N VAL C 485 28.15 29.53 -33.04
CA VAL C 485 29.30 28.65 -33.24
C VAL C 485 29.09 27.39 -32.42
N PHE C 486 29.50 26.26 -32.99
CA PHE C 486 29.29 24.93 -32.41
C PHE C 486 30.56 24.46 -31.71
N LYS C 487 30.37 23.74 -30.59
CA LYS C 487 31.52 23.21 -29.81
C LYS C 487 31.36 21.69 -29.62
N GLU C 488 32.30 20.91 -30.16
CA GLU C 488 32.29 19.45 -30.06
C GLU C 488 32.62 18.98 -28.65
N VAL C 489 32.47 19.87 -27.66
CA VAL C 489 32.86 19.55 -26.25
C VAL C 489 32.19 18.25 -25.78
N GLY C 490 31.05 17.88 -26.37
CA GLY C 490 30.40 16.62 -25.99
C GLY C 490 30.95 15.49 -26.82
N TYR C 491 31.78 14.64 -26.21
CA TYR C 491 32.40 13.51 -26.91
C TYR C 491 32.03 12.25 -26.13
N TYR C 492 30.91 11.63 -26.51
CA TYR C 492 30.39 10.51 -25.72
C TYR C 492 29.50 9.64 -26.60
N ASN C 493 29.31 8.41 -26.13
CA ASN C 493 28.36 7.47 -26.72
C ASN C 493 27.88 6.52 -25.64
N VAL C 494 26.70 5.95 -25.85
CA VAL C 494 26.12 5.03 -24.87
C VAL C 494 26.55 3.59 -25.09
N TYR C 495 27.06 3.25 -26.27
CA TYR C 495 27.43 1.87 -26.56
C TYR C 495 28.68 1.50 -25.78
N ALA C 496 28.92 0.20 -25.67
CA ALA C 496 30.01 -0.33 -24.86
C ALA C 496 31.36 -0.27 -25.54
N LYS C 497 31.50 0.44 -26.65
CA LYS C 497 32.80 0.53 -27.30
C LYS C 497 33.79 1.38 -26.52
N LYS C 498 33.31 2.40 -25.80
CA LYS C 498 34.15 3.23 -24.96
C LYS C 498 33.85 3.09 -23.47
N GLY C 499 32.71 2.54 -23.11
CA GLY C 499 32.34 2.37 -21.71
C GLY C 499 30.94 2.88 -21.43
N GLU C 500 30.47 2.56 -20.23
CA GLU C 500 29.14 2.95 -19.77
C GLU C 500 29.18 4.23 -18.93
N ARG C 501 30.35 4.82 -18.73
CA ARG C 501 30.52 5.93 -17.81
C ARG C 501 30.74 7.24 -18.56
N LEU C 502 31.01 8.29 -17.79
CA LEU C 502 31.06 9.65 -18.31
C LEU C 502 32.28 9.88 -19.21
N PHE C 503 32.05 10.66 -20.28
CA PHE C 503 33.14 11.14 -21.13
C PHE C 503 32.90 12.58 -21.58
N ILE C 504 32.15 13.37 -20.81
CA ILE C 504 31.70 14.70 -21.22
C ILE C 504 32.55 15.76 -20.53
N ASN C 505 32.86 16.81 -21.28
CA ASN C 505 33.52 18.00 -20.75
C ASN C 505 32.44 19.00 -20.34
N GLU C 506 32.50 19.48 -19.10
CA GLU C 506 31.46 20.33 -18.56
C GLU C 506 31.87 21.79 -18.39
N GLU C 507 33.15 22.06 -18.21
CA GLU C 507 33.62 23.38 -17.79
C GLU C 507 34.02 24.24 -19.00
N LYS C 508 34.65 25.38 -18.70
CA LYS C 508 35.24 26.32 -19.67
C LYS C 508 34.26 26.77 -20.75
N ILE C 509 32.96 26.78 -20.46
CA ILE C 509 31.97 27.32 -21.38
C ILE C 509 31.03 28.23 -20.62
N LEU C 510 30.44 29.20 -21.32
CA LEU C 510 29.58 30.17 -20.69
C LEU C 510 28.51 30.63 -21.68
N TRP C 511 27.39 31.10 -21.14
CA TRP C 511 26.26 31.62 -21.92
C TRP C 511 25.64 32.73 -21.08
N SER C 512 26.04 33.98 -21.36
CA SER C 512 25.65 35.14 -20.54
C SER C 512 25.98 34.89 -19.07
N GLY C 513 27.14 34.29 -18.83
CA GLY C 513 27.52 33.88 -17.49
C GLY C 513 27.45 32.37 -17.32
N PHE C 514 27.81 31.93 -16.12
CA PHE C 514 27.78 30.50 -15.77
C PHE C 514 26.45 30.22 -15.09
N SER C 515 25.47 29.82 -15.90
CA SER C 515 24.10 29.67 -15.43
C SER C 515 23.45 28.32 -15.72
N ARG C 516 24.11 27.44 -16.48
CA ARG C 516 23.50 26.16 -16.81
C ARG C 516 23.48 25.19 -15.65
N GLU C 517 24.17 25.51 -14.54
CA GLU C 517 24.07 24.67 -13.35
C GLU C 517 22.66 24.71 -12.78
N VAL C 518 21.94 25.80 -13.01
CA VAL C 518 20.56 25.98 -12.55
C VAL C 518 20.48 25.69 -11.06
N PRO C 519 20.98 26.57 -10.20
CA PRO C 519 21.08 26.24 -8.77
C PRO C 519 19.76 25.88 -8.12
N PHE C 520 18.65 26.42 -8.63
CA PHE C 520 17.32 26.14 -8.08
C PHE C 520 16.54 25.17 -8.96
N SER C 521 17.25 24.24 -9.61
CA SER C 521 16.55 23.21 -10.37
C SER C 521 15.87 22.20 -9.45
N ASN C 522 16.41 22.02 -8.25
CA ASN C 522 15.73 21.21 -7.25
C ASN C 522 14.55 22.00 -6.67
N CYS C 523 13.38 21.36 -6.60
CA CYS C 523 12.19 22.06 -6.13
C CYS C 523 12.28 22.40 -4.66
N SER C 524 12.95 21.56 -3.87
CA SER C 524 13.04 21.75 -2.43
C SER C 524 14.48 22.05 -2.03
N ARG C 525 14.62 22.86 -0.98
CA ARG C 525 15.93 23.30 -0.49
C ARG C 525 16.38 22.42 0.68
N ASP C 526 17.67 22.54 0.99
CA ASP C 526 18.27 21.83 2.12
C ASP C 526 17.93 22.58 3.41
N CYS C 527 16.93 22.09 4.13
CA CYS C 527 16.47 22.77 5.34
C CYS C 527 17.43 22.50 6.50
N LEU C 528 17.17 23.17 7.61
CA LEU C 528 18.05 23.13 8.78
C LEU C 528 17.97 21.76 9.45
N ALA C 529 19.02 21.45 10.22
CA ALA C 529 19.20 20.11 10.78
C ALA C 529 18.06 19.74 11.73
N GLY C 530 17.72 18.45 11.73
CA GLY C 530 16.74 17.91 12.66
C GLY C 530 15.32 18.01 12.17
N THR C 531 15.04 17.48 10.97
CA THR C 531 13.80 17.84 10.29
C THR C 531 13.38 16.73 9.34
N ARG C 532 12.05 16.62 9.15
CA ARG C 532 11.49 15.66 8.16
C ARG C 532 11.13 16.42 6.88
N LYS C 533 11.58 15.96 5.72
CA LYS C 533 11.35 16.53 4.38
C LYS C 533 9.94 15.99 4.12
N GLY C 534 8.94 16.31 4.97
CA GLY C 534 7.59 15.79 4.88
C GLY C 534 7.11 15.72 3.44
N ILE C 535 6.41 14.63 3.12
CA ILE C 535 6.01 14.27 1.77
C ILE C 535 4.50 14.40 1.64
N ILE C 536 4.05 14.96 0.53
CA ILE C 536 2.63 14.94 0.18
C ILE C 536 2.28 13.56 -0.33
N GLU C 537 1.22 12.97 0.22
CA GLU C 537 0.82 11.63 -0.18
C GLU C 537 0.38 11.62 -1.64
N GLY C 538 0.82 10.60 -2.36
CA GLY C 538 0.50 10.49 -3.77
C GLY C 538 1.17 11.53 -4.65
N GLU C 539 2.30 12.07 -4.21
CA GLU C 539 3.04 13.09 -4.93
C GLU C 539 4.50 12.69 -5.01
N PRO C 540 5.18 12.98 -6.13
CA PRO C 540 6.56 12.50 -6.31
C PRO C 540 7.49 12.98 -5.21
N THR C 541 8.48 12.15 -4.90
CA THR C 541 9.38 12.40 -3.78
C THR C 541 10.26 13.63 -4.00
N CYS C 542 10.28 14.17 -5.22
CA CYS C 542 11.11 15.35 -5.50
C CYS C 542 10.68 16.55 -4.66
N CYS C 543 9.37 16.75 -4.50
CA CYS C 543 8.83 17.90 -3.79
C CYS C 543 8.58 17.52 -2.34
N PHE C 544 9.41 18.03 -1.44
CA PHE C 544 9.28 17.81 -0.01
C PHE C 544 9.36 19.13 0.75
N GLU C 545 8.55 19.25 1.80
CA GLU C 545 8.53 20.45 2.64
C GLU C 545 8.92 20.08 4.06
N CYS C 546 9.77 20.88 4.69
CA CYS C 546 10.43 20.46 5.91
C CYS C 546 9.65 20.88 7.16
N VAL C 547 9.48 19.91 8.06
CA VAL C 547 8.73 20.07 9.30
C VAL C 547 9.55 19.56 10.50
N GLU C 548 9.32 20.21 11.64
CA GLU C 548 10.23 20.19 12.78
C GLU C 548 10.07 18.91 13.61
N CYS C 549 11.21 18.32 14.00
CA CYS C 549 11.23 17.06 14.73
C CYS C 549 10.60 17.21 16.12
N PRO C 550 10.10 16.12 16.72
CA PRO C 550 9.49 16.23 18.05
C PRO C 550 10.48 16.71 19.11
N ASP C 551 9.94 17.20 20.23
CA ASP C 551 10.77 17.83 21.25
C ASP C 551 11.77 16.85 21.86
N GLY C 552 12.97 17.35 22.13
CA GLY C 552 14.02 16.54 22.70
C GLY C 552 14.75 15.65 21.72
N GLU C 553 14.52 15.83 20.42
CA GLU C 553 15.11 14.98 19.39
C GLU C 553 15.65 15.85 18.27
N TYR C 554 16.90 15.59 17.87
CA TYR C 554 17.59 16.48 16.93
C TYR C 554 18.72 15.71 16.26
N SER C 555 18.79 15.78 14.93
CA SER C 555 19.82 15.09 14.15
C SER C 555 20.91 16.09 13.76
N ASP C 556 22.14 15.62 13.66
CA ASP C 556 23.30 16.53 13.45
C ASP C 556 23.32 17.18 12.06
N GLU C 557 23.32 16.38 10.99
CA GLU C 557 23.46 16.95 9.66
C GLU C 557 22.10 17.25 9.03
N THR C 558 22.11 18.14 8.04
CA THR C 558 20.87 18.59 7.43
C THR C 558 20.28 17.49 6.54
N ASP C 559 18.97 17.60 6.29
CA ASP C 559 18.25 16.67 5.43
C ASP C 559 18.42 15.23 5.90
N ALA C 560 18.08 14.99 7.17
CA ALA C 560 18.20 13.68 7.78
C ALA C 560 16.80 13.09 7.97
N SER C 561 16.47 12.06 7.19
CA SER C 561 15.19 11.39 7.35
C SER C 561 15.11 10.66 8.69
N ALA C 562 16.20 10.01 9.09
CA ALA C 562 16.25 9.29 10.36
C ALA C 562 16.61 10.27 11.47
N CYS C 563 15.62 11.07 11.86
CA CYS C 563 15.80 12.01 12.96
C CYS C 563 16.08 11.24 14.24
N ASN C 564 17.18 11.60 14.92
CA ASN C 564 17.68 10.83 16.05
C ASN C 564 17.76 11.67 17.31
N LYS C 565 17.88 10.97 18.44
CA LYS C 565 17.94 11.64 19.74
C LYS C 565 19.23 12.45 19.87
N CYS C 566 19.12 13.56 20.59
CA CYS C 566 20.25 14.46 20.82
C CYS C 566 20.68 14.40 22.28
N PRO C 567 21.96 14.63 22.56
CA PRO C 567 22.41 14.63 23.96
C PRO C 567 21.77 15.76 24.75
N ASP C 568 21.55 15.49 26.04
CA ASP C 568 20.88 16.44 26.92
C ASP C 568 21.90 17.35 27.61
N ASP C 569 22.54 18.20 26.80
CA ASP C 569 23.52 19.15 27.29
C ASP C 569 23.37 20.55 26.72
N PHE C 570 22.42 20.80 25.83
CA PHE C 570 22.24 22.10 25.20
C PHE C 570 20.77 22.49 25.21
N TRP C 571 20.53 23.79 25.09
CA TRP C 571 19.18 24.35 25.12
C TRP C 571 18.52 24.16 23.75
N SER C 572 17.41 24.87 23.54
CA SER C 572 16.63 24.72 22.31
C SER C 572 17.47 24.98 21.06
N ASN C 573 18.46 25.87 21.18
CA ASN C 573 19.48 26.18 20.16
C ASN C 573 18.93 26.08 18.74
N GLU C 574 17.90 26.89 18.49
CA GLU C 574 17.21 27.03 17.21
C GLU C 574 16.86 25.69 16.57
N ASN C 575 16.70 24.65 17.39
CA ASN C 575 16.28 23.35 16.91
C ASN C 575 15.22 22.71 17.81
N HIS C 576 14.78 23.39 18.85
CA HIS C 576 13.75 22.91 19.78
C HIS C 576 14.17 21.58 20.41
N THR C 577 15.27 21.63 21.14
CA THR C 577 15.82 20.47 21.84
C THR C 577 15.49 20.58 23.33
N SER C 578 16.01 19.62 24.11
CA SER C 578 15.79 19.56 25.54
C SER C 578 17.12 19.32 26.25
N CYS C 579 17.20 19.79 27.49
CA CYS C 579 18.40 19.64 28.30
C CYS C 579 18.02 19.22 29.71
N ILE C 580 18.91 18.45 30.33
CA ILE C 580 18.73 18.01 31.72
C ILE C 580 19.83 18.48 32.64
N ALA C 581 20.94 19.00 32.12
CA ALA C 581 22.07 19.46 32.92
C ALA C 581 21.99 20.97 33.05
N LYS C 582 21.55 21.45 34.22
CA LYS C 582 21.46 22.88 34.49
C LYS C 582 21.94 23.13 35.91
N GLU C 583 21.74 24.36 36.40
CA GLU C 583 22.14 24.69 37.75
C GLU C 583 21.26 23.95 38.77
N ILE C 584 21.88 23.56 39.88
CA ILE C 584 21.21 22.81 40.93
C ILE C 584 21.18 23.67 42.18
N GLU C 585 20.00 23.82 42.78
CA GLU C 585 19.82 24.64 43.97
C GLU C 585 20.23 23.83 45.20
N PHE C 586 21.28 24.29 45.88
CA PHE C 586 21.74 23.67 47.11
C PHE C 586 21.32 24.47 48.34
N LEU C 587 20.30 25.32 48.21
CA LEU C 587 19.78 26.18 49.28
C LEU C 587 20.83 27.15 49.81
N SER C 588 21.95 27.30 49.11
CA SER C 588 23.02 28.21 49.51
C SER C 588 23.93 28.44 48.33
N TRP C 589 24.15 29.72 47.99
CA TRP C 589 24.94 30.07 46.83
C TRP C 589 25.48 31.49 47.02
N THR C 590 26.37 31.89 46.11
CA THR C 590 26.92 33.24 46.16
C THR C 590 25.89 34.30 45.82
N GLU C 591 24.74 33.90 45.29
CA GLU C 591 23.67 34.84 44.99
C GLU C 591 23.10 35.42 46.29
N PRO C 592 22.44 36.59 46.21
CA PRO C 592 22.14 37.34 47.45
C PRO C 592 21.27 36.61 48.46
N PHE C 593 20.46 35.63 48.05
CA PHE C 593 19.68 34.88 49.03
C PHE C 593 20.59 34.14 50.00
N GLY C 594 21.65 33.52 49.47
CA GLY C 594 22.63 32.87 50.33
C GLY C 594 23.30 33.85 51.28
N ILE C 595 23.63 35.04 50.78
CA ILE C 595 24.25 36.06 51.63
C ILE C 595 23.30 36.45 52.76
N ALA C 596 22.02 36.65 52.43
CA ALA C 596 21.05 37.05 53.44
C ALA C 596 20.87 35.97 54.50
N LEU C 597 20.76 34.72 54.08
CA LEU C 597 20.58 33.64 55.05
C LEU C 597 21.83 33.46 55.91
N THR C 598 23.02 33.62 55.32
CA THR C 598 24.24 33.54 56.11
C THR C 598 24.32 34.68 57.11
N LEU C 599 23.89 35.88 56.73
CA LEU C 599 23.87 37.00 57.67
C LEU C 599 22.90 36.72 58.82
N PHE C 600 21.72 36.17 58.51
CA PHE C 600 20.80 35.81 59.57
C PHE C 600 21.41 34.78 60.51
N ALA C 601 22.08 33.77 59.94
CA ALA C 601 22.70 32.72 60.75
C ALA C 601 23.79 33.30 61.65
N VAL C 602 24.64 34.17 61.11
CA VAL C 602 25.75 34.70 61.90
C VAL C 602 25.24 35.65 62.98
N LEU C 603 24.21 36.44 62.69
CA LEU C 603 23.65 37.30 63.75
C LEU C 603 23.00 36.47 64.84
N GLY C 604 22.33 35.37 64.46
CA GLY C 604 21.79 34.48 65.46
C GLY C 604 22.87 33.86 66.34
N ILE C 605 23.98 33.45 65.70
CA ILE C 605 25.09 32.87 66.46
C ILE C 605 25.69 33.92 67.39
N PHE C 606 25.84 35.16 66.92
CA PHE C 606 26.40 36.21 67.75
C PHE C 606 25.52 36.50 68.96
N LEU C 607 24.20 36.56 68.75
CA LEU C 607 23.31 36.80 69.89
C LEU C 607 23.26 35.60 70.85
N THR C 608 23.41 34.37 70.33
CA THR C 608 23.54 33.23 71.23
C THR C 608 24.81 33.30 72.05
N ALA C 609 25.91 33.75 71.44
CA ALA C 609 27.14 33.94 72.20
C ALA C 609 26.97 35.01 73.28
N PHE C 610 26.28 36.10 72.93
CA PHE C 610 26.05 37.16 73.90
C PHE C 610 25.17 36.69 75.06
N VAL C 611 24.12 35.93 74.76
CA VAL C 611 23.26 35.44 75.84
C VAL C 611 23.99 34.39 76.67
N LEU C 612 24.89 33.61 76.05
CA LEU C 612 25.74 32.71 76.83
C LEU C 612 26.63 33.49 77.79
N GLY C 613 27.20 34.61 77.31
CA GLY C 613 28.02 35.44 78.18
C GLY C 613 27.24 36.02 79.33
N VAL C 614 26.04 36.54 79.06
CA VAL C 614 25.24 37.10 80.15
C VAL C 614 24.79 35.99 81.10
N PHE C 615 24.53 34.79 80.59
CA PHE C 615 24.16 33.67 81.45
C PHE C 615 25.31 33.28 82.37
N ILE C 616 26.53 33.23 81.83
CA ILE C 616 27.68 32.89 82.68
C ILE C 616 27.94 34.01 83.68
N LYS C 617 27.59 35.24 83.33
CA LYS C 617 27.63 36.32 84.31
C LYS C 617 26.60 36.08 85.42
N PHE C 618 25.39 35.65 85.05
CA PHE C 618 24.34 35.44 86.04
C PHE C 618 24.69 34.31 86.99
N ARG C 619 25.21 33.20 86.46
CA ARG C 619 25.40 31.98 87.23
C ARG C 619 26.62 32.04 88.15
N ASN C 620 27.54 32.99 87.94
CA ASN C 620 28.69 33.09 88.83
C ASN C 620 28.29 33.47 90.25
N THR C 621 27.16 34.15 90.40
CA THR C 621 26.71 34.57 91.72
C THR C 621 26.25 33.36 92.54
N PRO C 622 26.32 33.45 93.87
CA PRO C 622 25.93 32.30 94.72
C PRO C 622 24.44 32.05 94.79
N ILE C 623 23.63 32.80 94.04
CA ILE C 623 22.19 32.52 93.95
C ILE C 623 21.96 31.18 93.25
N VAL C 624 22.98 30.64 92.59
CA VAL C 624 22.87 29.31 91.99
C VAL C 624 22.51 28.30 93.06
N LYS C 625 21.65 27.34 92.69
CA LYS C 625 21.12 26.29 93.56
C LYS C 625 20.12 26.84 94.58
N ALA C 626 19.95 28.16 94.62
CA ALA C 626 18.75 28.73 95.23
C ALA C 626 17.63 28.87 94.22
N THR C 627 17.96 28.98 92.93
CA THR C 627 17.04 28.84 91.82
C THR C 627 17.47 27.64 90.98
N ASN C 628 16.85 27.47 89.83
CA ASN C 628 17.13 26.32 88.96
C ASN C 628 18.11 26.75 87.87
N ARG C 629 19.40 26.42 88.05
CA ARG C 629 20.38 26.67 86.99
C ARG C 629 20.14 25.76 85.80
N GLU C 630 19.58 24.57 86.03
CA GLU C 630 19.31 23.64 84.94
C GLU C 630 18.33 24.23 83.94
N LEU C 631 17.42 25.08 84.41
CA LEU C 631 16.44 25.69 83.51
C LEU C 631 17.13 26.52 82.43
N SER C 632 17.99 27.45 82.85
CA SER C 632 18.70 28.28 81.88
C SER C 632 19.74 27.48 81.09
N TYR C 633 20.39 26.51 81.73
CA TYR C 633 21.36 25.68 81.02
C TYR C 633 20.69 24.93 79.88
N LEU C 634 19.52 24.35 80.13
CA LEU C 634 18.79 23.65 79.08
C LEU C 634 18.14 24.61 78.09
N LEU C 635 17.80 25.83 78.51
CA LEU C 635 17.38 26.83 77.53
C LEU C 635 18.50 27.12 76.53
N LEU C 636 19.74 27.26 77.03
CA LEU C 636 20.86 27.50 76.14
C LEU C 636 21.10 26.29 75.23
N PHE C 637 21.04 25.07 75.78
CA PHE C 637 21.16 23.88 74.94
C PHE C 637 20.06 23.81 73.90
N SER C 638 18.84 24.21 74.27
CA SER C 638 17.71 24.17 73.34
C SER C 638 17.91 25.16 72.21
N LEU C 639 18.29 26.39 72.53
CA LEU C 639 18.53 27.35 71.45
C LEU C 639 19.68 26.90 70.56
N LEU C 640 20.73 26.33 71.15
CA LEU C 640 21.86 25.84 70.37
C LEU C 640 21.42 24.75 69.40
N CYS C 641 20.64 23.77 69.88
CA CYS C 641 20.28 22.65 69.01
C CYS C 641 19.24 23.04 67.97
N CYS C 642 18.27 23.89 68.35
CA CYS C 642 17.30 24.37 67.38
C CYS C 642 17.98 25.20 66.29
N PHE C 643 18.95 26.04 66.67
CA PHE C 643 19.70 26.79 65.68
C PHE C 643 20.61 25.89 64.85
N SER C 644 21.14 24.82 65.45
CA SER C 644 21.93 23.86 64.68
C SER C 644 21.07 23.16 63.65
N SER C 645 19.83 22.84 64.01
CA SER C 645 18.89 22.28 63.04
C SER C 645 18.60 23.29 61.93
N SER C 646 18.44 24.56 62.29
CA SER C 646 18.24 25.60 61.27
C SER C 646 19.45 25.68 60.33
N LEU C 647 20.65 25.58 60.87
CA LEU C 647 21.86 25.60 60.04
C LEU C 647 21.94 24.35 59.16
N PHE C 648 21.58 23.18 59.71
CA PHE C 648 21.54 21.96 58.92
C PHE C 648 20.46 22.01 57.85
N PHE C 649 19.47 22.87 58.02
CA PHE C 649 18.36 22.98 57.08
C PHE C 649 18.86 23.36 55.68
N ILE C 650 19.75 24.34 55.59
CA ILE C 650 20.37 24.71 54.33
C ILE C 650 21.50 23.74 54.02
N GLY C 651 22.06 23.85 52.83
CA GLY C 651 23.16 23.01 52.40
C GLY C 651 22.75 22.04 51.31
N GLU C 652 23.75 21.35 50.77
CA GLU C 652 23.50 20.42 49.68
C GLU C 652 22.67 19.25 50.19
N PRO C 653 21.51 18.97 49.59
CA PRO C 653 20.65 17.90 50.10
C PRO C 653 20.94 16.55 49.50
N GLN C 654 21.17 15.55 50.35
CA GLN C 654 21.31 14.17 49.93
C GLN C 654 20.62 13.29 50.96
N ASP C 655 20.82 11.98 50.84
CA ASP C 655 20.15 11.04 51.75
C ASP C 655 20.82 11.05 53.13
N TRP C 656 22.15 11.06 53.16
CA TRP C 656 22.87 11.07 54.43
C TRP C 656 22.59 12.34 55.21
N THR C 657 22.54 13.48 54.52
CA THR C 657 22.14 14.71 55.18
C THR C 657 20.74 14.60 55.77
N CYS C 658 19.85 13.88 55.10
CA CYS C 658 18.50 13.69 55.64
C CYS C 658 18.50 12.81 56.89
N ARG C 659 19.29 11.73 56.91
CA ARG C 659 19.41 10.94 58.13
C ARG C 659 19.98 11.77 59.27
N LEU C 660 20.96 12.62 58.98
CA LEU C 660 21.52 13.46 60.04
C LEU C 660 20.63 14.65 60.38
N ARG C 661 19.62 14.94 59.55
CA ARG C 661 18.81 16.14 59.72
C ARG C 661 17.47 15.87 60.39
N GLN C 662 16.70 14.89 59.90
CA GLN C 662 15.34 14.71 60.39
C GLN C 662 15.26 14.43 61.89
N PRO C 663 16.01 13.46 62.45
CA PRO C 663 15.99 13.31 63.91
C PRO C 663 16.47 14.56 64.63
N ALA C 664 17.43 15.29 64.06
CA ALA C 664 17.85 16.54 64.67
C ALA C 664 16.72 17.55 64.72
N PHE C 665 15.96 17.66 63.63
CA PHE C 665 14.80 18.56 63.61
C PHE C 665 13.79 18.16 64.68
N GLY C 666 13.49 16.86 64.75
CA GLY C 666 12.50 16.40 65.72
C GLY C 666 12.93 16.65 67.15
N ILE C 667 14.18 16.31 67.48
CA ILE C 667 14.64 16.48 68.85
C ILE C 667 14.74 17.96 69.20
N SER C 668 15.20 18.80 68.26
CA SER C 668 15.25 20.23 68.52
C SER C 668 13.85 20.77 68.83
N PHE C 669 12.88 20.45 67.98
CA PHE C 669 11.51 20.89 68.23
C PHE C 669 11.03 20.45 69.60
N VAL C 670 11.15 19.15 69.90
CA VAL C 670 10.53 18.63 71.10
C VAL C 670 11.21 19.16 72.35
N LEU C 671 12.54 19.31 72.34
CA LEU C 671 13.17 19.74 73.58
C LEU C 671 13.13 21.25 73.75
N CYS C 672 13.17 22.05 72.67
CA CYS C 672 12.90 23.47 72.79
C CYS C 672 11.50 23.71 73.36
N ILE C 673 10.50 23.00 72.81
CA ILE C 673 9.15 23.19 73.33
C ILE C 673 9.02 22.61 74.74
N SER C 674 9.80 21.58 75.08
CA SER C 674 9.76 21.04 76.43
C SER C 674 10.32 22.03 77.43
N CYS C 675 11.39 22.76 77.05
CA CYS C 675 11.88 23.84 77.88
C CYS C 675 10.81 24.91 78.06
N ILE C 676 10.12 25.27 76.97
CA ILE C 676 9.04 26.25 77.08
C ILE C 676 7.98 25.78 78.06
N LEU C 677 7.56 24.51 77.94
CA LEU C 677 6.51 23.97 78.80
C LEU C 677 6.96 23.89 80.26
N VAL C 678 8.19 23.46 80.51
CA VAL C 678 8.67 23.34 81.88
C VAL C 678 8.83 24.72 82.51
N LYS C 679 9.07 25.75 81.69
CA LYS C 679 9.08 27.10 82.24
C LYS C 679 7.67 27.59 82.52
N THR C 680 6.71 27.24 81.66
CA THR C 680 5.35 27.75 81.84
C THR C 680 4.63 27.10 83.01
N ASN C 681 4.78 25.78 83.20
CA ASN C 681 3.97 25.08 84.18
C ASN C 681 4.32 25.51 85.60
N ARG C 682 5.61 25.56 85.93
CA ARG C 682 6.04 25.91 87.28
C ARG C 682 7.36 26.66 87.21
N VAL C 683 7.35 27.91 87.67
CA VAL C 683 8.56 28.73 87.64
C VAL C 683 9.60 28.20 88.64
N LEU C 684 9.13 27.71 89.80
CA LEU C 684 10.02 27.27 90.86
C LEU C 684 10.19 25.75 90.84
N LEU C 685 10.90 25.23 91.82
CA LEU C 685 11.30 23.82 91.82
C LEU C 685 10.11 22.91 92.10
N VAL C 686 10.21 21.68 91.61
CA VAL C 686 9.16 20.69 91.77
C VAL C 686 9.39 19.93 93.08
N PHE C 687 8.34 19.27 93.56
CA PHE C 687 8.39 18.56 94.84
C PHE C 687 8.01 17.10 94.63
N GLU C 688 8.58 16.24 95.47
CA GLU C 688 8.34 14.80 95.41
C GLU C 688 8.78 14.18 96.73
N ALA C 689 8.48 12.90 96.90
CA ALA C 689 8.85 12.17 98.10
C ALA C 689 10.36 12.03 98.20
N LYS C 690 10.86 11.91 99.42
CA LYS C 690 12.29 11.82 99.71
C LYS C 690 12.60 10.39 100.15
N ILE C 691 13.03 9.57 99.21
CA ILE C 691 13.36 8.16 99.46
C ILE C 691 14.71 7.86 98.84
N PRO C 692 15.49 6.91 99.38
CA PRO C 692 16.76 6.55 98.77
C PRO C 692 16.57 5.53 97.65
N THR C 693 17.05 5.88 96.45
CA THR C 693 16.94 5.01 95.28
C THR C 693 18.26 4.99 94.51
N SER C 694 18.22 4.45 93.29
CA SER C 694 19.42 4.38 92.46
C SER C 694 19.96 5.77 92.13
N PHE C 695 19.08 6.71 91.83
CA PHE C 695 19.45 8.07 91.49
C PHE C 695 19.96 8.81 92.72
N HIS C 696 20.47 10.02 92.50
CA HIS C 696 20.94 10.86 93.59
C HIS C 696 19.75 11.66 94.16
N ARG C 697 20.01 12.40 95.24
CA ARG C 697 18.95 13.03 96.01
C ARG C 697 18.86 14.55 95.85
N LYS C 698 19.91 15.21 95.35
CA LYS C 698 19.94 16.67 95.44
C LYS C 698 19.03 17.31 94.40
N TRP C 699 18.73 16.58 93.32
CA TRP C 699 17.97 17.18 92.23
C TRP C 699 16.58 17.61 92.68
N TRP C 700 16.08 17.06 93.78
CA TRP C 700 14.82 17.50 94.39
C TRP C 700 13.65 17.37 93.42
N GLY C 701 13.69 16.32 92.59
CA GLY C 701 12.60 16.00 91.71
C GLY C 701 12.76 16.45 90.27
N LEU C 702 13.85 17.13 89.92
CA LEU C 702 14.05 17.52 88.53
C LEU C 702 14.16 16.31 87.61
N ASN C 703 14.54 15.15 88.15
CA ASN C 703 14.71 13.96 87.33
C ASN C 703 13.45 13.58 86.59
N LEU C 704 12.27 13.88 87.16
CA LEU C 704 11.03 13.56 86.45
C LEU C 704 10.85 14.42 85.22
N GLN C 705 11.18 15.71 85.31
CA GLN C 705 11.14 16.57 84.12
C GLN C 705 12.18 16.13 83.10
N PHE C 706 13.39 15.80 83.56
CA PHE C 706 14.40 15.28 82.64
C PHE C 706 13.88 14.04 81.92
N LEU C 707 13.25 13.11 82.65
CA LEU C 707 12.83 11.87 82.03
C LEU C 707 11.59 12.06 81.16
N LEU C 708 10.78 13.08 81.42
CA LEU C 708 9.67 13.39 80.51
C LEU C 708 10.21 13.87 79.16
N VAL C 709 11.10 14.86 79.20
CA VAL C 709 11.74 15.31 77.97
C VAL C 709 12.46 14.13 77.30
N PHE C 710 13.12 13.30 78.13
CA PHE C 710 13.86 12.16 77.61
C PHE C 710 12.94 11.16 76.92
N LEU C 711 11.79 10.86 77.52
CA LEU C 711 10.86 9.92 76.89
C LEU C 711 10.38 10.44 75.54
N CYS C 712 10.10 11.74 75.45
CA CYS C 712 9.81 12.32 74.14
C CYS C 712 10.97 12.08 73.18
N THR C 713 12.19 12.38 73.62
CA THR C 713 13.35 12.21 72.76
C THR C 713 13.49 10.76 72.31
N PHE C 714 13.39 9.81 73.24
CA PHE C 714 13.46 8.41 72.84
C PHE C 714 12.43 8.12 71.77
N MET C 715 11.13 8.21 72.10
CA MET C 715 10.13 7.77 71.12
C MET C 715 10.46 8.32 69.75
N GLN C 716 10.97 9.57 69.71
CA GLN C 716 11.40 10.14 68.43
C GLN C 716 12.53 9.34 67.79
N ILE C 717 13.64 9.10 68.52
CA ILE C 717 14.79 8.50 67.84
C ILE C 717 14.59 7.00 67.61
N VAL C 718 13.81 6.34 68.47
CA VAL C 718 13.52 4.93 68.20
C VAL C 718 12.60 4.77 66.99
N ILE C 719 11.60 5.66 66.82
CA ILE C 719 10.82 5.55 65.60
C ILE C 719 11.67 5.92 64.39
N CYS C 720 12.64 6.83 64.58
CA CYS C 720 13.60 7.13 63.53
C CYS C 720 14.34 5.88 63.10
N VAL C 721 14.91 5.14 64.06
CA VAL C 721 15.64 3.93 63.70
C VAL C 721 14.70 2.85 63.17
N ILE C 722 13.43 2.84 63.58
CA ILE C 722 12.47 1.89 63.02
C ILE C 722 12.29 2.13 61.52
N TRP C 723 12.16 3.40 61.12
CA TRP C 723 12.13 3.57 59.67
C TRP C 723 13.51 3.58 59.05
N LEU C 724 14.58 3.52 59.85
CA LEU C 724 15.92 3.39 59.29
C LEU C 724 16.22 1.95 58.89
N TYR C 725 16.15 1.02 59.83
CA TYR C 725 16.62 -0.34 59.54
C TYR C 725 15.65 -1.11 58.65
N THR C 726 14.36 -0.79 58.70
CA THR C 726 13.39 -1.49 57.86
C THR C 726 13.68 -1.24 56.38
N ALA C 727 13.83 0.02 56.00
CA ALA C 727 14.17 0.44 54.65
C ALA C 727 14.57 1.90 54.66
N PRO C 728 15.67 2.27 54.00
CA PRO C 728 16.11 3.67 54.01
C PRO C 728 15.03 4.58 53.46
N PRO C 729 14.80 5.73 54.10
CA PRO C 729 13.70 6.61 53.67
C PRO C 729 14.05 7.40 52.41
N SER C 730 13.93 6.76 51.25
CA SER C 730 14.18 7.40 49.97
C SER C 730 12.94 7.31 49.12
N SER C 731 12.47 8.45 48.63
CA SER C 731 11.31 8.51 47.75
C SER C 731 11.77 8.75 46.31
N TYR C 732 10.81 8.86 45.41
CA TYR C 732 11.13 9.06 44.00
C TYR C 732 11.72 10.44 43.77
N ARG C 733 12.72 10.52 42.89
CA ARG C 733 13.43 11.76 42.62
C ARG C 733 12.53 12.67 41.80
N ASN C 734 12.09 13.78 42.40
CA ASN C 734 11.16 14.71 41.77
C ASN C 734 11.72 16.12 41.83
N GLN C 735 11.32 16.93 40.85
CA GLN C 735 11.71 18.33 40.75
C GLN C 735 10.45 19.18 40.59
N GLU C 736 10.66 20.50 40.54
CA GLU C 736 9.55 21.41 40.28
C GLU C 736 8.94 21.16 38.91
N LEU C 737 9.79 20.95 37.90
CA LEU C 737 9.35 20.57 36.57
C LEU C 737 10.40 19.67 35.94
N GLU C 738 9.97 18.52 35.44
CA GLU C 738 10.90 17.52 34.91
C GLU C 738 11.53 17.94 33.59
N ASP C 739 11.05 19.03 32.97
CA ASP C 739 11.51 19.38 31.63
C ASP C 739 12.84 20.14 31.68
N GLU C 740 12.87 21.28 32.36
CA GLU C 740 14.07 22.12 32.41
C GLU C 740 14.68 22.26 33.79
N ILE C 741 13.96 21.95 34.85
CA ILE C 741 14.45 22.16 36.21
C ILE C 741 14.96 20.85 36.77
N ILE C 742 16.21 20.86 37.22
CA ILE C 742 16.84 19.69 37.84
C ILE C 742 17.34 20.14 39.22
N PHE C 743 16.50 19.97 40.23
CA PHE C 743 16.80 20.39 41.60
C PHE C 743 16.76 19.17 42.50
N ILE C 744 17.85 18.94 43.23
CA ILE C 744 17.88 17.83 44.18
C ILE C 744 17.16 18.25 45.45
N THR C 745 16.28 17.38 45.93
CA THR C 745 15.47 17.62 47.12
C THR C 745 15.77 16.57 48.18
N CYS C 746 14.98 16.60 49.25
CA CYS C 746 15.15 15.60 50.31
C CYS C 746 14.83 14.21 49.80
N HIS C 747 13.83 14.09 48.92
CA HIS C 747 13.36 12.82 48.35
C HIS C 747 13.30 11.71 49.41
N GLU C 748 12.59 12.02 50.50
CA GLU C 748 12.47 11.10 51.61
C GLU C 748 11.15 10.34 51.60
N GLY C 749 10.03 11.06 51.58
CA GLY C 749 8.73 10.43 51.55
C GLY C 749 7.71 11.28 52.28
N SER C 750 6.54 10.69 52.50
CA SER C 750 5.48 11.40 53.21
C SER C 750 5.83 11.64 54.66
N LEU C 751 6.57 10.71 55.28
CA LEU C 751 6.98 10.80 56.67
C LEU C 751 5.77 10.93 57.60
N MET C 752 4.96 9.86 57.59
CA MET C 752 3.73 9.86 58.38
C MET C 752 4.01 10.03 59.87
N ALA C 753 5.00 9.31 60.40
CA ALA C 753 5.33 9.43 61.81
C ALA C 753 5.92 10.79 62.14
N LEU C 754 6.63 11.40 61.18
CA LEU C 754 7.11 12.76 61.39
C LEU C 754 5.95 13.74 61.54
N GLY C 755 4.93 13.60 60.70
CA GLY C 755 3.74 14.43 60.86
C GLY C 755 3.03 14.15 62.17
N PHE C 756 2.99 12.89 62.59
CA PHE C 756 2.36 12.54 63.86
C PHE C 756 3.08 13.20 65.03
N LEU C 757 4.42 13.15 65.03
CA LEU C 757 5.16 13.76 66.13
C LEU C 757 5.09 15.28 66.08
N ILE C 758 5.03 15.87 64.88
CA ILE C 758 4.83 17.32 64.79
C ILE C 758 3.48 17.71 65.36
N GLY C 759 2.44 16.94 65.04
CA GLY C 759 1.13 17.20 65.63
C GLY C 759 1.13 17.03 67.15
N TYR C 760 1.84 16.03 67.64
CA TYR C 760 1.95 15.84 69.09
C TYR C 760 2.67 17.01 69.74
N THR C 761 3.71 17.53 69.09
CA THR C 761 4.40 18.71 69.60
C THR C 761 3.46 19.92 69.63
N CYS C 762 2.66 20.09 68.58
CA CYS C 762 1.69 21.18 68.56
C CYS C 762 0.67 21.03 69.67
N LEU C 763 0.20 19.80 69.91
CA LEU C 763 -0.72 19.56 71.02
C LEU C 763 -0.07 19.88 72.36
N LEU C 764 1.19 19.48 72.54
CA LEU C 764 1.92 19.83 73.75
C LEU C 764 2.01 21.34 73.93
N ALA C 765 2.13 22.07 72.82
CA ALA C 765 2.11 23.56 72.93
C ALA C 765 0.71 24.00 73.35
N ALA C 766 -0.32 23.30 72.87
CA ALA C 766 -1.69 23.64 73.29
C ALA C 766 -1.93 23.33 74.76
N ILE C 767 -1.14 22.43 75.36
CA ILE C 767 -1.27 22.16 76.79
C ILE C 767 -0.60 23.27 77.59
N CYS C 768 -0.98 23.36 78.87
CA CYS C 768 -0.47 24.35 79.82
C CYS C 768 -0.95 25.77 79.52
N PHE C 769 -1.99 25.91 78.69
CA PHE C 769 -2.67 27.20 78.59
C PHE C 769 -3.33 27.57 79.91
N PHE C 770 -3.96 26.60 80.57
CA PHE C 770 -4.68 26.89 81.81
C PHE C 770 -3.72 27.20 82.95
N PHE C 771 -2.53 26.61 82.94
CA PHE C 771 -1.52 27.01 83.92
C PHE C 771 -0.97 28.39 83.62
N ALA C 772 -0.85 28.75 82.34
CA ALA C 772 -0.56 30.13 82.00
C ALA C 772 -1.66 31.07 82.48
N PHE C 773 -2.90 30.59 82.57
CA PHE C 773 -3.98 31.41 83.10
C PHE C 773 -3.92 31.51 84.63
N LYS C 774 -3.60 30.39 85.29
CA LYS C 774 -3.37 30.46 86.74
C LYS C 774 -2.19 31.37 87.05
N SER C 775 -1.29 31.57 86.08
CA SER C 775 -0.32 32.65 86.12
C SER C 775 -0.80 34.07 85.80
N ARG C 776 -1.88 34.20 85.03
CA ARG C 776 -2.45 35.55 84.72
C ARG C 776 -3.14 36.12 85.96
N LYS C 777 -3.68 35.29 86.85
CA LYS C 777 -4.46 35.79 87.98
C LYS C 777 -3.47 36.37 89.00
N LEU C 778 -2.62 35.51 89.56
CA LEU C 778 -1.74 35.96 90.63
C LEU C 778 -0.61 36.82 90.06
N PRO C 779 -0.22 37.89 90.76
CA PRO C 779 0.97 38.65 90.36
C PRO C 779 2.24 37.90 90.75
N GLU C 780 3.03 37.53 89.75
CA GLU C 780 4.24 36.74 89.96
C GLU C 780 5.46 37.60 89.63
N ASN C 781 6.46 37.55 90.51
CA ASN C 781 7.78 38.16 90.30
C ASN C 781 7.71 39.49 89.57
N PHE C 782 6.78 40.36 89.98
CA PHE C 782 6.54 41.66 89.35
C PHE C 782 6.14 41.50 87.88
N ASN C 783 5.15 40.63 87.64
CA ASN C 783 4.38 40.59 86.39
C ASN C 783 5.28 40.33 85.17
N GLU C 784 5.84 39.12 85.13
CA GLU C 784 6.60 38.70 83.96
C GLU C 784 5.96 37.56 83.18
N ALA C 785 5.05 36.78 83.79
CA ALA C 785 4.51 35.60 83.11
C ALA C 785 3.42 35.96 82.12
N LYS C 786 2.79 37.13 82.28
CA LYS C 786 1.78 37.57 81.31
C LYS C 786 2.42 37.82 79.94
N PHE C 787 3.61 38.42 79.94
CA PHE C 787 4.34 38.61 78.69
C PHE C 787 4.66 37.27 78.05
N ILE C 788 5.10 36.31 78.86
CA ILE C 788 5.33 34.96 78.38
C ILE C 788 4.06 34.39 77.77
N THR C 789 2.92 34.64 78.42
CA THR C 789 1.66 34.06 77.96
C THR C 789 1.25 34.60 76.59
N PHE C 790 1.25 35.93 76.43
CA PHE C 790 0.79 36.49 75.15
C PHE C 790 1.83 36.20 74.05
N SER C 791 3.12 36.14 74.40
CA SER C 791 4.13 35.80 73.42
C SER C 791 3.99 34.36 72.98
N MET C 792 3.78 33.45 73.94
CA MET C 792 3.31 32.10 73.64
C MET C 792 2.21 32.12 72.58
N LEU C 793 1.11 32.80 72.90
CA LEU C 793 -0.03 32.85 71.98
C LEU C 793 0.39 33.29 70.59
N ILE C 794 0.94 34.50 70.47
CA ILE C 794 1.17 35.12 69.16
C ILE C 794 2.18 34.32 68.35
N PHE C 795 3.28 33.89 68.97
CA PHE C 795 4.32 33.20 68.22
C PHE C 795 3.90 31.78 67.86
N PHE C 796 3.21 31.07 68.76
CA PHE C 796 2.72 29.74 68.40
C PHE C 796 1.72 29.83 67.25
N ILE C 797 0.80 30.79 67.30
CA ILE C 797 -0.20 30.87 66.23
C ILE C 797 0.44 31.30 64.92
N VAL C 798 1.42 32.21 64.95
CA VAL C 798 2.05 32.62 63.70
C VAL C 798 2.87 31.48 63.11
N TRP C 799 3.54 30.69 63.95
CA TRP C 799 4.30 29.55 63.44
C TRP C 799 3.37 28.51 62.83
N ILE C 800 2.26 28.21 63.52
CA ILE C 800 1.33 27.21 63.01
C ILE C 800 0.57 27.71 61.80
N SER C 801 0.48 29.02 61.60
CA SER C 801 -0.16 29.57 60.42
C SER C 801 0.78 29.68 59.23
N PHE C 802 2.09 29.81 59.49
CA PHE C 802 3.05 29.89 58.39
C PHE C 802 3.68 28.55 58.02
N ILE C 803 3.57 27.53 58.87
CA ILE C 803 4.07 26.21 58.49
C ILE C 803 3.33 25.61 57.29
N PRO C 804 1.99 25.69 57.17
CA PRO C 804 1.37 25.07 55.98
C PRO C 804 1.61 25.87 54.72
N ALA C 805 1.84 27.18 54.83
CA ALA C 805 2.22 27.97 53.67
C ALA C 805 3.54 27.48 53.11
N TYR C 806 4.52 27.21 53.98
CA TYR C 806 5.77 26.60 53.53
C TYR C 806 5.51 25.21 52.96
N ALA C 807 4.65 24.43 53.60
CA ALA C 807 4.38 23.08 53.13
C ALA C 807 3.68 23.05 51.77
N SER C 808 3.03 24.15 51.37
CA SER C 808 2.26 24.19 50.14
C SER C 808 2.89 25.05 49.05
N THR C 809 3.47 26.20 49.40
CA THR C 809 3.98 27.11 48.40
C THR C 809 5.21 26.55 47.71
N TYR C 810 5.35 26.88 46.42
CA TYR C 810 6.50 26.46 45.63
C TYR C 810 7.81 27.03 46.15
N GLY C 811 7.74 28.11 46.95
CA GLY C 811 8.94 28.82 47.37
C GLY C 811 9.97 27.95 48.05
N LYS C 812 9.56 26.84 48.65
CA LYS C 812 10.50 25.93 49.31
C LYS C 812 11.62 25.49 48.37
N PHE C 813 11.34 25.45 47.07
CA PHE C 813 12.38 25.07 46.12
C PHE C 813 13.35 26.21 45.88
N VAL C 814 12.87 27.45 45.79
CA VAL C 814 13.74 28.57 45.47
C VAL C 814 14.41 29.10 46.74
N SER C 815 13.68 29.11 47.86
CA SER C 815 14.24 29.57 49.13
C SER C 815 13.38 29.03 50.26
N ALA C 816 13.99 28.27 51.17
CA ALA C 816 13.24 27.64 52.25
C ALA C 816 12.56 28.69 53.11
N VAL C 817 11.28 28.46 53.41
CA VAL C 817 10.52 29.32 54.30
C VAL C 817 10.52 28.77 55.74
N GLU C 818 10.71 27.47 55.91
CA GLU C 818 10.74 26.91 57.26
C GLU C 818 11.90 27.49 58.06
N VAL C 819 13.03 27.78 57.40
CA VAL C 819 14.19 28.31 58.11
C VAL C 819 13.88 29.67 58.71
N ILE C 820 13.28 30.57 57.92
CA ILE C 820 12.97 31.90 58.43
C ILE C 820 11.87 31.82 59.48
N ALA C 821 10.90 30.94 59.28
CA ALA C 821 9.84 30.77 60.27
C ALA C 821 10.41 30.33 61.62
N ILE C 822 11.28 29.30 61.61
CA ILE C 822 11.79 28.79 62.87
C ILE C 822 12.77 29.77 63.51
N LEU C 823 13.57 30.49 62.72
CA LEU C 823 14.46 31.46 63.33
C LEU C 823 13.68 32.62 63.95
N ALA C 824 12.63 33.09 63.28
CA ALA C 824 11.79 34.12 63.88
C ALA C 824 11.11 33.60 65.15
N ALA C 825 10.64 32.36 65.12
CA ALA C 825 10.02 31.77 66.30
C ALA C 825 10.99 31.69 67.46
N SER C 826 12.24 31.26 67.19
CA SER C 826 13.24 31.16 68.24
C SER C 826 13.61 32.54 68.79
N PHE C 827 13.74 33.54 67.93
CA PHE C 827 14.02 34.89 68.40
C PHE C 827 12.89 35.39 69.28
N GLY C 828 11.64 35.14 68.89
CA GLY C 828 10.53 35.51 69.74
C GLY C 828 10.53 34.78 71.07
N LEU C 829 10.85 33.48 71.04
CA LEU C 829 10.88 32.68 72.27
C LEU C 829 11.94 33.20 73.24
N LEU C 830 13.12 33.57 72.74
CA LEU C 830 14.12 34.15 73.61
C LEU C 830 13.71 35.55 74.10
N ALA C 831 13.07 36.35 73.24
CA ALA C 831 12.58 37.65 73.66
C ALA C 831 11.47 37.55 74.69
N CYS C 832 10.83 36.38 74.81
CA CYS C 832 9.78 36.20 75.81
C CYS C 832 10.30 36.49 77.22
N ILE C 833 11.39 35.82 77.63
CA ILE C 833 11.84 35.83 79.00
C ILE C 833 13.26 36.39 79.13
N PHE C 834 14.16 36.05 78.21
CA PHE C 834 15.56 36.44 78.39
C PHE C 834 15.72 37.94 78.51
N PHE C 835 15.06 38.70 77.62
CA PHE C 835 15.14 40.15 77.67
C PHE C 835 14.58 40.69 78.97
N ASN C 836 13.42 40.18 79.37
CA ASN C 836 12.74 40.69 80.57
C ASN C 836 13.58 40.45 81.82
N LYS C 837 14.10 39.25 81.99
CA LYS C 837 14.91 38.97 83.18
C LYS C 837 16.32 39.54 83.09
N ILE C 838 16.85 39.81 81.88
CA ILE C 838 18.07 40.58 81.79
C ILE C 838 17.84 41.99 82.30
N TYR C 839 16.71 42.60 81.93
CA TYR C 839 16.35 43.90 82.49
C TYR C 839 16.17 43.80 84.01
N ILE C 840 15.55 42.73 84.48
CA ILE C 840 15.30 42.57 85.92
C ILE C 840 16.61 42.51 86.68
N ILE C 841 17.56 41.70 86.19
CA ILE C 841 18.84 41.59 86.88
C ILE C 841 19.65 42.87 86.72
N LEU C 842 19.44 43.63 85.63
CA LEU C 842 19.99 44.98 85.56
C LEU C 842 19.39 45.88 86.63
N PHE C 843 18.16 45.61 87.04
CA PHE C 843 17.55 46.34 88.16
C PHE C 843 18.00 45.76 89.51
N LYS C 844 17.78 44.47 89.72
CA LYS C 844 18.14 43.81 90.97
C LYS C 844 19.06 42.63 90.68
N PRO C 845 20.36 42.74 90.95
CA PRO C 845 21.28 41.63 90.65
C PRO C 845 21.01 40.36 91.45
N SER C 846 20.30 40.46 92.58
CA SER C 846 20.13 39.30 93.45
C SER C 846 19.28 38.20 92.82
N ARG C 847 18.57 38.50 91.73
CA ARG C 847 17.74 37.53 91.02
C ARG C 847 16.66 36.91 91.91
N GLN D 1 1.54 -13.36 -16.97
CA GLN D 1 1.79 -12.44 -15.88
C GLN D 1 3.06 -12.82 -15.12
N VAL D 2 3.98 -13.49 -15.81
CA VAL D 2 5.23 -13.94 -15.21
C VAL D 2 6.29 -12.88 -15.50
N GLN D 3 6.75 -12.22 -14.43
CA GLN D 3 7.82 -11.24 -14.51
C GLN D 3 8.75 -11.42 -13.33
N LEU D 4 10.05 -11.36 -13.57
CA LEU D 4 11.06 -11.57 -12.54
C LEU D 4 12.21 -10.60 -12.73
N GLN D 5 12.92 -10.34 -11.64
CA GLN D 5 14.11 -9.49 -11.70
C GLN D 5 15.21 -10.16 -10.88
N GLU D 6 16.46 -9.80 -11.20
CA GLU D 6 17.63 -10.35 -10.54
C GLU D 6 18.47 -9.22 -9.96
N SER D 7 19.05 -9.45 -8.78
CA SER D 7 19.92 -8.47 -8.17
C SER D 7 21.01 -9.18 -7.38
N GLY D 8 22.23 -8.63 -7.43
CA GLY D 8 23.33 -9.18 -6.67
C GLY D 8 24.45 -9.76 -7.52
N GLY D 9 24.66 -9.20 -8.70
CA GLY D 9 25.72 -9.66 -9.58
C GLY D 9 27.04 -8.95 -9.32
N GLY D 10 27.94 -9.59 -8.58
CA GLY D 10 29.22 -9.00 -8.26
C GLY D 10 30.40 -9.91 -8.55
N SER D 11 31.55 -9.59 -7.97
CA SER D 11 32.78 -10.37 -8.17
C SER D 11 33.43 -10.64 -6.83
N VAL D 12 33.63 -11.92 -6.52
CA VAL D 12 34.31 -12.36 -5.30
C VAL D 12 35.26 -13.49 -5.67
N GLN D 13 36.21 -13.74 -4.78
CA GLN D 13 37.17 -14.82 -4.96
C GLN D 13 36.53 -16.15 -4.59
N ALA D 14 37.34 -17.21 -4.50
CA ALA D 14 36.80 -18.52 -4.15
C ALA D 14 36.20 -18.53 -2.75
N GLY D 15 36.88 -17.91 -1.79
CA GLY D 15 36.38 -17.87 -0.43
C GLY D 15 35.32 -16.85 -0.16
N GLY D 16 35.00 -15.99 -1.13
CA GLY D 16 34.01 -14.96 -0.91
C GLY D 16 32.59 -15.49 -1.00
N SER D 17 31.68 -14.76 -0.34
CA SER D 17 30.26 -15.07 -0.35
C SER D 17 29.53 -14.15 -1.31
N LEU D 18 28.38 -14.63 -1.82
CA LEU D 18 27.60 -13.85 -2.76
C LEU D 18 26.13 -13.93 -2.36
N ARG D 19 25.45 -12.78 -2.48
CA ARG D 19 24.03 -12.64 -2.19
C ARG D 19 23.28 -12.42 -3.50
N LEU D 20 22.22 -13.21 -3.71
CA LEU D 20 21.43 -13.14 -4.92
C LEU D 20 19.95 -13.03 -4.55
N SER D 21 19.25 -12.08 -5.14
CA SER D 21 17.85 -11.84 -4.82
C SER D 21 17.03 -11.82 -6.11
N CYS D 22 15.87 -12.48 -6.06
CA CYS D 22 14.93 -12.48 -7.17
C CYS D 22 13.58 -12.00 -6.67
N ALA D 23 13.01 -11.02 -7.37
CA ALA D 23 11.72 -10.44 -7.01
C ALA D 23 10.76 -10.61 -8.18
N ALA D 24 9.52 -10.98 -7.86
CA ALA D 24 8.48 -11.18 -8.85
C ALA D 24 7.58 -9.94 -8.92
N SER D 25 6.83 -9.84 -10.02
CA SER D 25 5.91 -8.74 -10.27
C SER D 25 4.52 -9.32 -10.52
N GLY D 26 3.70 -9.35 -9.47
CA GLY D 26 2.34 -9.85 -9.55
C GLY D 26 2.21 -11.35 -9.47
N PHE D 27 3.33 -12.07 -9.62
CA PHE D 27 3.29 -13.53 -9.57
C PHE D 27 3.45 -14.01 -8.14
N PRO D 28 2.45 -14.70 -7.56
CA PRO D 28 2.63 -15.31 -6.24
C PRO D 28 3.32 -16.65 -6.37
N ILE D 29 4.49 -16.78 -5.74
CA ILE D 29 5.24 -18.03 -5.81
C ILE D 29 4.61 -19.14 -4.97
N SER D 30 3.55 -18.82 -4.22
CA SER D 30 2.82 -19.87 -3.51
C SER D 30 2.14 -20.82 -4.49
N THR D 31 1.59 -20.28 -5.58
CA THR D 31 0.90 -21.12 -6.55
C THR D 31 1.86 -22.10 -7.21
N TYR D 32 3.06 -21.65 -7.59
CA TYR D 32 4.03 -22.51 -8.23
C TYR D 32 5.43 -22.00 -7.92
N ASP D 33 6.40 -22.91 -7.99
CA ASP D 33 7.77 -22.60 -7.64
C ASP D 33 8.45 -21.81 -8.75
N MET D 34 9.75 -21.55 -8.57
CA MET D 34 10.57 -20.89 -9.58
C MET D 34 11.97 -21.47 -9.51
N GLY D 35 12.48 -21.92 -10.66
CA GLY D 35 13.76 -22.60 -10.71
C GLY D 35 14.91 -21.67 -11.04
N TRP D 36 16.05 -21.94 -10.40
CA TRP D 36 17.28 -21.18 -10.60
C TRP D 36 18.34 -22.13 -11.15
N PHE D 37 18.96 -21.74 -12.27
CA PHE D 37 19.90 -22.60 -12.97
C PHE D 37 21.15 -21.83 -13.34
N ARG D 38 22.25 -22.56 -13.49
CA ARG D 38 23.56 -21.99 -13.77
C ARG D 38 24.03 -22.45 -15.14
N GLN D 39 24.43 -21.49 -15.98
CA GLN D 39 24.92 -21.77 -17.33
C GLN D 39 26.10 -20.85 -17.60
N ALA D 40 27.30 -21.43 -17.61
CA ALA D 40 28.47 -20.65 -18.00
C ALA D 40 28.35 -20.24 -19.46
N PRO D 41 28.78 -19.02 -19.81
CA PRO D 41 28.65 -18.59 -21.21
C PRO D 41 29.41 -19.50 -22.16
N GLY D 42 28.79 -19.77 -23.31
CA GLY D 42 29.37 -20.66 -24.29
C GLY D 42 29.05 -22.13 -24.09
N LYS D 43 28.30 -22.48 -23.05
CA LYS D 43 27.94 -23.87 -22.79
C LYS D 43 26.45 -23.97 -22.49
N GLU D 44 25.97 -25.22 -22.41
CA GLU D 44 24.55 -25.47 -22.21
C GLU D 44 24.13 -25.14 -20.77
N ARG D 45 22.82 -25.12 -20.57
CA ARG D 45 22.24 -24.72 -19.29
C ARG D 45 21.94 -25.92 -18.41
N GLU D 46 22.53 -25.93 -17.21
CA GLU D 46 22.38 -27.02 -16.26
C GLU D 46 21.80 -26.48 -14.96
N GLY D 47 20.91 -27.26 -14.35
CA GLY D 47 20.29 -26.85 -13.11
C GLY D 47 21.07 -27.27 -11.89
N VAL D 48 21.87 -26.35 -11.33
CA VAL D 48 22.65 -26.66 -10.14
C VAL D 48 21.74 -26.82 -8.93
N VAL D 49 20.70 -25.99 -8.83
CA VAL D 49 19.76 -26.02 -7.73
C VAL D 49 18.35 -25.99 -8.30
N GLY D 50 17.39 -26.32 -7.44
CA GLY D 50 16.00 -26.32 -7.84
C GLY D 50 15.05 -26.55 -6.68
N ILE D 51 13.95 -25.80 -6.64
CA ILE D 51 12.98 -25.88 -5.56
C ILE D 51 11.65 -26.38 -6.11
N THR D 52 11.04 -27.32 -5.40
CA THR D 52 9.72 -27.81 -5.74
C THR D 52 8.67 -26.81 -5.26
N ASP D 53 7.42 -27.02 -5.69
CA ASP D 53 6.33 -26.15 -5.27
C ASP D 53 6.22 -26.11 -3.75
N SER D 54 6.38 -27.25 -3.08
CA SER D 54 6.39 -27.29 -1.63
C SER D 54 7.72 -26.78 -1.10
N PHE D 55 7.84 -26.74 0.22
CA PHE D 55 9.08 -26.25 0.84
C PHE D 55 10.13 -27.34 0.88
N SER D 56 10.47 -27.89 -0.28
CA SER D 56 11.49 -28.91 -0.42
C SER D 56 12.49 -28.51 -1.49
N ILE D 57 13.72 -28.98 -1.35
CA ILE D 57 14.80 -28.62 -2.26
C ILE D 57 15.36 -29.88 -2.89
N LYS D 58 15.98 -29.70 -4.07
CA LYS D 58 16.65 -30.78 -4.78
C LYS D 58 17.99 -30.23 -5.28
N TYR D 59 19.08 -30.69 -4.67
CA TYR D 59 20.41 -30.17 -4.93
C TYR D 59 21.20 -31.14 -5.81
N GLU D 60 22.45 -30.76 -6.06
CA GLU D 60 23.42 -31.62 -6.74
C GLU D 60 24.73 -31.58 -5.96
N ASP D 61 25.62 -32.50 -6.29
CA ASP D 61 26.85 -32.68 -5.51
C ASP D 61 27.74 -31.43 -5.51
N SER D 62 27.54 -30.52 -6.46
CA SER D 62 28.33 -29.30 -6.54
C SER D 62 27.78 -28.16 -5.69
N VAL D 63 26.61 -28.33 -5.06
CA VAL D 63 26.00 -27.27 -4.28
C VAL D 63 25.67 -27.77 -2.88
N LYS D 64 26.39 -28.79 -2.42
CA LYS D 64 26.20 -29.35 -1.07
C LYS D 64 26.67 -28.34 -0.04
N GLY D 65 25.71 -27.66 0.60
CA GLY D 65 26.00 -26.72 1.66
C GLY D 65 26.53 -25.37 1.21
N ARG D 66 27.15 -25.29 0.04
CA ARG D 66 27.68 -24.02 -0.44
C ARG D 66 26.57 -23.08 -0.89
N PHE D 67 25.46 -23.63 -1.39
CA PHE D 67 24.34 -22.86 -1.90
C PHE D 67 23.14 -23.04 -0.97
N THR D 68 22.59 -21.93 -0.49
CA THR D 68 21.37 -21.96 0.33
C THR D 68 20.31 -21.12 -0.37
N ILE D 69 19.12 -21.71 -0.56
CA ILE D 69 18.02 -21.06 -1.24
C ILE D 69 16.83 -20.95 -0.28
N SER D 70 16.28 -19.75 -0.16
CA SER D 70 15.16 -19.47 0.72
C SER D 70 13.99 -18.92 -0.08
N ARG D 71 12.80 -19.43 0.22
CA ARG D 71 11.57 -19.05 -0.46
C ARG D 71 10.48 -18.84 0.58
N ASP D 72 9.67 -17.80 0.38
CA ASP D 72 8.52 -17.53 1.22
C ASP D 72 7.40 -16.94 0.38
N ASN D 73 6.16 -17.36 0.66
CA ASN D 73 5.03 -16.98 -0.17
C ASN D 73 4.63 -15.52 0.04
N ALA D 74 4.78 -15.00 1.26
CA ALA D 74 4.27 -13.66 1.56
C ALA D 74 5.01 -12.59 0.78
N LYS D 75 6.34 -12.70 0.68
CA LYS D 75 7.16 -11.67 0.05
C LYS D 75 7.42 -11.94 -1.43
N ASN D 76 6.93 -13.06 -1.96
CA ASN D 76 7.08 -13.47 -3.37
C ASN D 76 8.48 -13.16 -3.89
N ALA D 77 9.47 -13.66 -3.17
CA ALA D 77 10.87 -13.44 -3.52
C ALA D 77 11.68 -14.69 -3.20
N LEU D 78 12.83 -14.80 -3.88
CA LEU D 78 13.75 -15.91 -3.68
C LEU D 78 15.13 -15.38 -3.32
N TYR D 79 15.80 -16.07 -2.39
CA TYR D 79 17.11 -15.65 -1.92
C TYR D 79 18.11 -16.78 -2.09
N LEU D 80 19.31 -16.43 -2.54
CA LEU D 80 20.40 -17.39 -2.74
C LEU D 80 21.64 -16.85 -2.05
N GLN D 81 22.12 -17.58 -1.05
CA GLN D 81 23.36 -17.23 -0.35
C GLN D 81 24.41 -18.27 -0.69
N MET D 82 25.56 -17.82 -1.18
CA MET D 82 26.65 -18.69 -1.59
C MET D 82 27.89 -18.41 -0.76
N ASN D 83 28.47 -19.47 -0.20
CA ASN D 83 29.63 -19.36 0.68
C ASN D 83 30.69 -20.37 0.27
N SER D 84 31.94 -19.90 0.20
CA SER D 84 33.10 -20.75 -0.10
C SER D 84 32.90 -21.53 -1.40
N LEU D 85 32.64 -20.79 -2.47
CA LEU D 85 32.40 -21.41 -3.76
C LEU D 85 33.69 -21.82 -4.44
N LYS D 86 33.60 -22.85 -5.27
CA LYS D 86 34.73 -23.27 -6.09
C LYS D 86 35.03 -22.23 -7.17
N PRO D 87 36.30 -22.12 -7.58
CA PRO D 87 36.71 -20.92 -8.36
C PRO D 87 35.95 -20.73 -9.66
N GLU D 88 35.42 -21.79 -10.26
CA GLU D 88 34.76 -21.61 -11.58
C GLU D 88 33.25 -21.37 -11.39
N ASP D 89 32.84 -20.89 -10.21
CA ASP D 89 31.44 -20.56 -9.98
C ASP D 89 30.96 -19.45 -10.92
N THR D 90 31.87 -18.82 -11.65
CA THR D 90 31.49 -17.79 -12.62
C THR D 90 30.54 -18.38 -13.67
N GLY D 91 29.47 -17.66 -13.94
CA GLY D 91 28.51 -18.10 -14.94
C GLY D 91 27.28 -17.23 -14.92
N MET D 92 26.34 -17.58 -15.80
CA MET D 92 25.08 -16.87 -15.94
C MET D 92 24.02 -17.58 -15.09
N TYR D 93 23.31 -16.80 -14.28
CA TYR D 93 22.26 -17.33 -13.42
C TYR D 93 20.90 -16.98 -14.02
N TYR D 94 20.08 -18.01 -14.24
CA TYR D 94 18.84 -17.88 -14.99
C TYR D 94 17.66 -18.33 -14.13
N CYS D 95 16.59 -17.56 -14.17
CA CYS D 95 15.37 -17.84 -13.41
C CYS D 95 14.26 -18.24 -14.37
N ALA D 96 13.48 -19.24 -13.98
CA ALA D 96 12.44 -19.79 -14.84
C ALA D 96 11.19 -20.10 -14.04
N ALA D 97 10.03 -19.90 -14.68
CA ALA D 97 8.74 -20.24 -14.10
C ALA D 97 7.95 -21.03 -15.11
N GLY D 98 7.67 -22.30 -14.80
CA GLY D 98 7.00 -23.19 -15.73
C GLY D 98 6.80 -24.57 -15.17
N ASP D 99 5.62 -25.14 -15.40
CA ASP D 99 5.24 -26.41 -14.78
C ASP D 99 6.20 -27.52 -15.20
N ALA D 100 6.67 -28.29 -14.22
CA ALA D 100 7.68 -29.31 -14.47
C ALA D 100 7.58 -30.38 -13.39
N ARG D 101 8.49 -31.35 -13.45
CA ARG D 101 8.51 -32.49 -12.55
C ARG D 101 9.67 -32.39 -11.56
N TRP D 102 9.86 -33.45 -10.77
CA TRP D 102 10.91 -33.44 -9.75
C TRP D 102 12.29 -33.42 -10.40
N SER D 103 12.52 -34.28 -11.38
CA SER D 103 13.79 -34.31 -12.10
C SER D 103 13.77 -33.48 -13.37
N LEU D 104 12.58 -33.12 -13.87
CA LEU D 104 12.48 -32.29 -15.06
C LEU D 104 12.94 -30.87 -14.81
N LEU D 105 13.04 -30.47 -13.53
CA LEU D 105 13.63 -29.17 -13.21
C LEU D 105 15.15 -29.20 -13.17
N LEU D 106 15.75 -30.35 -12.89
CA LEU D 106 17.21 -30.46 -12.95
C LEU D 106 17.71 -30.25 -14.37
N ARG D 107 17.04 -30.85 -15.36
CA ARG D 107 17.41 -30.62 -16.75
C ARG D 107 17.02 -29.22 -17.21
N ALA D 108 15.86 -28.73 -16.77
CA ALA D 108 15.45 -27.34 -16.94
C ALA D 108 15.36 -26.92 -18.41
N GLU D 109 14.43 -27.55 -19.13
CA GLU D 109 14.05 -27.05 -20.45
C GLU D 109 12.54 -27.03 -20.67
N GLN D 110 11.73 -27.33 -19.65
CA GLN D 110 10.29 -27.35 -19.79
C GLN D 110 9.61 -26.05 -19.38
N TYR D 111 10.38 -25.06 -18.93
CA TYR D 111 9.78 -23.82 -18.43
C TYR D 111 9.36 -22.93 -19.59
N ASN D 112 8.14 -22.39 -19.50
CA ASN D 112 7.65 -21.49 -20.54
C ASN D 112 8.30 -20.11 -20.42
N TYR D 113 8.44 -19.61 -19.20
CA TYR D 113 9.00 -18.27 -19.00
C TYR D 113 10.51 -18.27 -19.26
N TRP D 114 10.99 -17.18 -19.86
CA TRP D 114 12.41 -16.98 -20.12
C TRP D 114 12.87 -15.71 -19.43
N GLY D 115 13.92 -15.84 -18.63
CA GLY D 115 14.45 -14.71 -17.86
C GLY D 115 15.47 -13.91 -18.63
N GLN D 116 15.89 -12.78 -18.06
CA GLN D 116 16.82 -11.87 -18.71
C GLN D 116 18.24 -12.44 -18.82
N GLY D 117 18.57 -13.44 -18.00
CA GLY D 117 19.89 -14.05 -18.07
C GLY D 117 21.02 -13.14 -17.66
N THR D 118 20.93 -12.56 -16.46
CA THR D 118 21.98 -11.70 -15.96
C THR D 118 23.29 -12.49 -15.81
N GLN D 119 24.38 -11.88 -16.26
CA GLN D 119 25.70 -12.52 -16.24
C GLN D 119 26.47 -12.07 -15.01
N VAL D 120 27.03 -13.03 -14.28
CA VAL D 120 27.80 -12.77 -13.07
C VAL D 120 29.20 -13.35 -13.25
N THR D 121 30.21 -12.49 -13.06
CA THR D 121 31.63 -12.91 -13.16
C THR D 121 32.31 -12.64 -11.81
N VAL D 122 32.87 -13.67 -11.17
CA VAL D 122 33.49 -13.56 -9.85
C VAL D 122 34.98 -13.92 -9.90
N SER D 123 35.33 -14.97 -10.63
CA SER D 123 36.70 -15.47 -10.73
C SER D 123 37.29 -15.75 -9.35
#